data_6XP1
#
_entry.id   6XP1
#
_cell.length_a   164.364
_cell.length_b   88.298
_cell.length_c   116.914
_cell.angle_alpha   90.000
_cell.angle_beta   90.000
_cell.angle_gamma   90.000
#
_symmetry.space_group_name_H-M   'P 21 21 2'
#
loop_
_entity.id
_entity.type
_entity.pdbx_description
1 polymer 'Pyrroline-5-carboxylate reductase 1, mitochondrial'
2 non-polymer '(2S)-1,3-thiazolidine-2-carboxylic acid'
3 non-polymer 'SULFATE ION'
4 water water
#
_entity_poly.entity_id   1
_entity_poly.type   'polypeptide(L)'
_entity_poly.pdbx_seq_one_letter_code
;MHHHHHHSSGVDLGTENLYFQSMSVGFIGAGQLAFALAKGFTAAGVLAAHKIMASSPDMDLATVSALRKMGVKLTPHNKE
TVQHSDVLFLAVKPHIIPFILDEIGADIEDRHIVVSCAAGVTISSIEKKLSAFRPAPRVIRCMTNTPVVVREGATVYATG
THAQVEDGRLMEQLLSSVGFCTEVEEDLIDAVTGLSGSGPAYAFTALDALADGGVKMGLPRRLAVRLGAQALLGAAKMLL
HSEQHPGQLKDNVSSPGGATIHALHVLESGGFRSLLINAVEASCIRTRELQSMADQEQVSPAAIKKTILDKVKLDSPAGT
AL
;
_entity_poly.pdbx_strand_id   A,B,C,D,E
#
# COMPACT_ATOMS: atom_id res chain seq x y z
N MET A 23 -29.10 -41.05 14.17
CA MET A 23 -27.69 -41.34 14.39
C MET A 23 -27.25 -40.95 15.80
N SER A 24 -26.09 -41.47 16.22
CA SER A 24 -25.55 -41.23 17.55
C SER A 24 -24.20 -40.53 17.43
N VAL A 25 -23.89 -39.67 18.39
CA VAL A 25 -22.69 -38.84 18.37
C VAL A 25 -21.95 -38.98 19.69
N GLY A 26 -20.62 -39.00 19.64
CA GLY A 26 -19.82 -39.19 20.82
C GLY A 26 -18.67 -38.21 20.88
N PHE A 27 -18.28 -37.88 22.11
CA PHE A 27 -17.17 -36.96 22.37
C PHE A 27 -16.13 -37.64 23.25
N ILE A 28 -14.86 -37.44 22.93
CA ILE A 28 -13.76 -37.99 23.69
C ILE A 28 -12.78 -36.88 24.06
N GLY A 31 -13.91 -31.58 27.55
CA GLY A 31 -13.10 -30.43 27.22
C GLY A 31 -13.93 -29.17 26.99
N GLN A 32 -13.26 -28.09 26.57
CA GLN A 32 -13.97 -26.85 26.29
C GLN A 32 -14.74 -26.94 24.98
N LEU A 33 -14.06 -27.33 23.89
CA LEU A 33 -14.73 -27.47 22.60
C LEU A 33 -15.72 -28.64 22.59
N ALA A 34 -15.53 -29.64 23.45
CA ALA A 34 -16.50 -30.72 23.56
C ALA A 34 -17.84 -30.19 24.06
N PHE A 35 -17.82 -29.38 25.13
CA PHE A 35 -19.06 -28.83 25.65
C PHE A 35 -19.71 -27.88 24.65
N ALA A 36 -18.91 -27.04 24.00
CA ALA A 36 -19.44 -26.05 23.07
C ALA A 36 -20.26 -26.71 21.96
N LEU A 37 -19.73 -27.79 21.36
CA LEU A 37 -20.44 -28.46 20.27
C LEU A 37 -21.69 -29.16 20.76
N ALA A 38 -21.63 -29.80 21.93
CA ALA A 38 -22.82 -30.46 22.45
C ALA A 38 -23.90 -29.43 22.78
N LYS A 39 -23.51 -28.30 23.37
CA LYS A 39 -24.48 -27.24 23.64
C LYS A 39 -25.07 -26.70 22.34
N GLY A 40 -24.22 -26.41 21.35
CA GLY A 40 -24.72 -25.92 20.08
C GLY A 40 -25.62 -26.91 19.36
N PHE A 41 -25.21 -28.18 19.32
CA PHE A 41 -25.98 -29.21 18.62
C PHE A 41 -27.37 -29.36 19.22
N THR A 42 -27.46 -29.36 20.55
CA THR A 42 -28.76 -29.51 21.21
C THR A 42 -29.61 -28.27 21.03
N ALA A 43 -29.00 -27.08 21.11
CA ALA A 43 -29.76 -25.86 20.84
C ALA A 43 -30.27 -25.83 19.41
N ALA A 44 -29.50 -26.40 18.47
CA ALA A 44 -29.92 -26.47 17.08
C ALA A 44 -31.07 -27.44 16.88
N GLY A 45 -31.30 -28.36 17.82
CA GLY A 45 -32.31 -29.38 17.62
C GLY A 45 -31.95 -30.41 16.57
N VAL A 46 -30.68 -30.51 16.19
CA VAL A 46 -30.32 -31.51 15.20
C VAL A 46 -30.12 -32.87 15.86
N LEU A 47 -29.75 -32.88 17.13
CA LEU A 47 -29.59 -34.11 17.89
C LEU A 47 -30.24 -33.95 19.26
N ALA A 48 -30.93 -35.00 19.68
CA ALA A 48 -31.42 -35.06 21.05
C ALA A 48 -30.25 -35.23 22.01
N ALA A 49 -30.28 -34.51 23.13
CA ALA A 49 -29.17 -34.51 24.06
C ALA A 49 -28.81 -35.90 24.59
N HIS A 50 -29.77 -36.83 24.60
CA HIS A 50 -29.50 -38.16 25.12
C HIS A 50 -28.84 -39.07 24.09
N LYS A 51 -28.98 -38.79 22.79
CA LYS A 51 -28.26 -39.53 21.75
C LYS A 51 -26.78 -39.14 21.67
N ILE A 52 -26.32 -38.33 22.64
CA ILE A 52 -24.96 -37.83 22.71
C ILE A 52 -24.31 -38.38 23.97
N MET A 53 -23.13 -38.99 23.83
CA MET A 53 -22.37 -39.51 24.96
C MET A 53 -21.00 -38.88 24.98
N ALA A 54 -20.52 -38.51 26.18
CA ALA A 54 -19.24 -37.86 26.35
C ALA A 54 -18.35 -38.67 27.29
N SER A 55 -17.04 -38.53 27.11
CA SER A 55 -16.06 -39.32 27.85
C SER A 55 -14.89 -38.46 28.32
N LEU A 61 -15.16 -32.62 35.91
CA LEU A 61 -14.57 -31.29 35.78
C LEU A 61 -15.63 -30.21 35.72
N ALA A 62 -15.23 -29.00 35.34
CA ALA A 62 -16.20 -27.90 35.20
C ALA A 62 -17.17 -28.17 34.08
N THR A 63 -16.66 -28.56 32.90
CA THR A 63 -17.52 -28.80 31.74
C THR A 63 -18.40 -30.04 31.93
N VAL A 64 -17.94 -31.02 32.71
CA VAL A 64 -18.72 -32.24 32.90
C VAL A 64 -19.93 -32.04 33.82
N SER A 65 -19.95 -30.96 34.60
CA SER A 65 -21.13 -30.68 35.42
C SER A 65 -22.26 -30.08 34.60
N ALA A 66 -21.94 -29.30 33.57
CA ALA A 66 -22.97 -28.69 32.74
C ALA A 66 -23.63 -29.70 31.81
N LEU A 67 -22.83 -30.58 31.21
CA LEU A 67 -23.37 -31.56 30.27
C LEU A 67 -24.42 -32.44 30.92
N ARG A 68 -24.22 -32.79 32.19
CA ARG A 68 -25.20 -33.62 32.89
C ARG A 68 -26.54 -32.90 33.00
N LYS A 69 -26.51 -31.58 33.15
CA LYS A 69 -27.77 -30.82 33.20
C LYS A 69 -28.52 -30.90 31.87
N MET A 70 -27.79 -30.93 30.75
CA MET A 70 -28.42 -30.97 29.43
C MET A 70 -29.04 -32.32 29.12
N GLY A 71 -28.67 -33.38 29.83
CA GLY A 71 -29.04 -34.73 29.46
C GLY A 71 -27.98 -35.48 28.67
N VAL A 72 -26.82 -34.89 28.47
CA VAL A 72 -25.73 -35.55 27.76
C VAL A 72 -25.19 -36.69 28.62
N LYS A 73 -25.22 -37.91 28.09
CA LYS A 73 -24.73 -39.07 28.83
C LYS A 73 -23.23 -38.97 29.04
N LEU A 74 -22.78 -39.23 30.26
CA LEU A 74 -21.37 -39.18 30.62
C LEU A 74 -20.89 -40.56 31.03
N THR A 75 -19.60 -40.82 30.78
CA THR A 75 -18.97 -42.09 31.10
C THR A 75 -17.47 -41.86 31.16
N PRO A 76 -16.75 -42.46 32.13
CA PRO A 76 -15.29 -42.28 32.14
C PRO A 76 -14.57 -43.17 31.15
N HIS A 77 -15.17 -44.27 30.72
CA HIS A 77 -14.52 -45.23 29.83
C HIS A 77 -14.68 -44.74 28.39
N ASN A 78 -13.56 -44.42 27.74
CA ASN A 78 -13.61 -44.03 26.34
C ASN A 78 -14.20 -45.14 25.47
N LYS A 79 -14.09 -46.40 25.90
CA LYS A 79 -14.61 -47.51 25.12
C LYS A 79 -16.13 -47.54 25.10
N GLU A 80 -16.79 -47.05 26.15
CA GLU A 80 -18.24 -47.01 26.15
C GLU A 80 -18.77 -45.97 25.15
N THR A 81 -18.08 -44.83 25.04
CA THR A 81 -18.52 -43.81 24.09
C THR A 81 -18.39 -44.30 22.66
N VAL A 82 -17.32 -45.06 22.37
CA VAL A 82 -17.14 -45.61 21.02
C VAL A 82 -18.26 -46.59 20.68
N GLN A 83 -18.64 -47.44 21.64
CA GLN A 83 -19.62 -48.49 21.35
C GLN A 83 -21.01 -47.93 21.10
N HIS A 84 -21.33 -46.76 21.65
CA HIS A 84 -22.67 -46.18 21.50
C HIS A 84 -22.71 -45.06 20.47
N SER A 85 -21.65 -44.83 19.71
CA SER A 85 -21.57 -43.70 18.80
C SER A 85 -21.39 -44.15 17.36
N ASP A 86 -21.91 -43.34 16.44
CA ASP A 86 -21.65 -43.47 15.01
C ASP A 86 -20.63 -42.45 14.53
N VAL A 87 -20.88 -41.18 14.83
CA VAL A 87 -19.93 -40.11 14.56
C VAL A 87 -19.17 -39.82 15.86
N LEU A 88 -17.84 -39.83 15.79
CA LEU A 88 -17.01 -39.80 16.98
C LEU A 88 -16.07 -38.60 16.92
N PHE A 89 -16.37 -37.57 17.72
CA PHE A 89 -15.50 -36.40 17.82
C PHE A 89 -14.40 -36.67 18.84
N LEU A 90 -13.17 -36.33 18.46
CA LEU A 90 -12.02 -36.41 19.36
C LEU A 90 -11.64 -34.97 19.74
N ALA A 91 -11.98 -34.59 20.97
CA ALA A 91 -11.73 -33.25 21.48
C ALA A 91 -10.81 -33.35 22.70
N VAL A 92 -9.55 -33.73 22.46
CA VAL A 92 -8.52 -33.79 23.49
C VAL A 92 -7.29 -33.06 22.96
N LYS A 93 -6.31 -32.89 23.84
CA LYS A 93 -5.11 -32.14 23.47
C LYS A 93 -4.36 -32.87 22.36
N PRO A 94 -3.64 -32.13 21.51
CA PRO A 94 -3.01 -32.77 20.33
C PRO A 94 -2.06 -33.91 20.66
N HIS A 95 -1.26 -33.81 21.73
CA HIS A 95 -0.38 -34.92 22.07
C HIS A 95 -1.09 -36.03 22.83
N ILE A 96 -2.42 -35.99 22.91
CA ILE A 96 -3.21 -37.02 23.56
C ILE A 96 -3.94 -37.92 22.56
N ILE A 97 -4.03 -37.52 21.29
CA ILE A 97 -4.73 -38.34 20.30
C ILE A 97 -4.09 -39.72 20.13
N PRO A 98 -2.76 -39.85 19.93
CA PRO A 98 -2.19 -41.20 19.76
C PRO A 98 -2.56 -42.18 20.86
N PHE A 99 -2.66 -41.70 22.10
CA PHE A 99 -3.02 -42.58 23.20
C PHE A 99 -4.49 -42.97 23.17
N ILE A 100 -5.35 -42.06 22.70
CA ILE A 100 -6.76 -42.41 22.56
C ILE A 100 -6.96 -43.40 21.42
N LEU A 101 -6.25 -43.21 20.30
CA LEU A 101 -6.39 -44.13 19.17
C LEU A 101 -5.88 -45.51 19.52
N ASP A 102 -4.79 -45.59 20.29
CA ASP A 102 -4.31 -46.90 20.72
C ASP A 102 -5.32 -47.59 21.65
N GLU A 103 -6.10 -46.81 22.40
CA GLU A 103 -7.06 -47.43 23.32
C GLU A 103 -8.34 -47.84 22.59
N ILE A 104 -8.87 -46.98 21.73
CA ILE A 104 -10.15 -47.30 21.09
C ILE A 104 -9.99 -48.02 19.76
N GLY A 105 -8.76 -48.08 19.23
CA GLY A 105 -8.57 -48.52 17.85
C GLY A 105 -9.19 -49.88 17.55
N ALA A 106 -9.17 -50.79 18.52
CA ALA A 106 -9.76 -52.10 18.32
C ALA A 106 -11.28 -52.07 18.28
N ASP A 107 -11.89 -50.98 18.72
CA ASP A 107 -13.35 -50.87 18.79
C ASP A 107 -13.95 -50.11 17.61
N ILE A 108 -13.12 -49.48 16.78
CA ILE A 108 -13.61 -48.77 15.60
C ILE A 108 -14.17 -49.81 14.63
N GLU A 109 -15.48 -49.76 14.41
CA GLU A 109 -16.14 -50.61 13.43
C GLU A 109 -16.29 -49.86 12.12
N ASP A 110 -16.83 -50.53 11.11
CA ASP A 110 -16.94 -49.90 9.79
C ASP A 110 -17.92 -48.73 9.79
N ARG A 111 -18.92 -48.76 10.68
CA ARG A 111 -19.94 -47.72 10.74
C ARG A 111 -19.40 -46.39 11.26
N HIS A 112 -18.17 -46.35 11.76
CA HIS A 112 -17.65 -45.16 12.43
C HIS A 112 -17.12 -44.12 11.46
N ILE A 113 -17.45 -42.87 11.72
CA ILE A 113 -16.74 -41.72 11.19
C ILE A 113 -16.00 -41.10 12.37
N VAL A 114 -14.69 -41.00 12.27
CA VAL A 114 -13.86 -40.42 13.32
C VAL A 114 -13.52 -39.00 12.91
N VAL A 115 -13.95 -38.04 13.70
CA VAL A 115 -13.74 -36.63 13.41
C VAL A 115 -12.77 -36.08 14.44
N SER A 116 -11.61 -35.62 13.99
CA SER A 116 -10.59 -35.08 14.88
C SER A 116 -10.67 -33.56 14.87
N CYS A 117 -10.84 -32.98 16.04
CA CYS A 117 -10.78 -31.54 16.23
C CYS A 117 -9.45 -31.07 16.80
N ALA A 118 -8.56 -31.99 17.13
CA ALA A 118 -7.30 -31.62 17.74
C ALA A 118 -6.48 -30.78 16.78
N ALA A 119 -6.02 -29.63 17.25
CA ALA A 119 -5.24 -28.74 16.40
C ALA A 119 -3.91 -29.39 16.03
N GLY A 120 -3.53 -29.29 14.76
CA GLY A 120 -2.26 -29.80 14.32
C GLY A 120 -2.14 -31.30 14.17
N VAL A 121 -3.17 -32.08 14.51
CA VAL A 121 -3.13 -33.53 14.30
C VAL A 121 -3.59 -33.84 12.89
N THR A 122 -2.72 -34.46 12.09
CA THR A 122 -2.98 -34.65 10.67
C THR A 122 -3.82 -35.91 10.43
N ILE A 123 -4.55 -35.90 9.30
CA ILE A 123 -5.30 -37.08 8.89
C ILE A 123 -4.37 -38.28 8.78
N SER A 124 -3.19 -38.07 8.20
CA SER A 124 -2.22 -39.16 8.05
C SER A 124 -1.89 -39.83 9.37
N SER A 125 -1.66 -39.05 10.43
CA SER A 125 -1.28 -39.63 11.71
C SER A 125 -2.42 -40.45 12.30
N ILE A 126 -3.66 -39.99 12.15
CA ILE A 126 -4.80 -40.73 12.67
C ILE A 126 -5.00 -42.01 11.88
N GLU A 127 -4.94 -41.91 10.55
CA GLU A 127 -5.18 -43.09 9.73
C GLU A 127 -4.10 -44.15 9.97
N LYS A 128 -2.84 -43.71 10.12
CA LYS A 128 -1.74 -44.65 10.40
C LYS A 128 -2.03 -45.47 11.64
N LYS A 129 -2.45 -44.81 12.72
CA LYS A 129 -2.75 -45.49 13.97
C LYS A 129 -3.94 -46.43 13.80
N LEU A 130 -5.05 -45.92 13.27
CA LEU A 130 -6.25 -46.72 13.14
C LEU A 130 -6.08 -47.86 12.13
N SER A 131 -5.28 -47.65 11.08
CA SER A 131 -5.13 -48.69 10.06
C SER A 131 -4.43 -49.94 10.59
N ALA A 132 -3.67 -49.82 11.68
CA ALA A 132 -3.10 -51.01 12.30
C ALA A 132 -4.18 -51.97 12.80
N PHE A 133 -5.38 -51.45 13.08
CA PHE A 133 -6.48 -52.29 13.57
C PHE A 133 -7.34 -52.78 12.42
N ARG A 134 -8.01 -51.86 11.73
CA ARG A 134 -8.90 -52.11 10.61
C ARG A 134 -8.44 -51.27 9.43
N PRO A 135 -8.50 -51.79 8.20
CA PRO A 135 -7.73 -51.19 7.10
C PRO A 135 -8.28 -49.87 6.55
N ALA A 136 -9.57 -49.61 6.62
CA ALA A 136 -10.12 -48.40 5.97
C ALA A 136 -10.86 -47.50 6.96
N PRO A 137 -10.16 -46.91 7.93
CA PRO A 137 -10.83 -45.98 8.85
C PRO A 137 -11.30 -44.73 8.12
N ARG A 138 -12.52 -44.29 8.46
CA ARG A 138 -13.14 -43.10 7.87
C ARG A 138 -12.84 -41.91 8.79
N VAL A 139 -11.96 -41.03 8.35
CA VAL A 139 -11.43 -39.96 9.18
C VAL A 139 -11.76 -38.62 8.53
N ILE A 140 -12.20 -37.67 9.34
CA ILE A 140 -12.39 -36.29 8.91
C ILE A 140 -11.67 -35.42 9.92
N ARG A 141 -10.93 -34.43 9.42
CA ARG A 141 -10.24 -33.49 10.28
C ARG A 141 -10.98 -32.16 10.23
N CYS A 142 -11.24 -31.58 11.39
CA CYS A 142 -12.04 -30.38 11.46
C CYS A 142 -11.34 -29.32 12.28
N MET A 143 -11.63 -28.07 11.94
CA MET A 143 -11.07 -26.89 12.60
C MET A 143 -12.30 -26.03 12.90
N THR A 144 -12.75 -26.02 14.16
CA THR A 144 -13.91 -25.22 14.56
C THR A 144 -13.48 -24.27 15.68
N ASN A 145 -14.41 -23.44 16.18
CA ASN A 145 -14.02 -22.49 17.21
C ASN A 145 -15.12 -22.43 18.27
N THR A 146 -14.85 -21.72 19.37
CA THR A 146 -15.75 -21.80 20.53
CA THR A 146 -15.76 -21.79 20.53
C THR A 146 -17.13 -21.18 20.25
N PRO A 147 -17.26 -20.18 19.34
CA PRO A 147 -18.62 -19.62 19.12
C PRO A 147 -19.66 -20.60 18.57
N VAL A 148 -19.29 -21.87 18.32
CA VAL A 148 -20.36 -22.84 18.06
C VAL A 148 -21.30 -22.92 19.24
N VAL A 149 -20.88 -22.47 20.43
CA VAL A 149 -21.75 -22.56 21.60
C VAL A 149 -22.94 -21.59 21.49
N VAL A 150 -22.83 -20.54 20.69
CA VAL A 150 -23.96 -19.67 20.37
C VAL A 150 -24.38 -19.84 18.91
N ARG A 151 -24.03 -20.99 18.31
CA ARG A 151 -24.41 -21.35 16.94
C ARG A 151 -23.95 -20.31 15.91
N GLU A 152 -22.79 -19.71 16.13
CA GLU A 152 -22.14 -18.80 15.20
C GLU A 152 -20.68 -19.17 15.02
N GLY A 153 -20.40 -20.47 15.00
CA GLY A 153 -19.05 -20.91 14.79
C GLY A 153 -18.59 -20.72 13.36
N ALA A 154 -17.30 -20.96 13.16
CA ALA A 154 -16.70 -21.02 11.84
C ALA A 154 -15.94 -22.33 11.80
N THR A 155 -16.32 -23.22 10.88
CA THR A 155 -15.75 -24.55 10.84
C THR A 155 -15.33 -24.84 9.41
N VAL A 156 -14.15 -25.45 9.25
CA VAL A 156 -13.79 -26.07 8.00
C VAL A 156 -13.46 -27.52 8.29
N TYR A 157 -13.54 -28.35 7.26
CA TYR A 157 -13.19 -29.75 7.44
C TYR A 157 -12.50 -30.26 6.18
N ALA A 158 -11.69 -31.29 6.37
CA ALA A 158 -11.05 -32.00 5.26
C ALA A 158 -11.33 -33.49 5.42
N THR A 159 -11.64 -34.16 4.31
CA THR A 159 -11.99 -35.57 4.34
C THR A 159 -10.75 -36.44 4.12
N GLY A 160 -10.69 -37.56 4.84
CA GLY A 160 -9.56 -38.47 4.77
C GLY A 160 -9.62 -39.42 3.59
N THR A 161 -8.63 -40.34 3.57
CA THR A 161 -8.44 -41.24 2.44
C THR A 161 -9.66 -42.13 2.20
N HIS A 162 -10.28 -42.60 3.27
CA HIS A 162 -11.33 -43.61 3.17
C HIS A 162 -12.72 -43.06 3.48
N ALA A 163 -12.83 -41.76 3.76
CA ALA A 163 -14.13 -41.15 3.98
C ALA A 163 -14.94 -41.17 2.69
N GLN A 164 -16.16 -41.68 2.76
CA GLN A 164 -17.04 -41.68 1.60
C GLN A 164 -17.51 -40.27 1.31
N VAL A 165 -17.95 -40.04 0.06
CA VAL A 165 -18.41 -38.70 -0.30
C VAL A 165 -19.57 -38.29 0.59
N GLU A 166 -20.45 -39.24 0.94
CA GLU A 166 -21.56 -38.92 1.83
C GLU A 166 -21.13 -38.60 3.26
N ASP A 167 -19.90 -38.96 3.66
CA ASP A 167 -19.44 -38.62 5.00
C ASP A 167 -19.13 -37.13 5.11
N GLY A 168 -18.51 -36.55 4.08
CA GLY A 168 -18.25 -35.12 4.10
C GLY A 168 -19.54 -34.33 4.08
N ARG A 169 -20.53 -34.80 3.33
CA ARG A 169 -21.82 -34.12 3.26
C ARG A 169 -22.55 -34.19 4.59
N LEU A 170 -22.49 -35.34 5.26
CA LEU A 170 -23.09 -35.48 6.58
C LEU A 170 -22.44 -34.52 7.58
N MET A 171 -21.11 -34.46 7.55
CA MET A 171 -20.37 -33.55 8.42
CA MET A 171 -20.41 -33.56 8.46
C MET A 171 -20.74 -32.10 8.18
N GLU A 172 -20.81 -31.72 6.91
CA GLU A 172 -21.18 -30.34 6.59
C GLU A 172 -22.57 -30.00 7.11
N GLN A 173 -23.51 -30.94 6.98
CA GLN A 173 -24.87 -30.67 7.47
C GLN A 173 -24.87 -30.53 8.98
N LEU A 174 -24.20 -31.43 9.69
CA LEU A 174 -24.17 -31.36 11.15
C LEU A 174 -23.51 -30.08 11.63
N LEU A 175 -22.36 -29.72 11.06
CA LEU A 175 -21.66 -28.55 11.58
C LEU A 175 -22.23 -27.25 11.04
N SER A 176 -22.97 -27.29 9.93
CA SER A 176 -23.71 -26.11 9.51
C SER A 176 -24.79 -25.72 10.51
N SER A 177 -25.20 -26.65 11.38
CA SER A 177 -26.24 -26.29 12.34
C SER A 177 -25.74 -25.37 13.43
N VAL A 178 -24.42 -25.23 13.60
CA VAL A 178 -23.85 -24.39 14.67
C VAL A 178 -22.95 -23.30 14.12
N GLY A 179 -23.02 -22.98 12.83
CA GLY A 179 -22.25 -21.89 12.27
C GLY A 179 -21.97 -22.10 10.80
N PHE A 180 -21.05 -21.27 10.28
CA PHE A 180 -20.52 -21.48 8.94
C PHE A 180 -19.70 -22.76 8.87
N CYS A 181 -19.80 -23.49 7.76
CA CYS A 181 -19.00 -24.69 7.58
C CYS A 181 -18.71 -24.89 6.10
N THR A 182 -17.46 -25.21 5.77
CA THR A 182 -17.15 -25.53 4.38
C THR A 182 -15.97 -26.50 4.30
N GLU A 183 -15.88 -27.21 3.18
CA GLU A 183 -14.78 -28.14 3.00
C GLU A 183 -13.55 -27.41 2.49
N VAL A 184 -12.37 -27.79 2.99
CA VAL A 184 -11.10 -27.31 2.46
C VAL A 184 -10.16 -28.50 2.22
N GLU A 185 -9.09 -28.23 1.47
CA GLU A 185 -7.94 -29.14 1.46
C GLU A 185 -7.25 -29.13 2.81
N GLU A 186 -6.67 -30.27 3.18
CA GLU A 186 -6.08 -30.34 4.52
C GLU A 186 -4.96 -29.34 4.69
N ASP A 187 -4.26 -28.98 3.61
CA ASP A 187 -3.11 -28.10 3.78
C ASP A 187 -3.51 -26.65 4.05
N LEU A 188 -4.80 -26.32 4.11
CA LEU A 188 -5.24 -24.99 4.49
C LEU A 188 -5.66 -24.89 5.95
N ILE A 189 -5.74 -26.01 6.68
CA ILE A 189 -6.30 -25.95 8.03
C ILE A 189 -5.38 -25.19 8.99
N ASP A 190 -4.06 -25.29 8.83
CA ASP A 190 -3.17 -24.46 9.66
C ASP A 190 -3.49 -22.98 9.50
N ALA A 191 -3.70 -22.51 8.26
CA ALA A 191 -4.04 -21.10 8.04
C ALA A 191 -5.40 -20.76 8.64
N VAL A 192 -6.39 -21.64 8.46
CA VAL A 192 -7.70 -21.41 9.07
C VAL A 192 -7.57 -21.29 10.58
N THR A 193 -6.73 -22.15 11.18
CA THR A 193 -6.50 -22.06 12.62
C THR A 193 -6.02 -20.68 13.02
N GLY A 194 -5.10 -20.10 12.25
CA GLY A 194 -4.59 -18.78 12.60
C GLY A 194 -5.62 -17.68 12.44
N LEU A 195 -6.62 -17.89 11.59
CA LEU A 195 -7.65 -16.89 11.32
C LEU A 195 -8.89 -17.10 12.19
N SER A 196 -9.72 -18.11 11.90
CA SER A 196 -10.95 -18.23 12.68
C SER A 196 -10.80 -19.15 13.89
N GLY A 197 -9.78 -20.01 13.92
CA GLY A 197 -9.57 -20.82 15.11
C GLY A 197 -9.14 -19.99 16.30
N SER A 198 -8.10 -19.17 16.12
CA SER A 198 -7.63 -18.23 17.13
C SER A 198 -8.39 -16.91 17.14
N GLY A 199 -9.12 -16.63 16.08
CA GLY A 199 -9.84 -15.37 15.88
C GLY A 199 -10.64 -14.87 17.07
N PRO A 200 -11.46 -15.73 17.68
CA PRO A 200 -12.23 -15.25 18.84
C PRO A 200 -11.37 -14.65 19.94
N ALA A 201 -10.17 -15.20 20.20
CA ALA A 201 -9.31 -14.65 21.23
C ALA A 201 -8.79 -13.25 20.85
N TYR A 202 -8.52 -13.03 19.55
CA TYR A 202 -8.16 -11.69 19.10
C TYR A 202 -9.29 -10.73 19.40
N ALA A 203 -10.53 -11.17 19.15
CA ALA A 203 -11.70 -10.33 19.41
C ALA A 203 -11.92 -10.09 20.90
N PHE A 204 -11.74 -11.11 21.76
CA PHE A 204 -11.88 -10.88 23.20
C PHE A 204 -10.85 -9.89 23.70
N THR A 205 -9.62 -9.99 23.23
CA THR A 205 -8.58 -9.00 23.57
C THR A 205 -9.00 -7.60 23.13
N ALA A 206 -9.47 -7.49 21.87
CA ALA A 206 -9.88 -6.20 21.34
C ALA A 206 -11.04 -5.63 22.14
N LEU A 207 -11.99 -6.48 22.53
CA LEU A 207 -13.15 -5.98 23.26
C LEU A 207 -12.76 -5.51 24.66
N ASP A 208 -11.84 -6.21 25.32
CA ASP A 208 -11.35 -5.77 26.63
C ASP A 208 -10.69 -4.40 26.49
N ALA A 209 -9.89 -4.20 25.44
CA ALA A 209 -9.16 -2.96 25.24
C ALA A 209 -10.10 -1.82 24.89
N LEU A 210 -11.02 -2.06 23.94
CA LEU A 210 -12.02 -1.06 23.59
C LEU A 210 -12.82 -0.63 24.81
N ALA A 211 -13.16 -1.58 25.68
CA ALA A 211 -13.88 -1.24 26.91
C ALA A 211 -13.02 -0.38 27.84
N ASP A 212 -11.72 -0.72 27.96
CA ASP A 212 -10.83 0.14 28.74
C ASP A 212 -10.81 1.55 28.17
N GLY A 213 -10.78 1.67 26.84
CA GLY A 213 -10.84 3.00 26.22
C GLY A 213 -12.13 3.74 26.55
N GLY A 214 -13.26 3.05 26.47
CA GLY A 214 -14.53 3.66 26.89
C GLY A 214 -14.49 4.14 28.34
N VAL A 215 -13.99 3.30 29.24
CA VAL A 215 -13.87 3.67 30.66
C VAL A 215 -12.95 4.88 30.83
N LYS A 216 -11.83 4.91 30.10
CA LYS A 216 -10.92 6.05 30.22
C LYS A 216 -11.65 7.35 29.87
N MET A 217 -12.54 7.29 28.88
CA MET A 217 -13.26 8.49 28.44
C MET A 217 -14.56 8.74 29.23
N GLY A 218 -14.84 7.94 30.26
CA GLY A 218 -15.92 8.27 31.20
C GLY A 218 -17.10 7.31 31.23
N LEU A 219 -17.12 6.24 30.42
CA LEU A 219 -18.24 5.31 30.45
C LEU A 219 -18.11 4.31 31.59
N PRO A 220 -19.22 3.88 32.17
CA PRO A 220 -19.19 2.76 33.10
C PRO A 220 -18.75 1.50 32.37
N ARG A 221 -18.07 0.62 33.10
CA ARG A 221 -17.46 -0.57 32.47
CA ARG A 221 -17.46 -0.54 32.45
C ARG A 221 -18.51 -1.43 31.78
N ARG A 222 -19.63 -1.69 32.46
CA ARG A 222 -20.63 -2.59 31.89
C ARG A 222 -21.18 -2.06 30.56
N LEU A 223 -21.50 -0.77 30.51
CA LEU A 223 -21.98 -0.18 29.25
C LEU A 223 -20.91 -0.19 28.18
N ALA A 224 -19.65 0.06 28.56
CA ALA A 224 -18.58 0.05 27.58
C ALA A 224 -18.42 -1.33 26.92
N VAL A 225 -18.48 -2.40 27.73
CA VAL A 225 -18.34 -3.76 27.20
C VAL A 225 -19.50 -4.07 26.25
N ARG A 226 -20.72 -3.72 26.65
CA ARG A 226 -21.91 -3.96 25.83
C ARG A 226 -21.81 -3.21 24.50
N LEU A 227 -21.51 -1.91 24.54
CA LEU A 227 -21.41 -1.12 23.32
C LEU A 227 -20.32 -1.62 22.40
N GLY A 228 -19.15 -1.95 22.94
CA GLY A 228 -18.07 -2.42 22.10
C GLY A 228 -18.40 -3.73 21.43
N ALA A 229 -18.99 -4.68 22.18
CA ALA A 229 -19.34 -5.96 21.58
C ALA A 229 -20.44 -5.80 20.54
N GLN A 230 -21.42 -4.94 20.82
CA GLN A 230 -22.48 -4.71 19.83
C GLN A 230 -21.92 -4.08 18.57
N ALA A 231 -20.94 -3.18 18.72
CA ALA A 231 -20.30 -2.58 17.55
C ALA A 231 -19.59 -3.62 16.71
N LEU A 232 -18.86 -4.53 17.35
CA LEU A 232 -18.14 -5.56 16.60
CA LEU A 232 -18.14 -5.54 16.56
C LEU A 232 -19.11 -6.52 15.92
N LEU A 233 -20.14 -6.96 16.64
CA LEU A 233 -21.14 -7.85 16.06
C LEU A 233 -21.82 -7.21 14.85
N GLY A 234 -22.24 -5.95 14.99
CA GLY A 234 -22.91 -5.29 13.88
C GLY A 234 -22.02 -5.12 12.67
N ALA A 235 -20.76 -4.73 12.88
CA ALA A 235 -19.84 -4.54 11.77
C ALA A 235 -19.59 -5.86 11.07
N ALA A 236 -19.38 -6.93 11.84
CA ALA A 236 -19.19 -8.26 11.25
C ALA A 236 -20.39 -8.68 10.43
N LYS A 237 -21.60 -8.46 10.96
CA LYS A 237 -22.81 -8.81 10.20
C LYS A 237 -22.94 -7.97 8.94
N MET A 238 -22.66 -6.66 9.01
CA MET A 238 -22.68 -5.85 7.78
C MET A 238 -21.81 -6.45 6.69
N LEU A 239 -20.59 -6.86 7.05
CA LEU A 239 -19.65 -7.39 6.07
C LEU A 239 -20.14 -8.71 5.49
N LEU A 240 -20.64 -9.60 6.35
CA LEU A 240 -21.16 -10.89 5.88
C LEU A 240 -22.37 -10.73 4.95
N HIS A 241 -23.15 -9.66 5.13
CA HIS A 241 -24.35 -9.43 4.33
C HIS A 241 -24.13 -8.44 3.20
N SER A 242 -22.90 -7.97 3.00
CA SER A 242 -22.56 -7.01 1.96
C SER A 242 -21.73 -7.70 0.88
N GLU A 243 -21.83 -7.19 -0.34
CA GLU A 243 -20.91 -7.57 -1.39
C GLU A 243 -19.65 -6.72 -1.40
N GLN A 244 -19.64 -5.64 -0.62
CA GLN A 244 -18.60 -4.63 -0.74
C GLN A 244 -17.36 -5.00 0.08
N HIS A 245 -16.25 -4.42 -0.33
CA HIS A 245 -14.97 -4.60 0.34
C HIS A 245 -15.00 -3.95 1.73
N PRO A 246 -14.31 -4.53 2.72
CA PRO A 246 -14.26 -3.89 4.05
C PRO A 246 -13.77 -2.45 4.03
N GLY A 247 -12.85 -2.11 3.12
CA GLY A 247 -12.43 -0.72 3.01
C GLY A 247 -13.53 0.20 2.55
N GLN A 248 -14.42 -0.29 1.69
CA GLN A 248 -15.55 0.52 1.26
C GLN A 248 -16.50 0.78 2.41
N LEU A 249 -16.76 -0.24 3.23
CA LEU A 249 -17.61 -0.04 4.40
C LEU A 249 -16.95 0.91 5.39
N LYS A 250 -15.63 0.78 5.56
CA LYS A 250 -14.88 1.73 6.38
C LYS A 250 -15.07 3.17 5.88
N ASP A 251 -14.98 3.37 4.56
CA ASP A 251 -15.13 4.70 4.01
C ASP A 251 -16.49 5.33 4.36
N ASN A 252 -17.53 4.51 4.47
CA ASN A 252 -18.88 5.01 4.77
C ASN A 252 -19.05 5.46 6.21
N VAL A 253 -18.22 4.95 7.12
CA VAL A 253 -18.30 5.39 8.51
C VAL A 253 -17.69 6.78 8.68
N SER A 254 -16.62 7.08 7.93
CA SER A 254 -15.76 8.22 8.24
C SER A 254 -16.22 9.45 7.46
N SER A 255 -16.80 10.40 8.14
CA SER A 255 -17.05 11.68 7.50
C SER A 255 -15.76 12.50 7.43
N PRO A 256 -15.63 13.37 6.42
CA PRO A 256 -14.41 14.16 6.29
C PRO A 256 -14.16 15.03 7.51
N GLY A 257 -12.90 15.02 7.96
CA GLY A 257 -12.47 15.75 9.13
C GLY A 257 -12.97 15.24 10.46
N GLY A 258 -13.68 14.12 10.47
CA GLY A 258 -14.48 13.71 11.61
C GLY A 258 -13.75 12.87 12.65
N ALA A 259 -14.54 12.39 13.61
CA ALA A 259 -13.98 11.67 14.76
C ALA A 259 -13.40 10.33 14.33
N THR A 260 -14.11 9.62 13.45
CA THR A 260 -13.67 8.27 13.08
C THR A 260 -12.35 8.30 12.31
N ILE A 261 -12.22 9.18 11.32
CA ILE A 261 -10.98 9.22 10.55
C ILE A 261 -9.81 9.64 11.44
N HIS A 262 -10.04 10.49 12.46
CA HIS A 262 -8.96 10.76 13.41
C HIS A 262 -8.57 9.50 14.17
N ALA A 263 -9.54 8.69 14.59
CA ALA A 263 -9.20 7.46 15.31
C ALA A 263 -8.49 6.46 14.40
N LEU A 264 -8.93 6.36 13.14
CA LEU A 264 -8.29 5.41 12.23
C LEU A 264 -6.81 5.75 12.04
N HIS A 265 -6.49 7.05 12.00
CA HIS A 265 -5.10 7.46 11.86
C HIS A 265 -4.25 6.91 13.01
N VAL A 266 -4.75 6.98 14.25
CA VAL A 266 -3.87 6.50 15.33
C VAL A 266 -3.75 4.99 15.30
N LEU A 267 -4.77 4.27 14.82
CA LEU A 267 -4.58 2.84 14.58
C LEU A 267 -3.47 2.60 13.56
N GLU A 268 -3.50 3.33 12.45
CA GLU A 268 -2.49 3.14 11.40
C GLU A 268 -1.10 3.49 11.93
N SER A 269 -1.01 4.52 12.77
CA SER A 269 0.30 4.94 13.26
C SER A 269 0.96 3.87 14.13
N GLY A 270 0.16 3.05 14.80
CA GLY A 270 0.74 1.95 15.57
C GLY A 270 0.87 0.64 14.80
N GLY A 271 0.58 0.64 13.49
CA GLY A 271 0.72 -0.62 12.75
C GLY A 271 -0.30 -1.66 13.12
N PHE A 272 -1.50 -1.23 13.54
CA PHE A 272 -2.63 -2.10 13.88
C PHE A 272 -2.84 -3.25 12.89
N ARG A 273 -2.89 -2.94 11.60
CA ARG A 273 -3.11 -3.98 10.60
C ARG A 273 -2.00 -5.01 10.67
N SER A 274 -0.75 -4.57 10.76
CA SER A 274 0.35 -5.52 10.75
C SER A 274 0.32 -6.44 11.97
N LEU A 275 -0.18 -5.94 13.10
CA LEU A 275 -0.28 -6.79 14.30
C LEU A 275 -1.21 -7.95 14.06
N LEU A 276 -2.34 -7.70 13.39
CA LEU A 276 -3.30 -8.78 13.11
C LEU A 276 -2.74 -9.74 12.07
N ILE A 277 -2.01 -9.25 11.07
CA ILE A 277 -1.34 -10.17 10.16
C ILE A 277 -0.32 -11.02 10.92
N ASN A 278 0.47 -10.37 11.80
CA ASN A 278 1.45 -11.11 12.61
C ASN A 278 0.79 -12.23 13.41
N ALA A 279 -0.39 -11.94 13.96
CA ALA A 279 -1.10 -12.91 14.79
C ALA A 279 -1.50 -14.15 13.97
N VAL A 280 -2.17 -13.94 12.83
CA VAL A 280 -2.60 -15.08 12.00
C VAL A 280 -1.39 -15.92 11.62
N GLU A 281 -0.29 -15.25 11.25
CA GLU A 281 0.93 -15.94 10.88
C GLU A 281 1.50 -16.74 12.06
N ALA A 282 1.56 -16.11 13.23
CA ALA A 282 2.15 -16.78 14.40
C ALA A 282 1.35 -18.03 14.79
N SER A 283 0.01 -17.93 14.75
CA SER A 283 -0.83 -19.07 15.11
C SER A 283 -0.71 -20.17 14.06
N CYS A 284 -0.71 -19.79 12.79
CA CYS A 284 -0.53 -20.76 11.70
C CYS A 284 0.81 -21.48 11.83
N ILE A 285 1.88 -20.72 12.08
CA ILE A 285 3.22 -21.34 12.15
C ILE A 285 3.31 -22.27 13.37
N ARG A 286 2.76 -21.85 14.52
CA ARG A 286 2.76 -22.75 15.68
C ARG A 286 1.98 -24.02 15.40
N THR A 287 0.84 -23.91 14.69
CA THR A 287 0.08 -25.11 14.33
C THR A 287 0.93 -26.07 13.50
N ARG A 288 1.69 -25.53 12.53
CA ARG A 288 2.59 -26.39 11.74
C ARG A 288 3.65 -27.06 12.62
N GLU A 289 4.19 -26.32 13.59
CA GLU A 289 5.14 -26.94 14.54
C GLU A 289 4.49 -28.09 15.30
N LEU A 290 3.25 -27.91 15.74
CA LEU A 290 2.52 -29.01 16.35
C LEU A 290 2.21 -30.13 15.36
N GLN A 291 1.96 -29.79 14.08
CA GLN A 291 1.74 -30.81 13.06
C GLN A 291 2.97 -31.68 12.85
N SER A 292 4.14 -31.19 13.27
CA SER A 292 5.43 -31.83 13.08
C SER A 292 5.97 -32.48 14.34
N MET A 293 5.95 -31.75 15.46
CA MET A 293 6.42 -32.30 16.73
C MET A 293 5.75 -33.64 17.01
N ALA A 294 4.47 -33.75 16.66
CA ALA A 294 3.77 -35.03 16.76
C ALA A 294 4.53 -36.15 16.06
N ASP A 295 5.05 -35.86 14.86
CA ASP A 295 5.74 -36.87 14.07
C ASP A 295 7.25 -36.73 14.22
N ASN B 17 -45.88 -0.48 25.14
CA ASN B 17 -45.57 -0.46 23.72
C ASN B 17 -46.40 0.59 22.99
N LEU B 18 -45.77 1.73 22.70
CA LEU B 18 -46.46 2.83 22.05
C LEU B 18 -46.80 2.49 20.60
N TYR B 19 -47.93 3.03 20.15
CA TYR B 19 -48.37 2.83 18.77
C TYR B 19 -47.85 3.97 17.90
N PHE B 20 -47.02 3.63 16.90
CA PHE B 20 -46.46 4.63 16.02
C PHE B 20 -46.32 4.13 14.58
N GLN B 21 -47.11 3.13 14.18
CA GLN B 21 -47.07 2.66 12.80
C GLN B 21 -47.44 3.76 11.82
N SER B 22 -48.29 4.71 12.23
CA SER B 22 -48.82 5.73 11.35
C SER B 22 -48.14 7.09 11.50
N MET B 23 -47.05 7.18 12.26
CA MET B 23 -46.34 8.44 12.37
C MET B 23 -45.38 8.61 11.19
N SER B 24 -45.08 9.87 10.87
CA SER B 24 -44.23 10.22 9.75
C SER B 24 -42.84 10.59 10.26
N VAL B 25 -41.81 10.15 9.52
CA VAL B 25 -40.42 10.37 9.88
C VAL B 25 -39.75 11.13 8.75
N GLY B 26 -38.95 12.13 9.11
CA GLY B 26 -38.19 12.90 8.15
C GLY B 26 -36.71 12.86 8.48
N PHE B 27 -35.89 12.85 7.44
CA PHE B 27 -34.44 12.98 7.55
C PHE B 27 -34.01 14.26 6.87
N ILE B 28 -33.35 15.13 7.62
CA ILE B 28 -32.63 16.26 7.05
C ILE B 28 -31.21 15.76 6.80
N GLY B 29 -30.88 15.54 5.54
CA GLY B 29 -29.72 14.77 5.16
C GLY B 29 -30.17 13.47 4.51
N ALA B 30 -29.59 13.14 3.37
CA ALA B 30 -29.85 11.86 2.73
C ALA B 30 -28.53 11.15 2.49
N GLY B 31 -27.69 11.15 3.51
CA GLY B 31 -26.39 10.51 3.46
C GLY B 31 -26.42 9.12 4.04
N GLN B 32 -25.24 8.66 4.49
CA GLN B 32 -25.08 7.27 4.89
C GLN B 32 -25.96 6.93 6.09
N LEU B 33 -26.09 7.85 7.05
CA LEU B 33 -26.87 7.54 8.24
C LEU B 33 -28.37 7.56 7.94
N ALA B 34 -28.82 8.45 7.07
CA ALA B 34 -30.22 8.46 6.69
C ALA B 34 -30.59 7.19 5.94
N PHE B 35 -29.70 6.73 5.06
CA PHE B 35 -29.97 5.48 4.35
C PHE B 35 -30.00 4.31 5.32
N ALA B 36 -29.04 4.26 6.25
CA ALA B 36 -28.94 3.11 7.14
C ALA B 36 -30.16 3.01 8.04
N LEU B 37 -30.60 4.13 8.62
CA LEU B 37 -31.76 4.13 9.51
C LEU B 37 -33.03 3.79 8.72
N ALA B 38 -33.22 4.45 7.56
CA ALA B 38 -34.39 4.14 6.75
C ALA B 38 -34.44 2.67 6.35
N LYS B 39 -33.29 2.11 5.95
CA LYS B 39 -33.25 0.70 5.57
C LYS B 39 -33.57 -0.18 6.78
N GLY B 40 -32.96 0.12 7.93
CA GLY B 40 -33.22 -0.68 9.13
C GLY B 40 -34.68 -0.59 9.58
N PHE B 41 -35.24 0.64 9.58
CA PHE B 41 -36.61 0.83 10.02
C PHE B 41 -37.59 0.07 9.14
N THR B 42 -37.41 0.18 7.81
CA THR B 42 -38.35 -0.49 6.92
C THR B 42 -38.17 -2.00 6.96
N ALA B 43 -36.92 -2.48 7.10
CA ALA B 43 -36.68 -3.91 7.23
C ALA B 43 -37.27 -4.45 8.52
N ALA B 44 -37.30 -3.62 9.57
CA ALA B 44 -37.96 -4.03 10.79
C ALA B 44 -39.47 -4.03 10.66
N GLY B 45 -40.01 -3.37 9.62
CA GLY B 45 -41.44 -3.24 9.48
C GLY B 45 -42.10 -2.29 10.45
N VAL B 46 -41.33 -1.46 11.15
CA VAL B 46 -41.94 -0.53 12.09
C VAL B 46 -42.37 0.75 11.41
N LEU B 47 -41.86 1.03 10.21
CA LEU B 47 -42.29 2.15 9.40
C LEU B 47 -42.44 1.71 7.96
N ALA B 48 -43.50 2.20 7.33
CA ALA B 48 -43.65 2.06 5.88
C ALA B 48 -42.77 3.10 5.18
N ALA B 49 -42.13 2.68 4.08
CA ALA B 49 -41.21 3.56 3.39
C ALA B 49 -41.89 4.84 2.88
N HIS B 50 -43.16 4.77 2.49
CA HIS B 50 -43.84 5.96 2.01
C HIS B 50 -44.11 6.98 3.11
N LYS B 51 -43.99 6.59 4.39
CA LYS B 51 -44.10 7.52 5.52
C LYS B 51 -42.76 8.18 5.85
N ILE B 52 -41.75 7.99 5.02
CA ILE B 52 -40.42 8.54 5.25
C ILE B 52 -40.13 9.55 4.14
N MET B 53 -39.60 10.70 4.53
CA MET B 53 -39.15 11.71 3.58
C MET B 53 -37.74 12.12 3.96
N ALA B 54 -36.89 12.36 2.97
CA ALA B 54 -35.52 12.80 3.19
C ALA B 54 -35.21 13.97 2.28
N SER B 55 -34.43 14.92 2.79
CA SER B 55 -34.00 16.07 2.02
C SER B 55 -32.48 16.11 1.99
N SER B 56 -31.93 16.46 0.83
CA SER B 56 -30.48 16.51 0.65
C SER B 56 -30.14 17.68 -0.26
N PRO B 57 -29.02 18.36 0.01
CA PRO B 57 -28.57 19.39 -0.93
C PRO B 57 -28.08 18.82 -2.26
N ASP B 58 -27.64 17.57 -2.30
CA ASP B 58 -27.10 16.95 -3.51
C ASP B 58 -27.82 15.65 -3.78
N MET B 59 -28.38 15.52 -4.99
CA MET B 59 -29.21 14.38 -5.37
C MET B 59 -28.46 13.30 -6.13
N ASP B 60 -27.24 13.58 -6.60
CA ASP B 60 -26.46 12.60 -7.36
C ASP B 60 -25.68 11.64 -6.47
N LEU B 61 -26.04 11.54 -5.20
CA LEU B 61 -25.41 10.60 -4.29
C LEU B 61 -25.96 9.20 -4.53
N ALA B 62 -25.09 8.19 -4.40
CA ALA B 62 -25.54 6.81 -4.51
C ALA B 62 -26.59 6.51 -3.45
N THR B 63 -26.44 7.09 -2.26
CA THR B 63 -27.42 6.88 -1.19
C THR B 63 -28.78 7.47 -1.52
N VAL B 64 -28.83 8.45 -2.43
CA VAL B 64 -30.12 9.06 -2.78
C VAL B 64 -30.88 8.19 -3.79
N SER B 65 -30.18 7.61 -4.77
CA SER B 65 -30.86 6.72 -5.70
C SER B 65 -31.36 5.46 -5.02
N ALA B 66 -30.64 4.98 -4.01
CA ALA B 66 -31.09 3.82 -3.25
C ALA B 66 -32.34 4.15 -2.42
N LEU B 67 -32.38 5.34 -1.83
CA LEU B 67 -33.57 5.75 -1.10
C LEU B 67 -34.78 5.80 -2.00
N ARG B 68 -34.61 6.26 -3.25
CA ARG B 68 -35.72 6.29 -4.19
C ARG B 68 -36.31 4.89 -4.39
N LYS B 69 -35.45 3.90 -4.60
CA LYS B 69 -35.92 2.55 -4.92
C LYS B 69 -36.66 1.92 -3.75
N MET B 70 -36.29 2.30 -2.52
CA MET B 70 -36.98 1.83 -1.32
C MET B 70 -38.41 2.36 -1.23
N GLY B 71 -38.71 3.44 -1.93
CA GLY B 71 -39.99 4.11 -1.79
C GLY B 71 -39.98 5.33 -0.89
N VAL B 72 -38.80 5.76 -0.44
CA VAL B 72 -38.70 6.96 0.40
C VAL B 72 -38.89 8.20 -0.47
N LYS B 73 -39.65 9.18 0.03
CA LYS B 73 -39.88 10.41 -0.71
C LYS B 73 -38.68 11.34 -0.54
N LEU B 74 -38.14 11.83 -1.66
CA LEU B 74 -36.97 12.69 -1.62
C LEU B 74 -37.33 14.08 -2.14
N THR B 75 -36.80 15.10 -1.48
CA THR B 75 -37.08 16.49 -1.81
C THR B 75 -35.81 17.30 -1.62
N PRO B 76 -35.61 18.35 -2.42
CA PRO B 76 -34.47 19.24 -2.17
C PRO B 76 -34.74 20.30 -1.10
N HIS B 77 -35.97 20.39 -0.59
CA HIS B 77 -36.39 21.47 0.29
C HIS B 77 -36.52 20.96 1.71
N ASN B 78 -35.68 21.48 2.62
CA ASN B 78 -35.75 21.05 4.02
C ASN B 78 -37.10 21.39 4.65
N LYS B 79 -37.74 22.49 4.23
CA LYS B 79 -39.02 22.87 4.79
C LYS B 79 -40.09 21.81 4.55
N GLU B 80 -40.12 21.22 3.35
CA GLU B 80 -41.11 20.19 3.06
C GLU B 80 -40.94 18.97 3.97
N THR B 81 -39.68 18.60 4.26
CA THR B 81 -39.44 17.49 5.19
C THR B 81 -40.02 17.79 6.57
N VAL B 82 -39.85 19.02 7.07
CA VAL B 82 -40.39 19.39 8.38
C VAL B 82 -41.92 19.28 8.37
N GLN B 83 -42.55 19.85 7.36
CA GLN B 83 -44.01 19.87 7.31
C GLN B 83 -44.59 18.47 7.12
N HIS B 84 -43.83 17.56 6.55
CA HIS B 84 -44.26 16.17 6.39
C HIS B 84 -44.10 15.37 7.66
N SER B 85 -43.15 15.73 8.51
CA SER B 85 -42.67 14.81 9.54
C SER B 85 -43.28 15.08 10.91
N ASP B 86 -43.34 14.01 11.71
CA ASP B 86 -43.59 14.09 13.15
C ASP B 86 -42.30 13.95 13.93
N VAL B 87 -41.50 12.94 13.59
CA VAL B 87 -40.16 12.78 14.14
C VAL B 87 -39.16 13.22 13.08
N LEU B 88 -38.27 14.14 13.44
CA LEU B 88 -37.33 14.76 12.51
C LEU B 88 -35.91 14.40 12.94
N PHE B 89 -35.22 13.61 12.11
CA PHE B 89 -33.82 13.29 12.36
C PHE B 89 -32.94 14.31 11.64
N LEU B 90 -32.00 14.90 12.37
CA LEU B 90 -30.97 15.74 11.78
C LEU B 90 -29.76 14.84 11.54
N ALA B 91 -29.55 14.46 10.29
CA ALA B 91 -28.49 13.52 9.95
C ALA B 91 -27.54 14.15 8.96
N VAL B 92 -27.06 15.35 9.29
CA VAL B 92 -26.14 16.08 8.43
C VAL B 92 -24.86 16.33 9.21
N LYS B 93 -23.87 16.87 8.50
CA LYS B 93 -22.56 17.17 9.08
C LYS B 93 -22.76 18.04 10.32
N PRO B 94 -21.90 17.93 11.33
CA PRO B 94 -22.09 18.73 12.54
C PRO B 94 -22.05 20.23 12.30
N HIS B 95 -21.08 20.73 11.53
CA HIS B 95 -20.87 22.17 11.42
C HIS B 95 -21.99 22.90 10.68
N ILE B 96 -22.88 22.19 9.99
CA ILE B 96 -23.97 22.84 9.26
C ILE B 96 -25.29 22.83 10.03
N ILE B 97 -25.41 22.02 11.08
CA ILE B 97 -26.60 21.97 11.94
C ILE B 97 -27.06 23.39 12.30
N PRO B 98 -26.17 24.33 12.67
CA PRO B 98 -26.66 25.70 12.96
C PRO B 98 -27.35 26.39 11.79
N PHE B 99 -26.93 26.14 10.55
CA PHE B 99 -27.61 26.78 9.42
C PHE B 99 -28.97 26.14 9.17
N ILE B 100 -29.07 24.82 9.37
CA ILE B 100 -30.36 24.14 9.23
C ILE B 100 -31.35 24.70 10.24
N LEU B 101 -30.91 24.87 11.49
CA LEU B 101 -31.82 25.35 12.52
C LEU B 101 -32.37 26.72 12.18
N ASP B 102 -31.51 27.62 11.67
CA ASP B 102 -31.99 28.92 11.25
C ASP B 102 -32.98 28.79 10.10
N GLU B 103 -32.78 27.79 9.23
CA GLU B 103 -33.60 27.67 8.03
C GLU B 103 -34.99 27.13 8.33
N ILE B 104 -35.12 26.15 9.23
CA ILE B 104 -36.42 25.54 9.48
C ILE B 104 -36.95 25.83 10.88
N GLY B 105 -36.24 26.63 11.68
CA GLY B 105 -36.72 26.92 13.02
C GLY B 105 -38.15 27.41 13.06
N ALA B 106 -38.53 28.30 12.14
CA ALA B 106 -39.88 28.85 12.16
C ALA B 106 -40.94 27.82 11.79
N ASP B 107 -40.54 26.68 11.23
CA ASP B 107 -41.48 25.64 10.82
C ASP B 107 -41.58 24.51 11.84
N ILE B 108 -40.82 24.58 12.94
CA ILE B 108 -40.97 23.58 14.00
C ILE B 108 -42.27 23.85 14.74
N GLU B 109 -43.08 22.80 14.88
CA GLU B 109 -44.38 22.88 15.53
C GLU B 109 -44.33 22.11 16.84
N ASP B 110 -45.40 22.27 17.62
CA ASP B 110 -45.47 21.58 18.90
C ASP B 110 -45.47 20.06 18.73
N ARG B 111 -45.94 19.56 17.59
CA ARG B 111 -45.98 18.11 17.38
C ARG B 111 -44.60 17.49 17.18
N HIS B 112 -43.58 18.31 16.89
CA HIS B 112 -42.30 17.76 16.43
C HIS B 112 -41.44 17.25 17.57
N ILE B 113 -40.78 16.12 17.33
CA ILE B 113 -39.63 15.69 18.11
C ILE B 113 -38.42 15.82 17.20
N VAL B 114 -37.46 16.66 17.59
CA VAL B 114 -36.23 16.84 16.83
C VAL B 114 -35.16 15.90 17.40
N VAL B 115 -34.67 14.99 16.57
CA VAL B 115 -33.66 14.00 16.98
C VAL B 115 -32.36 14.31 16.25
N SER B 116 -31.37 14.80 16.98
CA SER B 116 -30.10 15.13 16.37
C SER B 116 -29.16 13.94 16.48
N CYS B 117 -28.64 13.49 15.33
CA CYS B 117 -27.66 12.43 15.29
C CYS B 117 -26.24 12.93 15.07
N ALA B 118 -26.07 14.25 14.90
CA ALA B 118 -24.74 14.79 14.64
C ALA B 118 -23.83 14.58 15.83
N ALA B 119 -22.61 14.12 15.55
CA ALA B 119 -21.62 13.91 16.60
C ALA B 119 -21.26 15.24 17.27
N GLY B 120 -21.23 15.24 18.60
CA GLY B 120 -20.74 16.38 19.34
C GLY B 120 -21.75 17.50 19.55
N VAL B 121 -22.76 17.62 18.69
CA VAL B 121 -23.70 18.74 18.78
C VAL B 121 -24.56 18.58 20.03
N THR B 122 -24.49 19.55 20.93
CA THR B 122 -25.13 19.45 22.23
C THR B 122 -26.61 19.80 22.16
N ILE B 123 -27.38 19.20 23.09
CA ILE B 123 -28.79 19.53 23.23
C ILE B 123 -28.97 21.02 23.47
N SER B 124 -28.11 21.60 24.31
CA SER B 124 -28.28 23.00 24.65
C SER B 124 -28.13 23.89 23.43
N SER B 125 -27.19 23.58 22.53
CA SER B 125 -27.04 24.40 21.32
C SER B 125 -28.28 24.33 20.44
N ILE B 126 -28.87 23.14 20.28
CA ILE B 126 -30.06 23.01 19.46
C ILE B 126 -31.23 23.76 20.08
N GLU B 127 -31.43 23.58 21.39
CA GLU B 127 -32.57 24.20 22.05
C GLU B 127 -32.45 25.73 22.05
N LYS B 128 -31.23 26.24 22.17
CA LYS B 128 -31.03 27.70 22.15
C LYS B 128 -31.47 28.27 20.80
N LYS B 129 -31.11 27.60 19.70
CA LYS B 129 -31.50 28.09 18.39
C LYS B 129 -33.00 27.97 18.18
N LEU B 130 -33.58 26.80 18.51
CA LEU B 130 -35.00 26.58 18.24
C LEU B 130 -35.89 27.39 19.18
N SER B 131 -35.42 27.68 20.40
CA SER B 131 -36.23 28.45 21.34
C SER B 131 -36.46 29.88 20.85
N ALA B 132 -35.60 30.39 19.98
CA ALA B 132 -35.82 31.71 19.41
C ALA B 132 -37.13 31.82 18.65
N PHE B 133 -37.66 30.69 18.16
CA PHE B 133 -38.87 30.65 17.35
C PHE B 133 -40.11 30.23 18.13
N ARG B 134 -40.02 29.16 18.91
CA ARG B 134 -41.15 28.60 19.65
C ARG B 134 -40.58 28.05 20.95
N PRO B 135 -41.23 28.29 22.10
CA PRO B 135 -40.51 28.24 23.38
C PRO B 135 -40.05 26.87 23.87
N ALA B 136 -40.77 25.78 23.62
CA ALA B 136 -40.43 24.49 24.23
C ALA B 136 -40.15 23.40 23.18
N PRO B 137 -39.06 23.53 22.42
CA PRO B 137 -38.76 22.49 21.42
C PRO B 137 -38.42 21.17 22.10
N ARG B 138 -38.94 20.09 21.55
CA ARG B 138 -38.70 18.74 22.07
C ARG B 138 -37.50 18.17 21.34
N VAL B 139 -36.39 18.00 22.05
CA VAL B 139 -35.12 17.65 21.45
C VAL B 139 -34.60 16.38 22.09
N ILE B 140 -34.10 15.47 21.27
CA ILE B 140 -33.40 14.28 21.74
C ILE B 140 -32.08 14.24 20.98
N ARG B 141 -31.01 13.86 21.68
CA ARG B 141 -29.71 13.70 21.07
C ARG B 141 -29.37 12.21 21.03
N CYS B 142 -28.93 11.71 19.88
CA CYS B 142 -28.57 10.29 19.86
C CYS B 142 -27.23 10.09 19.16
N MET B 143 -26.63 8.94 19.44
CA MET B 143 -25.43 8.49 18.75
C MET B 143 -25.73 7.06 18.36
N THR B 144 -25.79 6.80 17.07
CA THR B 144 -26.05 5.47 16.56
C THR B 144 -24.91 5.11 15.62
N ASN B 145 -25.05 4.02 14.87
CA ASN B 145 -23.95 3.63 14.01
C ASN B 145 -24.50 2.89 12.80
N THR B 146 -23.63 2.65 11.81
CA THR B 146 -24.12 2.16 10.53
C THR B 146 -24.75 0.77 10.58
N PRO B 147 -24.37 -0.14 11.53
CA PRO B 147 -25.01 -1.46 11.53
C PRO B 147 -26.51 -1.47 11.81
N VAL B 148 -27.14 -0.32 12.07
CA VAL B 148 -28.60 -0.34 12.06
C VAL B 148 -29.13 -0.86 10.72
N VAL B 149 -28.30 -0.79 9.67
CA VAL B 149 -28.74 -1.23 8.34
C VAL B 149 -29.01 -2.74 8.32
N VAL B 150 -28.36 -3.50 9.20
CA VAL B 150 -28.66 -4.92 9.37
C VAL B 150 -29.33 -5.19 10.71
N ARG B 151 -29.93 -4.15 11.31
CA ARG B 151 -30.67 -4.24 12.56
C ARG B 151 -29.79 -4.75 13.72
N GLU B 152 -28.50 -4.42 13.69
CA GLU B 152 -27.61 -4.71 14.81
C GLU B 152 -26.84 -3.47 15.22
N GLY B 153 -27.49 -2.31 15.20
CA GLY B 153 -26.82 -1.10 15.61
C GLY B 153 -26.63 -1.05 17.12
N ALA B 154 -25.92 0.00 17.54
CA ALA B 154 -25.72 0.31 18.94
C ALA B 154 -26.06 1.79 19.05
N THR B 155 -27.10 2.11 19.81
CA THR B 155 -27.61 3.48 19.88
C THR B 155 -27.75 3.90 21.34
N VAL B 156 -27.29 5.11 21.66
CA VAL B 156 -27.66 5.73 22.93
C VAL B 156 -28.36 7.03 22.63
N TYR B 157 -29.16 7.49 23.59
CA TYR B 157 -29.84 8.77 23.42
C TYR B 157 -29.93 9.48 24.77
N ALA B 158 -30.10 10.80 24.70
CA ALA B 158 -30.35 11.62 25.88
C ALA B 158 -31.51 12.55 25.57
N THR B 159 -32.37 12.79 26.55
CA THR B 159 -33.56 13.61 26.32
C THR B 159 -33.28 15.06 26.74
N GLY B 160 -33.90 15.98 26.01
CA GLY B 160 -33.72 17.40 26.27
C GLY B 160 -34.65 17.92 27.33
N THR B 161 -34.52 19.24 27.57
CA THR B 161 -35.23 19.93 28.64
C THR B 161 -36.75 19.78 28.50
N HIS B 162 -37.28 19.89 27.28
CA HIS B 162 -38.72 19.91 27.08
C HIS B 162 -39.24 18.63 26.46
N ALA B 163 -38.40 17.61 26.35
CA ALA B 163 -38.87 16.31 25.90
C ALA B 163 -39.81 15.72 26.94
N GLN B 164 -40.98 15.28 26.51
CA GLN B 164 -41.88 14.61 27.44
C GLN B 164 -41.36 13.20 27.74
N VAL B 165 -41.85 12.64 28.86
CA VAL B 165 -41.40 11.31 29.26
C VAL B 165 -41.75 10.29 28.19
N GLU B 166 -42.83 10.53 27.45
CA GLU B 166 -43.20 9.62 26.37
C GLU B 166 -42.28 9.74 25.15
N ASP B 167 -41.60 10.89 24.96
CA ASP B 167 -40.71 11.03 23.81
C ASP B 167 -39.51 10.10 23.93
N GLY B 168 -38.91 10.02 25.13
CA GLY B 168 -37.81 9.10 25.33
C GLY B 168 -38.22 7.66 25.08
N ARG B 169 -39.39 7.27 25.59
CA ARG B 169 -39.88 5.90 25.38
C ARG B 169 -40.16 5.64 23.90
N LEU B 170 -40.73 6.62 23.19
CA LEU B 170 -40.95 6.44 21.76
C LEU B 170 -39.62 6.28 21.02
N MET B 171 -38.66 7.13 21.35
CA MET B 171 -37.32 7.04 20.78
C MET B 171 -36.72 5.66 21.02
N GLU B 172 -36.81 5.16 22.25
CA GLU B 172 -36.20 3.88 22.57
C GLU B 172 -36.91 2.75 21.84
N GLN B 173 -38.23 2.80 21.75
CA GLN B 173 -38.95 1.78 20.99
C GLN B 173 -38.52 1.78 19.53
N LEU B 174 -38.40 2.97 18.94
CA LEU B 174 -38.08 3.04 17.52
C LEU B 174 -36.66 2.55 17.24
N LEU B 175 -35.68 3.01 18.02
CA LEU B 175 -34.31 2.61 17.76
C LEU B 175 -33.99 1.20 18.22
N SER B 176 -34.74 0.67 19.20
CA SER B 176 -34.57 -0.73 19.58
C SER B 176 -34.96 -1.69 18.45
N SER B 177 -35.73 -1.24 17.47
CA SER B 177 -36.07 -2.13 16.36
C SER B 177 -34.90 -2.39 15.45
N VAL B 178 -33.84 -1.59 15.54
CA VAL B 178 -32.71 -1.74 14.64
C VAL B 178 -31.41 -1.98 15.41
N GLY B 179 -31.47 -2.32 16.69
CA GLY B 179 -30.27 -2.67 17.43
C GLY B 179 -30.44 -2.48 18.93
N PHE B 180 -29.30 -2.48 19.62
CA PHE B 180 -29.30 -2.12 21.03
C PHE B 180 -29.58 -0.64 21.17
N CYS B 181 -30.38 -0.28 22.18
CA CYS B 181 -30.66 1.14 22.44
C CYS B 181 -30.87 1.36 23.93
N THR B 182 -30.24 2.40 24.47
CA THR B 182 -30.43 2.70 25.89
C THR B 182 -30.26 4.19 26.12
N GLU B 183 -30.92 4.69 27.15
CA GLU B 183 -30.81 6.10 27.52
C GLU B 183 -29.54 6.32 28.33
N VAL B 184 -28.85 7.43 28.06
CA VAL B 184 -27.69 7.83 28.85
C VAL B 184 -27.83 9.30 29.20
N GLU B 185 -27.03 9.72 30.18
CA GLU B 185 -26.78 11.14 30.40
C GLU B 185 -26.01 11.71 29.21
N GLU B 186 -26.31 12.96 28.86
CA GLU B 186 -25.71 13.55 27.67
C GLU B 186 -24.18 13.61 27.76
N ASP B 187 -23.62 13.76 28.96
CA ASP B 187 -22.17 13.90 29.03
C ASP B 187 -21.42 12.59 28.74
N LEU B 188 -22.12 11.48 28.49
CA LEU B 188 -21.46 10.25 28.04
C LEU B 188 -21.41 10.13 26.52
N ILE B 189 -22.12 10.99 25.77
CA ILE B 189 -22.33 10.65 24.36
C ILE B 189 -21.04 10.80 23.56
N ASP B 190 -20.18 11.75 23.91
CA ASP B 190 -18.92 11.87 23.18
C ASP B 190 -18.06 10.62 23.34
N ALA B 191 -18.02 10.05 24.55
CA ALA B 191 -17.29 8.79 24.77
C ALA B 191 -17.93 7.64 23.99
N VAL B 192 -19.27 7.59 23.97
CA VAL B 192 -19.94 6.57 23.16
C VAL B 192 -19.53 6.72 21.69
N THR B 193 -19.42 7.97 21.21
CA THR B 193 -19.02 8.21 19.82
C THR B 193 -17.68 7.53 19.52
N GLY B 194 -16.70 7.65 20.43
CA GLY B 194 -15.41 7.02 20.16
C GLY B 194 -15.43 5.52 20.25
N LEU B 195 -16.44 4.94 20.89
CA LEU B 195 -16.48 3.50 21.11
C LEU B 195 -17.41 2.83 20.10
N SER B 196 -18.72 3.01 20.22
CA SER B 196 -19.61 2.31 19.27
C SER B 196 -19.94 3.13 18.02
N GLY B 197 -19.80 4.46 18.07
CA GLY B 197 -20.01 5.23 16.86
C GLY B 197 -18.95 4.97 15.81
N SER B 198 -17.68 5.17 16.19
CA SER B 198 -16.54 4.87 15.33
C SER B 198 -16.20 3.39 15.29
N GLY B 199 -16.68 2.62 16.28
CA GLY B 199 -16.34 1.21 16.40
C GLY B 199 -16.36 0.36 15.14
N PRO B 200 -17.42 0.45 14.33
CA PRO B 200 -17.48 -0.38 13.12
C PRO B 200 -16.31 -0.17 12.19
N ALA B 201 -15.79 1.06 12.11
CA ALA B 201 -14.63 1.31 11.27
C ALA B 201 -13.39 0.61 11.82
N TYR B 202 -13.24 0.54 13.15
CA TYR B 202 -12.14 -0.24 13.71
C TYR B 202 -12.27 -1.69 13.30
N ALA B 203 -13.51 -2.21 13.34
CA ALA B 203 -13.74 -3.61 12.95
C ALA B 203 -13.48 -3.83 11.47
N PHE B 204 -13.89 -2.91 10.60
CA PHE B 204 -13.63 -3.11 9.17
C PHE B 204 -12.13 -3.11 8.87
N THR B 205 -11.38 -2.20 9.49
CA THR B 205 -9.93 -2.22 9.40
C THR B 205 -9.37 -3.57 9.87
N ALA B 206 -9.83 -4.04 11.03
CA ALA B 206 -9.32 -5.31 11.58
C ALA B 206 -9.64 -6.47 10.66
N LEU B 207 -10.85 -6.47 10.07
CA LEU B 207 -11.25 -7.58 9.20
C LEU B 207 -10.44 -7.59 7.91
N ASP B 208 -10.16 -6.42 7.35
CA ASP B 208 -9.30 -6.34 6.17
C ASP B 208 -7.93 -6.93 6.47
N ALA B 209 -7.37 -6.56 7.62
CA ALA B 209 -6.03 -7.00 8.00
C ALA B 209 -6.00 -8.49 8.31
N LEU B 210 -7.04 -8.99 9.01
CA LEU B 210 -7.11 -10.43 9.27
C LEU B 210 -7.18 -11.21 7.96
N ALA B 211 -7.97 -10.72 7.02
CA ALA B 211 -8.05 -11.42 5.73
C ALA B 211 -6.70 -11.39 5.02
N ASP B 212 -5.98 -10.26 5.09
CA ASP B 212 -4.63 -10.20 4.55
C ASP B 212 -3.74 -11.27 5.18
N GLY B 213 -3.86 -11.46 6.51
CA GLY B 213 -3.07 -12.50 7.16
C GLY B 213 -3.43 -13.90 6.69
N GLY B 214 -4.74 -14.18 6.55
CA GLY B 214 -5.16 -15.45 5.98
C GLY B 214 -4.61 -15.68 4.58
N VAL B 215 -4.66 -14.65 3.75
CA VAL B 215 -4.11 -14.76 2.40
C VAL B 215 -2.59 -15.00 2.44
N LYS B 216 -1.88 -14.30 3.34
CA LYS B 216 -0.44 -14.54 3.44
C LYS B 216 -0.16 -16.01 3.74
N MET B 217 -0.96 -16.62 4.61
CA MET B 217 -0.76 -18.02 4.98
C MET B 217 -1.44 -19.01 4.03
N GLY B 218 -2.01 -18.58 2.90
CA GLY B 218 -2.38 -19.50 1.83
C GLY B 218 -3.86 -19.63 1.53
N LEU B 219 -4.74 -18.89 2.23
CA LEU B 219 -6.17 -18.97 1.99
C LEU B 219 -6.59 -18.09 0.82
N PRO B 220 -7.60 -18.50 0.05
CA PRO B 220 -8.18 -17.58 -0.93
C PRO B 220 -8.82 -16.40 -0.22
N ARG B 221 -8.80 -15.24 -0.89
CA ARG B 221 -9.26 -14.01 -0.26
C ARG B 221 -10.72 -14.10 0.18
N ARG B 222 -11.59 -14.62 -0.70
CA ARG B 222 -13.01 -14.69 -0.35
C ARG B 222 -13.25 -15.54 0.90
N LEU B 223 -12.58 -16.68 1.01
CA LEU B 223 -12.72 -17.50 2.21
C LEU B 223 -12.15 -16.81 3.44
N ALA B 224 -11.01 -16.15 3.29
CA ALA B 224 -10.40 -15.49 4.44
C ALA B 224 -11.31 -14.37 4.98
N VAL B 225 -11.96 -13.64 4.08
CA VAL B 225 -12.88 -12.58 4.50
C VAL B 225 -14.06 -13.17 5.27
N ARG B 226 -14.62 -14.27 4.74
CA ARG B 226 -15.79 -14.89 5.36
CA ARG B 226 -15.78 -14.90 5.36
C ARG B 226 -15.44 -15.46 6.73
N LEU B 227 -14.32 -16.19 6.84
CA LEU B 227 -13.92 -16.77 8.11
C LEU B 227 -13.62 -15.70 9.15
N GLY B 228 -12.89 -14.65 8.76
CA GLY B 228 -12.56 -13.61 9.72
C GLY B 228 -13.79 -12.90 10.25
N ALA B 229 -14.73 -12.57 9.36
CA ALA B 229 -15.96 -11.90 9.78
C ALA B 229 -16.80 -12.81 10.67
N GLN B 230 -16.87 -14.10 10.34
CA GLN B 230 -17.67 -15.01 11.15
C GLN B 230 -17.04 -15.21 12.53
N ALA B 231 -15.70 -15.23 12.60
CA ALA B 231 -15.02 -15.32 13.89
C ALA B 231 -15.36 -14.14 14.78
N LEU B 232 -15.32 -12.93 14.22
CA LEU B 232 -15.59 -11.76 15.03
CA LEU B 232 -15.62 -11.72 14.99
C LEU B 232 -17.07 -11.71 15.43
N LEU B 233 -17.98 -12.06 14.52
CA LEU B 233 -19.39 -12.08 14.86
C LEU B 233 -19.66 -13.07 15.97
N GLY B 234 -19.10 -14.27 15.87
CA GLY B 234 -19.36 -15.28 16.88
C GLY B 234 -18.78 -14.89 18.23
N ALA B 235 -17.57 -14.33 18.23
CA ALA B 235 -16.94 -13.92 19.49
C ALA B 235 -17.75 -12.81 20.15
N ALA B 236 -18.21 -11.84 19.36
CA ALA B 236 -19.01 -10.76 19.94
C ALA B 236 -20.30 -11.30 20.53
N LYS B 237 -20.97 -12.23 19.82
CA LYS B 237 -22.20 -12.82 20.36
C LYS B 237 -21.93 -13.61 21.64
N MET B 238 -20.83 -14.37 21.68
CA MET B 238 -20.46 -15.08 22.90
C MET B 238 -20.37 -14.13 24.08
N LEU B 239 -19.69 -12.99 23.89
CA LEU B 239 -19.53 -12.04 24.98
C LEU B 239 -20.86 -11.44 25.39
N LEU B 240 -21.70 -11.08 24.40
CA LEU B 240 -23.00 -10.51 24.73
C LEU B 240 -23.90 -11.52 25.46
N HIS B 241 -23.72 -12.82 25.22
CA HIS B 241 -24.59 -13.82 25.84
C HIS B 241 -23.95 -14.48 27.05
N SER B 242 -22.75 -14.06 27.44
CA SER B 242 -22.05 -14.57 28.60
C SER B 242 -22.05 -13.53 29.71
N GLU B 243 -22.06 -14.00 30.95
CA GLU B 243 -21.80 -13.12 32.08
C GLU B 243 -20.31 -13.05 32.41
N GLN B 244 -19.46 -13.66 31.61
CA GLN B 244 -18.04 -13.75 31.93
C GLN B 244 -17.26 -12.57 31.37
N HIS B 245 -16.16 -12.27 32.03
CA HIS B 245 -15.24 -11.23 31.59
C HIS B 245 -14.59 -11.63 30.26
N PRO B 246 -14.35 -10.67 29.36
CA PRO B 246 -13.65 -11.05 28.10
C PRO B 246 -12.30 -11.70 28.34
N GLY B 247 -11.58 -11.31 29.40
CA GLY B 247 -10.35 -12.02 29.72
C GLY B 247 -10.57 -13.48 30.07
N GLN B 248 -11.68 -13.78 30.74
CA GLN B 248 -12.00 -15.18 31.02
C GLN B 248 -12.33 -15.93 29.73
N LEU B 249 -13.06 -15.31 28.81
CA LEU B 249 -13.33 -16.00 27.55
C LEU B 249 -12.03 -16.24 26.79
N LYS B 250 -11.13 -15.24 26.80
CA LYS B 250 -9.82 -15.40 26.17
C LYS B 250 -9.07 -16.58 26.77
N ASP B 251 -9.13 -16.73 28.10
CA ASP B 251 -8.44 -17.84 28.76
C ASP B 251 -9.01 -19.19 28.32
N ASN B 252 -10.32 -19.26 28.09
CA ASN B 252 -10.96 -20.51 27.66
C ASN B 252 -10.49 -20.95 26.29
N VAL B 253 -10.14 -20.00 25.42
CA VAL B 253 -9.72 -20.33 24.08
C VAL B 253 -8.27 -20.77 24.01
N SER B 254 -7.42 -20.35 24.96
CA SER B 254 -5.97 -20.42 24.81
C SER B 254 -5.45 -21.66 25.53
N SER B 255 -5.29 -22.74 24.78
CA SER B 255 -4.72 -23.95 25.36
C SER B 255 -3.23 -23.78 25.62
N PRO B 256 -2.68 -24.45 26.64
CA PRO B 256 -1.27 -24.24 26.99
C PRO B 256 -0.34 -24.63 25.85
N GLY B 257 0.65 -23.77 25.59
CA GLY B 257 1.63 -23.99 24.54
C GLY B 257 1.08 -23.91 23.12
N GLY B 258 -0.20 -23.56 22.95
CA GLY B 258 -0.87 -23.72 21.68
C GLY B 258 -0.77 -22.53 20.74
N ALA B 259 -1.46 -22.67 19.60
CA ALA B 259 -1.39 -21.67 18.54
C ALA B 259 -1.91 -20.31 18.99
N THR B 260 -3.03 -20.31 19.70
CA THR B 260 -3.68 -19.04 20.06
C THR B 260 -2.83 -18.22 21.01
N ILE B 261 -2.27 -18.85 22.05
CA ILE B 261 -1.46 -18.06 23.00
C ILE B 261 -0.21 -17.53 22.32
N HIS B 262 0.34 -18.25 21.32
CA HIS B 262 1.46 -17.70 20.56
C HIS B 262 1.04 -16.45 19.80
N ALA B 263 -0.14 -16.47 19.17
CA ALA B 263 -0.62 -15.28 18.46
C ALA B 263 -0.92 -14.14 19.42
N LEU B 264 -1.51 -14.43 20.58
CA LEU B 264 -1.80 -13.33 21.53
C LEU B 264 -0.52 -12.65 21.96
N HIS B 265 0.58 -13.39 22.09
CA HIS B 265 1.84 -12.76 22.48
C HIS B 265 2.27 -11.74 21.44
N VAL B 266 2.15 -12.06 20.14
CA VAL B 266 2.63 -11.07 19.18
C VAL B 266 1.71 -9.85 19.16
N LEU B 267 0.40 -10.03 19.43
CA LEU B 267 -0.48 -8.87 19.60
C LEU B 267 0.00 -8.00 20.76
N GLU B 268 0.31 -8.62 21.91
CA GLU B 268 0.74 -7.83 23.07
C GLU B 268 2.05 -7.12 22.77
N SER B 269 2.96 -7.76 22.03
CA SER B 269 4.26 -7.16 21.79
C SER B 269 4.17 -5.90 20.94
N GLY B 270 3.13 -5.77 20.14
CA GLY B 270 2.88 -4.57 19.36
C GLY B 270 2.03 -3.54 20.09
N GLY B 271 1.62 -3.81 21.32
CA GLY B 271 0.74 -2.86 22.02
C GLY B 271 -0.65 -2.75 21.42
N PHE B 272 -1.18 -3.85 20.88
CA PHE B 272 -2.53 -3.94 20.31
C PHE B 272 -3.61 -3.30 21.19
N ARG B 273 -3.62 -3.64 22.48
CA ARG B 273 -4.63 -3.06 23.38
C ARG B 273 -4.53 -1.54 23.42
N SER B 274 -3.31 -1.01 23.57
CA SER B 274 -3.13 0.44 23.64
C SER B 274 -3.59 1.14 22.37
N LEU B 275 -3.46 0.49 21.20
CA LEU B 275 -3.90 1.16 19.97
C LEU B 275 -5.41 1.37 19.98
N LEU B 276 -6.15 0.37 20.48
CA LEU B 276 -7.60 0.51 20.53
C LEU B 276 -8.01 1.53 21.58
N ILE B 277 -7.32 1.57 22.72
CA ILE B 277 -7.57 2.67 23.68
C ILE B 277 -7.27 4.02 23.03
N ASN B 278 -6.14 4.12 22.31
CA ASN B 278 -5.80 5.37 21.63
C ASN B 278 -6.90 5.82 20.68
N ALA B 279 -7.49 4.85 19.96
CA ALA B 279 -8.53 5.14 18.96
C ALA B 279 -9.79 5.70 19.62
N VAL B 280 -10.29 5.00 20.65
CA VAL B 280 -11.49 5.50 21.35
C VAL B 280 -11.26 6.92 21.87
N GLU B 281 -10.09 7.15 22.48
CA GLU B 281 -9.72 8.46 23.00
C GLU B 281 -9.66 9.51 21.89
N ALA B 282 -9.02 9.15 20.76
CA ALA B 282 -8.87 10.11 19.67
C ALA B 282 -10.23 10.48 19.09
N SER B 283 -11.12 9.50 18.91
CA SER B 283 -12.43 9.81 18.35
C SER B 283 -13.25 10.68 19.31
N CYS B 284 -13.23 10.32 20.60
CA CYS B 284 -13.90 11.13 21.62
C CYS B 284 -13.35 12.56 21.69
N ILE B 285 -12.02 12.72 21.69
CA ILE B 285 -11.42 14.04 21.79
C ILE B 285 -11.75 14.89 20.56
N ARG B 286 -11.69 14.29 19.36
CA ARG B 286 -12.08 15.06 18.18
C ARG B 286 -13.55 15.48 18.26
N THR B 287 -14.41 14.60 18.78
CA THR B 287 -15.82 14.95 18.93
C THR B 287 -16.00 16.17 19.83
N ARG B 288 -15.29 16.20 20.97
CA ARG B 288 -15.34 17.36 21.86
C ARG B 288 -14.80 18.61 21.18
N GLU B 289 -13.72 18.44 20.43
CA GLU B 289 -13.09 19.54 19.70
C GLU B 289 -14.05 20.16 18.69
N LEU B 290 -14.74 19.32 17.92
CA LEU B 290 -15.67 19.83 16.93
C LEU B 290 -16.73 20.71 17.58
N GLN B 291 -17.27 20.26 18.72
CA GLN B 291 -18.29 21.09 19.36
C GLN B 291 -17.69 22.36 19.94
N SER B 292 -16.48 22.29 20.47
CA SER B 292 -15.87 23.50 21.02
C SER B 292 -15.58 24.51 19.92
N MET B 293 -15.14 24.05 18.75
CA MET B 293 -14.95 24.96 17.62
C MET B 293 -16.29 25.54 17.16
N ALA B 294 -17.36 24.74 17.22
CA ALA B 294 -18.68 25.24 16.84
C ALA B 294 -19.14 26.33 17.79
N ASP B 295 -19.01 26.10 19.10
CA ASP B 295 -19.47 27.08 20.08
C ASP B 295 -18.68 28.38 20.02
N GLN B 296 -17.41 28.32 19.60
CA GLN B 296 -16.65 29.55 19.39
C GLN B 296 -17.28 30.45 18.35
N GLU B 297 -17.93 29.87 17.34
CA GLU B 297 -18.64 30.65 16.33
C GLU B 297 -20.09 30.92 16.77
N MET C 23 -2.65 -15.57 -36.45
CA MET C 23 -2.11 -16.07 -35.19
C MET C 23 -3.17 -16.22 -34.09
N SER C 24 -3.07 -17.33 -33.34
CA SER C 24 -4.01 -17.69 -32.30
C SER C 24 -3.30 -17.70 -30.96
N VAL C 25 -3.98 -17.24 -29.91
CA VAL C 25 -3.46 -17.17 -28.55
C VAL C 25 -4.37 -17.97 -27.64
N GLY C 26 -3.76 -18.77 -26.76
CA GLY C 26 -4.49 -19.52 -25.76
C GLY C 26 -4.06 -19.16 -24.36
N PHE C 27 -5.01 -19.22 -23.43
CA PHE C 27 -4.72 -19.07 -22.01
C PHE C 27 -5.11 -20.36 -21.29
N ILE C 28 -4.16 -20.97 -20.59
CA ILE C 28 -4.46 -22.02 -19.63
C ILE C 28 -4.50 -21.34 -18.27
N GLY C 29 -5.70 -21.20 -17.71
CA GLY C 29 -5.92 -20.30 -16.61
C GLY C 29 -6.87 -19.19 -17.00
N ALA C 30 -7.79 -18.83 -16.11
CA ALA C 30 -8.72 -17.74 -16.36
C ALA C 30 -8.82 -16.82 -15.15
N GLY C 31 -7.72 -16.72 -14.40
CA GLY C 31 -7.66 -15.82 -13.27
C GLY C 31 -7.47 -14.38 -13.71
N GLN C 32 -7.11 -13.54 -12.73
CA GLN C 32 -7.07 -12.10 -12.97
C GLN C 32 -6.04 -11.73 -14.04
N LEU C 33 -4.89 -12.40 -14.06
CA LEU C 33 -3.84 -12.05 -15.02
C LEU C 33 -4.21 -12.49 -16.43
N ALA C 34 -4.77 -13.69 -16.59
CA ALA C 34 -5.23 -14.12 -17.90
C ALA C 34 -6.35 -13.20 -18.41
N PHE C 35 -7.27 -12.83 -17.54
CA PHE C 35 -8.34 -11.91 -17.96
C PHE C 35 -7.77 -10.57 -18.38
N ALA C 36 -6.80 -10.06 -17.62
CA ALA C 36 -6.22 -8.75 -17.93
C ALA C 36 -5.50 -8.76 -19.27
N LEU C 37 -4.73 -9.83 -19.54
CA LEU C 37 -4.05 -9.95 -20.84
C LEU C 37 -5.06 -10.10 -21.97
N ALA C 38 -6.08 -10.93 -21.80
CA ALA C 38 -7.07 -11.08 -22.85
C ALA C 38 -7.81 -9.76 -23.11
N LYS C 39 -8.11 -9.02 -22.05
CA LYS C 39 -8.80 -7.73 -22.26
C LYS C 39 -7.88 -6.73 -22.94
N GLY C 40 -6.63 -6.63 -22.48
CA GLY C 40 -5.69 -5.71 -23.09
C GLY C 40 -5.40 -6.04 -24.55
N PHE C 41 -5.22 -7.33 -24.86
CA PHE C 41 -4.97 -7.71 -26.25
C PHE C 41 -6.14 -7.34 -27.13
N THR C 42 -7.36 -7.50 -26.63
CA THR C 42 -8.51 -7.21 -27.47
C THR C 42 -8.70 -5.71 -27.65
N ALA C 43 -8.50 -4.93 -26.58
CA ALA C 43 -8.51 -3.47 -26.70
C ALA C 43 -7.41 -2.98 -27.63
N ALA C 44 -6.29 -3.69 -27.69
CA ALA C 44 -5.20 -3.30 -28.58
C ALA C 44 -5.51 -3.63 -30.03
N GLY C 45 -6.46 -4.51 -30.30
CA GLY C 45 -6.73 -4.92 -31.67
C GLY C 45 -5.58 -5.61 -32.36
N VAL C 46 -4.63 -6.19 -31.61
CA VAL C 46 -3.53 -6.88 -32.27
C VAL C 46 -3.94 -8.27 -32.73
N LEU C 47 -5.05 -8.78 -32.22
CA LEU C 47 -5.69 -9.97 -32.77
C LEU C 47 -7.14 -9.94 -32.35
N ALA C 48 -8.00 -10.48 -33.22
CA ALA C 48 -9.41 -10.57 -32.91
C ALA C 48 -9.63 -11.51 -31.71
N ALA C 49 -10.63 -11.18 -30.90
CA ALA C 49 -10.88 -11.95 -29.68
C ALA C 49 -11.31 -13.38 -29.98
N HIS C 50 -11.94 -13.62 -31.13
CA HIS C 50 -12.28 -14.99 -31.52
C HIS C 50 -11.03 -15.82 -31.82
N LYS C 51 -9.86 -15.18 -31.91
CA LYS C 51 -8.58 -15.86 -31.97
C LYS C 51 -8.00 -16.16 -30.58
N ILE C 52 -8.71 -15.79 -29.51
CA ILE C 52 -8.28 -16.07 -28.15
C ILE C 52 -9.18 -17.15 -27.56
N MET C 53 -8.56 -18.13 -26.91
CA MET C 53 -9.27 -19.16 -26.18
C MET C 53 -8.70 -19.25 -24.78
N ALA C 54 -9.57 -19.50 -23.81
CA ALA C 54 -9.16 -19.62 -22.41
C ALA C 54 -9.81 -20.87 -21.81
N SER C 55 -9.06 -21.58 -20.98
CA SER C 55 -9.56 -22.79 -20.36
C SER C 55 -9.34 -22.76 -18.87
N SER C 56 -10.35 -23.19 -18.13
CA SER C 56 -10.35 -23.27 -16.69
C SER C 56 -11.35 -24.35 -16.30
N PRO C 57 -11.09 -25.11 -15.23
CA PRO C 57 -12.06 -26.10 -14.77
C PRO C 57 -13.10 -25.53 -13.83
N ASP C 58 -12.98 -24.25 -13.44
CA ASP C 58 -13.76 -23.67 -12.36
C ASP C 58 -14.16 -22.23 -12.66
N MET C 59 -14.23 -21.86 -13.94
CA MET C 59 -14.38 -20.46 -14.31
C MET C 59 -15.65 -19.88 -13.69
N ASP C 60 -15.49 -18.77 -12.97
CA ASP C 60 -16.63 -18.11 -12.36
C ASP C 60 -17.51 -17.46 -13.42
N LEU C 61 -18.82 -17.36 -13.10
CA LEU C 61 -19.79 -16.88 -14.08
C LEU C 61 -19.49 -15.45 -14.52
N ALA C 62 -18.87 -14.64 -13.65
CA ALA C 62 -18.54 -13.26 -14.01
C ALA C 62 -17.44 -13.22 -15.06
N THR C 63 -16.39 -14.02 -14.87
CA THR C 63 -15.31 -14.06 -15.86
C THR C 63 -15.78 -14.71 -17.15
N VAL C 64 -16.62 -15.74 -17.05
CA VAL C 64 -17.13 -16.40 -18.25
C VAL C 64 -18.03 -15.45 -19.03
N SER C 65 -18.88 -14.69 -18.32
CA SER C 65 -19.75 -13.74 -19.01
C SER C 65 -18.96 -12.62 -19.66
N ALA C 66 -18.00 -12.04 -18.94
CA ALA C 66 -17.21 -10.95 -19.49
C ALA C 66 -16.36 -11.41 -20.67
N LEU C 67 -15.71 -12.57 -20.53
CA LEU C 67 -14.92 -13.10 -21.64
C LEU C 67 -15.79 -13.42 -22.84
N ARG C 68 -16.97 -14.03 -22.61
CA ARG C 68 -17.84 -14.36 -23.72
C ARG C 68 -18.38 -13.10 -24.40
N LYS C 69 -18.75 -12.09 -23.61
CA LYS C 69 -19.17 -10.81 -24.18
C LYS C 69 -18.00 -10.10 -24.85
N MET C 70 -16.76 -10.50 -24.55
CA MET C 70 -15.57 -9.96 -25.18
C MET C 70 -15.27 -10.60 -26.52
N GLY C 71 -15.89 -11.75 -26.79
CA GLY C 71 -15.58 -12.53 -27.97
C GLY C 71 -14.57 -13.65 -27.75
N VAL C 72 -14.13 -13.88 -26.51
CA VAL C 72 -13.13 -14.91 -26.24
C VAL C 72 -13.79 -16.27 -26.14
N LYS C 73 -13.28 -17.25 -26.88
CA LYS C 73 -13.77 -18.61 -26.79
C LYS C 73 -13.43 -19.23 -25.44
N LEU C 74 -14.33 -20.05 -24.91
CA LEU C 74 -14.18 -20.64 -23.59
C LEU C 74 -14.38 -22.15 -23.67
N THR C 75 -13.59 -22.88 -22.89
CA THR C 75 -13.67 -24.34 -22.86
C THR C 75 -13.14 -24.81 -21.51
N PRO C 76 -13.61 -25.95 -21.01
CA PRO C 76 -13.04 -26.52 -19.78
C PRO C 76 -11.84 -27.41 -20.01
N HIS C 77 -11.50 -27.71 -21.26
CA HIS C 77 -10.49 -28.70 -21.60
C HIS C 77 -9.22 -28.01 -22.08
N ASN C 78 -8.16 -28.09 -21.26
CA ASN C 78 -6.86 -27.54 -21.64
C ASN C 78 -6.37 -28.10 -22.97
N LYS C 79 -6.72 -29.35 -23.28
CA LYS C 79 -6.31 -29.93 -24.56
C LYS C 79 -6.89 -29.14 -25.73
N GLU C 80 -8.14 -28.68 -25.61
CA GLU C 80 -8.72 -27.90 -26.69
C GLU C 80 -8.01 -26.57 -26.87
N THR C 81 -7.58 -25.95 -25.77
CA THR C 81 -6.83 -24.69 -25.86
C THR C 81 -5.53 -24.91 -26.62
N VAL C 82 -4.78 -25.95 -26.25
CA VAL C 82 -3.51 -26.24 -26.92
C VAL C 82 -3.73 -26.44 -28.41
N GLN C 83 -4.73 -27.25 -28.77
CA GLN C 83 -4.97 -27.55 -30.17
C GLN C 83 -5.43 -26.31 -30.94
N HIS C 84 -6.07 -25.36 -30.25
CA HIS C 84 -6.48 -24.11 -30.86
C HIS C 84 -5.33 -23.11 -31.03
N SER C 85 -4.28 -23.20 -30.23
CA SER C 85 -3.39 -22.06 -30.02
C SER C 85 -2.03 -22.24 -30.70
N ASP C 86 -1.45 -21.11 -31.10
CA ASP C 86 -0.06 -20.98 -31.52
C ASP C 86 0.82 -20.53 -30.36
N VAL C 87 0.42 -19.45 -29.70
CA VAL C 87 1.07 -18.96 -28.50
C VAL C 87 0.22 -19.36 -27.30
N LEU C 88 0.83 -20.05 -26.34
CA LEU C 88 0.11 -20.62 -25.20
C LEU C 88 0.62 -20.00 -23.91
N PHE C 89 -0.24 -19.21 -23.24
CA PHE C 89 0.08 -18.60 -21.97
C PHE C 89 -0.32 -19.52 -20.83
N LEU C 90 0.61 -19.76 -19.92
CA LEU C 90 0.33 -20.55 -18.72
C LEU C 90 0.13 -19.54 -17.59
N ALA C 91 -1.13 -19.31 -17.23
CA ALA C 91 -1.45 -18.30 -16.23
C ALA C 91 -2.22 -18.94 -15.09
N VAL C 92 -1.57 -19.88 -14.40
CA VAL C 92 -2.14 -20.58 -13.27
C VAL C 92 -1.20 -20.38 -12.08
N LYS C 93 -1.62 -20.86 -10.92
CA LYS C 93 -0.77 -20.76 -9.74
C LYS C 93 0.46 -21.66 -9.93
N PRO C 94 1.60 -21.28 -9.35
CA PRO C 94 2.86 -22.00 -9.61
C PRO C 94 2.79 -23.51 -9.40
N HIS C 95 2.20 -23.96 -8.30
CA HIS C 95 2.18 -25.39 -8.01
C HIS C 95 1.32 -26.18 -8.99
N ILE C 96 0.42 -25.51 -9.71
CA ILE C 96 -0.41 -26.21 -10.69
C ILE C 96 0.35 -26.49 -11.98
N ILE C 97 1.49 -25.82 -12.19
CA ILE C 97 2.19 -25.95 -13.47
C ILE C 97 2.59 -27.38 -13.79
N PRO C 98 3.28 -28.13 -12.91
CA PRO C 98 3.68 -29.50 -13.29
C PRO C 98 2.52 -30.38 -13.71
N PHE C 99 1.33 -30.16 -13.15
CA PHE C 99 0.18 -30.97 -13.54
C PHE C 99 -0.29 -30.62 -14.94
N ILE C 100 -0.31 -29.32 -15.28
CA ILE C 100 -0.68 -28.89 -16.62
C ILE C 100 0.27 -29.48 -17.64
N LEU C 101 1.59 -29.35 -17.38
CA LEU C 101 2.58 -29.80 -18.34
C LEU C 101 2.46 -31.30 -18.60
N ASP C 102 2.19 -32.09 -17.55
CA ASP C 102 1.95 -33.51 -17.75
C ASP C 102 0.66 -33.76 -18.53
N GLU C 103 -0.33 -32.87 -18.40
CA GLU C 103 -1.59 -33.08 -19.09
C GLU C 103 -1.47 -32.74 -20.57
N ILE C 104 -0.85 -31.60 -20.89
CA ILE C 104 -0.79 -31.15 -22.28
C ILE C 104 0.49 -31.54 -22.99
N GLY C 105 1.49 -32.05 -22.26
CA GLY C 105 2.82 -32.23 -22.83
C GLY C 105 2.83 -33.01 -24.14
N ALA C 106 1.99 -34.04 -24.22
CA ALA C 106 1.94 -34.83 -25.44
C ALA C 106 1.28 -34.09 -26.59
N ASP C 107 0.56 -33.01 -26.31
CA ASP C 107 -0.14 -32.23 -27.32
C ASP C 107 0.65 -31.03 -27.81
N ILE C 108 1.81 -30.76 -27.20
CA ILE C 108 2.67 -29.67 -27.64
C ILE C 108 3.31 -30.04 -28.98
N GLU C 109 3.05 -29.25 -30.01
CA GLU C 109 3.61 -29.43 -31.33
C GLU C 109 4.79 -28.49 -31.54
N ASP C 110 5.46 -28.65 -32.69
CA ASP C 110 6.60 -27.80 -32.99
C ASP C 110 6.19 -26.33 -33.16
N ARG C 111 4.96 -26.07 -33.61
CA ARG C 111 4.52 -24.70 -33.84
C ARG C 111 4.33 -23.91 -32.55
N HIS C 112 4.23 -24.58 -31.40
CA HIS C 112 3.82 -23.90 -30.18
C HIS C 112 4.96 -23.09 -29.58
N ILE C 113 4.62 -21.90 -29.10
CA ILE C 113 5.45 -21.16 -28.16
C ILE C 113 4.74 -21.18 -26.82
N VAL C 114 5.40 -21.73 -25.81
CA VAL C 114 4.83 -21.81 -24.46
C VAL C 114 5.37 -20.64 -23.64
N VAL C 115 4.45 -19.76 -23.19
CA VAL C 115 4.80 -18.58 -22.41
C VAL C 115 4.30 -18.80 -20.99
N SER C 116 5.23 -18.93 -20.05
CA SER C 116 4.87 -19.13 -18.65
C SER C 116 4.82 -17.80 -17.92
N CYS C 117 3.67 -17.51 -17.29
CA CYS C 117 3.53 -16.37 -16.39
C CYS C 117 3.50 -16.78 -14.92
N ALA C 118 3.56 -18.07 -14.62
CA ALA C 118 3.42 -18.55 -13.25
C ALA C 118 4.60 -18.10 -12.41
N ALA C 119 4.29 -17.64 -11.19
CA ALA C 119 5.26 -16.98 -10.33
C ALA C 119 6.39 -17.94 -9.95
N GLY C 120 7.62 -17.52 -10.22
CA GLY C 120 8.77 -18.31 -9.79
C GLY C 120 9.01 -19.59 -10.55
N VAL C 121 8.24 -19.91 -11.57
CA VAL C 121 8.48 -21.14 -12.32
C VAL C 121 9.58 -20.91 -13.33
N THR C 122 10.65 -21.71 -13.25
CA THR C 122 11.84 -21.50 -14.04
C THR C 122 11.70 -22.12 -15.45
N ILE C 123 12.42 -21.53 -16.41
CA ILE C 123 12.46 -22.10 -17.76
C ILE C 123 12.95 -23.54 -17.67
N SER C 124 13.86 -23.82 -16.75
CA SER C 124 14.42 -25.16 -16.62
C SER C 124 13.36 -26.18 -16.23
N SER C 125 12.53 -25.85 -15.24
CA SER C 125 11.51 -26.82 -14.82
C SER C 125 10.48 -27.06 -15.92
N ILE C 126 10.22 -26.06 -16.76
CA ILE C 126 9.24 -26.27 -17.84
C ILE C 126 9.86 -27.13 -18.94
N GLU C 127 11.07 -26.78 -19.37
CA GLU C 127 11.69 -27.53 -20.45
C GLU C 127 11.95 -28.96 -20.05
N LYS C 128 12.29 -29.20 -18.78
CA LYS C 128 12.56 -30.57 -18.33
C LYS C 128 11.33 -31.45 -18.48
N LYS C 129 10.17 -30.92 -18.06
CA LYS C 129 8.90 -31.60 -18.19
C LYS C 129 8.50 -31.81 -19.64
N LEU C 130 8.49 -30.73 -20.44
CA LEU C 130 8.03 -30.84 -21.81
C LEU C 130 8.96 -31.69 -22.66
N SER C 131 10.25 -31.66 -22.36
CA SER C 131 11.21 -32.40 -23.18
C SER C 131 11.00 -33.92 -23.10
N ALA C 132 10.28 -34.41 -22.09
CA ALA C 132 9.97 -35.83 -22.03
C ALA C 132 9.05 -36.28 -23.16
N PHE C 133 8.32 -35.36 -23.78
CA PHE C 133 7.37 -35.69 -24.83
C PHE C 133 7.91 -35.41 -26.23
N ARG C 134 8.58 -34.27 -26.40
CA ARG C 134 9.09 -33.82 -27.68
C ARG C 134 10.32 -32.98 -27.35
N PRO C 135 11.41 -33.11 -28.11
CA PRO C 135 12.74 -32.74 -27.56
C PRO C 135 13.07 -31.25 -27.48
N ALA C 136 12.46 -30.38 -28.29
CA ALA C 136 12.87 -28.97 -28.35
C ALA C 136 11.70 -28.02 -28.11
N PRO C 137 11.07 -28.07 -26.92
CA PRO C 137 9.97 -27.14 -26.65
C PRO C 137 10.43 -25.69 -26.61
N ARG C 138 9.65 -24.80 -27.22
CA ARG C 138 9.98 -23.38 -27.29
C ARG C 138 9.29 -22.69 -26.12
N VAL C 139 10.07 -22.26 -25.13
CA VAL C 139 9.54 -21.75 -23.87
C VAL C 139 10.02 -20.33 -23.67
N ILE C 140 9.10 -19.45 -23.23
CA ILE C 140 9.44 -18.10 -22.83
C ILE C 140 8.87 -17.89 -21.44
N ARG C 141 9.64 -17.22 -20.58
CA ARG C 141 9.20 -16.92 -19.23
C ARG C 141 8.89 -15.43 -19.17
N CYS C 142 7.71 -15.12 -18.62
CA CYS C 142 7.14 -13.77 -18.62
C CYS C 142 6.89 -13.30 -17.20
N MET C 143 7.11 -12.00 -16.96
CA MET C 143 6.78 -11.36 -15.70
C MET C 143 6.02 -10.10 -16.11
N THR C 144 4.69 -10.13 -15.98
CA THR C 144 3.87 -9.01 -16.38
C THR C 144 2.99 -8.61 -15.19
N ASN C 145 2.12 -7.62 -15.37
CA ASN C 145 1.34 -7.18 -14.24
C ASN C 145 -0.06 -6.79 -14.69
N THR C 146 -0.94 -6.55 -13.73
CA THR C 146 -2.36 -6.40 -14.01
CA THR C 146 -2.36 -6.40 -14.01
C THR C 146 -2.68 -5.18 -14.86
N PRO C 147 -1.92 -4.05 -14.77
CA PRO C 147 -2.28 -2.90 -15.62
C PRO C 147 -2.22 -3.14 -17.11
N VAL C 148 -1.83 -4.35 -17.59
CA VAL C 148 -2.04 -4.60 -19.01
C VAL C 148 -3.51 -4.45 -19.38
N VAL C 149 -4.41 -4.51 -18.39
CA VAL C 149 -5.84 -4.43 -18.64
C VAL C 149 -6.21 -3.05 -19.16
N VAL C 150 -5.45 -2.01 -18.81
CA VAL C 150 -5.64 -0.67 -19.36
C VAL C 150 -4.49 -0.32 -20.32
N ARG C 151 -3.81 -1.34 -20.83
CA ARG C 151 -2.71 -1.21 -21.78
C ARG C 151 -1.57 -0.33 -21.25
N GLU C 152 -1.30 -0.41 -19.95
CA GLU C 152 -0.16 0.26 -19.35
C GLU C 152 0.63 -0.69 -18.47
N GLY C 153 0.78 -1.93 -18.93
CA GLY C 153 1.52 -2.90 -18.15
C GLY C 153 3.01 -2.68 -18.21
N ALA C 154 3.72 -3.42 -17.36
CA ALA C 154 5.17 -3.48 -17.39
C ALA C 154 5.54 -4.95 -17.46
N THR C 155 6.21 -5.34 -18.54
CA THR C 155 6.50 -6.75 -18.80
C THR C 155 7.97 -6.93 -19.11
N VAL C 156 8.57 -8.00 -18.58
CA VAL C 156 9.85 -8.47 -19.07
C VAL C 156 9.68 -9.93 -19.42
N TYR C 157 10.57 -10.43 -20.27
CA TYR C 157 10.53 -11.83 -20.67
C TYR C 157 11.94 -12.33 -20.83
N ALA C 158 12.10 -13.64 -20.64
CA ALA C 158 13.37 -14.32 -20.90
C ALA C 158 13.09 -15.50 -21.81
N THR C 159 13.97 -15.73 -22.78
CA THR C 159 13.79 -16.77 -23.78
C THR C 159 14.50 -18.05 -23.35
N GLY C 160 13.89 -19.20 -23.66
CA GLY C 160 14.44 -20.49 -23.28
C GLY C 160 15.45 -21.02 -24.28
N THR C 161 15.92 -22.24 -24.00
CA THR C 161 17.00 -22.85 -24.77
C THR C 161 16.66 -23.01 -26.25
N HIS C 162 15.42 -23.39 -26.55
CA HIS C 162 15.03 -23.71 -27.92
C HIS C 162 14.13 -22.63 -28.54
N ALA C 163 13.94 -21.52 -27.84
CA ALA C 163 13.21 -20.39 -28.43
C ALA C 163 14.04 -19.78 -29.54
N GLN C 164 13.47 -19.72 -30.74
CA GLN C 164 14.18 -19.11 -31.84
C GLN C 164 14.20 -17.59 -31.67
N VAL C 165 15.12 -16.94 -32.38
CA VAL C 165 15.26 -15.49 -32.21
C VAL C 165 13.97 -14.79 -32.59
N GLU C 166 13.26 -15.29 -33.61
CA GLU C 166 11.98 -14.71 -33.99
C GLU C 166 10.90 -14.89 -32.93
N ASP C 167 11.02 -15.88 -32.04
CA ASP C 167 10.04 -16.06 -30.96
C ASP C 167 10.11 -14.93 -29.95
N GLY C 168 11.31 -14.51 -29.57
CA GLY C 168 11.42 -13.39 -28.66
C GLY C 168 10.87 -12.11 -29.27
N ARG C 169 11.14 -11.90 -30.57
CA ARG C 169 10.63 -10.71 -31.25
C ARG C 169 9.11 -10.71 -31.28
N LEU C 170 8.50 -11.88 -31.54
CA LEU C 170 7.05 -12.01 -31.56
C LEU C 170 6.45 -11.74 -30.18
N MET C 171 7.09 -12.27 -29.13
CA MET C 171 6.64 -12.00 -27.77
CA MET C 171 6.55 -11.99 -27.81
C MET C 171 6.69 -10.51 -27.45
N GLU C 172 7.80 -9.87 -27.83
CA GLU C 172 7.97 -8.46 -27.52
C GLU C 172 6.93 -7.61 -28.25
N GLN C 173 6.65 -7.92 -29.52
CA GLN C 173 5.63 -7.17 -30.24
C GLN C 173 4.26 -7.38 -29.62
N LEU C 174 3.95 -8.61 -29.24
CA LEU C 174 2.67 -8.90 -28.60
C LEU C 174 2.53 -8.17 -27.26
N LEU C 175 3.51 -8.30 -26.37
CA LEU C 175 3.35 -7.67 -25.07
C LEU C 175 3.55 -6.16 -25.10
N SER C 176 4.22 -5.63 -26.13
CA SER C 176 4.33 -4.18 -26.27
C SER C 176 3.00 -3.51 -26.59
N SER C 177 2.02 -4.27 -27.08
CA SER C 177 0.72 -3.68 -27.40
C SER C 177 -0.10 -3.38 -26.15
N VAL C 178 0.27 -3.94 -25.00
CA VAL C 178 -0.43 -3.70 -23.74
C VAL C 178 0.47 -3.04 -22.68
N GLY C 179 1.61 -2.51 -23.07
CA GLY C 179 2.44 -1.76 -22.13
C GLY C 179 3.91 -1.78 -22.52
N PHE C 180 4.75 -1.47 -21.53
CA PHE C 180 6.20 -1.57 -21.70
C PHE C 180 6.62 -3.04 -21.71
N CYS C 181 7.59 -3.36 -22.57
CA CYS C 181 8.09 -4.74 -22.65
C CYS C 181 9.56 -4.73 -23.06
N THR C 182 10.38 -5.53 -22.37
CA THR C 182 11.77 -5.68 -22.79
C THR C 182 12.30 -7.04 -22.35
N GLU C 183 13.33 -7.51 -23.05
CA GLU C 183 13.94 -8.79 -22.72
C GLU C 183 14.94 -8.64 -21.57
N VAL C 184 14.97 -9.64 -20.69
CA VAL C 184 15.97 -9.70 -19.63
C VAL C 184 16.52 -11.12 -19.55
N GLU C 185 17.68 -11.24 -18.88
CA GLU C 185 18.15 -12.55 -18.44
C GLU C 185 17.20 -13.12 -17.41
N GLU C 186 17.04 -14.44 -17.40
CA GLU C 186 16.07 -15.05 -16.50
C GLU C 186 16.37 -14.74 -15.04
N ASP C 187 17.65 -14.56 -14.69
CA ASP C 187 17.97 -14.37 -13.27
C ASP C 187 17.59 -12.98 -12.75
N LEU C 188 17.08 -12.09 -13.59
CA LEU C 188 16.53 -10.82 -13.09
C LEU C 188 15.04 -10.86 -12.85
N ILE C 189 14.34 -11.94 -13.22
CA ILE C 189 12.88 -11.91 -13.18
C ILE C 189 12.36 -11.87 -11.74
N ASP C 190 13.07 -12.50 -10.80
CA ASP C 190 12.68 -12.42 -9.39
C ASP C 190 12.71 -10.98 -8.89
N ALA C 191 13.74 -10.22 -9.26
CA ALA C 191 13.80 -8.81 -8.86
C ALA C 191 12.70 -8.00 -9.53
N VAL C 192 12.43 -8.25 -10.82
CA VAL C 192 11.35 -7.53 -11.50
C VAL C 192 10.02 -7.83 -10.83
N THR C 193 9.82 -9.08 -10.40
CA THR C 193 8.60 -9.41 -9.66
C THR C 193 8.44 -8.50 -8.45
N GLY C 194 9.52 -8.28 -7.71
CA GLY C 194 9.43 -7.47 -6.50
C GLY C 194 9.16 -6.02 -6.78
N LEU C 195 9.55 -5.54 -7.96
CA LEU C 195 9.42 -4.14 -8.35
C LEU C 195 8.15 -3.90 -9.15
N SER C 196 8.06 -4.35 -10.41
CA SER C 196 6.86 -4.03 -11.18
C SER C 196 5.78 -5.10 -11.10
N GLY C 197 6.12 -6.34 -10.74
CA GLY C 197 5.09 -7.36 -10.57
C GLY C 197 4.20 -7.06 -9.38
N SER C 198 4.81 -6.80 -8.22
CA SER C 198 4.09 -6.44 -7.00
C SER C 198 3.78 -4.95 -6.94
N GLY C 199 4.49 -4.13 -7.71
CA GLY C 199 4.33 -2.69 -7.65
C GLY C 199 2.91 -2.16 -7.61
N PRO C 200 2.03 -2.63 -8.50
CA PRO C 200 0.67 -2.07 -8.48
C PRO C 200 -0.02 -2.22 -7.14
N ALA C 201 0.25 -3.31 -6.40
CA ALA C 201 -0.31 -3.45 -5.06
C ALA C 201 0.23 -2.38 -4.11
N TYR C 202 1.53 -2.07 -4.20
CA TYR C 202 2.08 -0.99 -3.38
C TYR C 202 1.35 0.30 -3.68
N ALA C 203 1.11 0.55 -4.96
CA ALA C 203 0.42 1.77 -5.38
C ALA C 203 -1.01 1.80 -4.88
N PHE C 204 -1.73 0.67 -4.94
CA PHE C 204 -3.10 0.65 -4.44
C PHE C 204 -3.14 0.92 -2.94
N THR C 205 -2.18 0.33 -2.19
CA THR C 205 -2.06 0.62 -0.77
C THR C 205 -1.82 2.12 -0.53
N ALA C 206 -0.87 2.69 -1.27
CA ALA C 206 -0.54 4.11 -1.10
C ALA C 206 -1.72 5.01 -1.41
N LEU C 207 -2.50 4.66 -2.45
CA LEU C 207 -3.61 5.51 -2.87
C LEU C 207 -4.74 5.45 -1.84
N ASP C 208 -4.96 4.28 -1.25
CA ASP C 208 -5.93 4.14 -0.17
C ASP C 208 -5.53 5.03 1.02
N ALA C 209 -4.24 5.01 1.39
CA ALA C 209 -3.79 5.81 2.53
C ALA C 209 -3.79 7.30 2.20
N LEU C 210 -3.33 7.66 1.01
CA LEU C 210 -3.40 9.08 0.61
C LEU C 210 -4.83 9.60 0.66
N ALA C 211 -5.79 8.79 0.21
CA ALA C 211 -7.20 9.21 0.27
C ALA C 211 -7.65 9.36 1.72
N ASP C 212 -7.25 8.43 2.60
CA ASP C 212 -7.54 8.58 4.03
C ASP C 212 -6.97 9.89 4.56
N GLY C 213 -5.75 10.25 4.15
CA GLY C 213 -5.20 11.54 4.54
C GLY C 213 -6.05 12.71 4.07
N GLY C 214 -6.48 12.67 2.80
CA GLY C 214 -7.35 13.73 2.30
C GLY C 214 -8.65 13.83 3.07
N VAL C 215 -9.24 12.68 3.40
CA VAL C 215 -10.48 12.65 4.19
C VAL C 215 -10.23 13.24 5.59
N LYS C 216 -9.10 12.87 6.21
CA LYS C 216 -8.79 13.44 7.54
C LYS C 216 -8.75 14.95 7.48
N MET C 217 -8.25 15.52 6.38
CA MET C 217 -8.13 16.97 6.26
C MET C 217 -9.36 17.64 5.66
N GLY C 218 -10.45 16.90 5.43
CA GLY C 218 -11.73 17.52 5.12
C GLY C 218 -12.29 17.24 3.73
N LEU C 219 -11.59 16.42 2.89
CA LEU C 219 -12.06 16.15 1.53
C LEU C 219 -13.05 14.98 1.53
N PRO C 220 -14.05 15.03 0.66
CA PRO C 220 -14.88 13.84 0.44
C PRO C 220 -14.05 12.71 -0.14
N ARG C 221 -14.40 11.49 0.27
CA ARG C 221 -13.61 10.32 -0.11
CA ARG C 221 -13.64 10.31 -0.12
C ARG C 221 -13.48 10.21 -1.64
N ARG C 222 -14.59 10.34 -2.36
CA ARG C 222 -14.56 10.18 -3.81
C ARG C 222 -13.56 11.12 -4.46
N LEU C 223 -13.62 12.41 -4.10
CA LEU C 223 -12.67 13.39 -4.60
C LEU C 223 -11.23 13.08 -4.19
N ALA C 224 -11.04 12.66 -2.93
CA ALA C 224 -9.69 12.35 -2.46
C ALA C 224 -9.08 11.21 -3.28
N VAL C 225 -9.87 10.19 -3.58
CA VAL C 225 -9.35 9.04 -4.34
C VAL C 225 -8.92 9.49 -5.74
N ARG C 226 -9.77 10.28 -6.39
CA ARG C 226 -9.52 10.78 -7.74
CA ARG C 226 -9.51 10.78 -7.73
C ARG C 226 -8.26 11.64 -7.78
N LEU C 227 -8.13 12.59 -6.86
CA LEU C 227 -6.96 13.48 -6.86
C LEU C 227 -5.67 12.73 -6.58
N GLY C 228 -5.69 11.80 -5.61
CA GLY C 228 -4.49 11.05 -5.31
C GLY C 228 -4.05 10.19 -6.48
N ALA C 229 -5.01 9.55 -7.14
CA ALA C 229 -4.65 8.70 -8.28
C ALA C 229 -4.17 9.53 -9.45
N GLN C 230 -4.81 10.69 -9.68
CA GLN C 230 -4.34 11.58 -10.74
C GLN C 230 -2.95 12.11 -10.46
N ALA C 231 -2.65 12.39 -9.18
CA ALA C 231 -1.33 12.90 -8.82
C ALA C 231 -0.25 11.84 -9.06
N LEU C 232 -0.55 10.59 -8.71
CA LEU C 232 0.37 9.50 -8.95
C LEU C 232 0.59 9.28 -10.45
N LEU C 233 -0.51 9.24 -11.22
CA LEU C 233 -0.39 9.03 -12.66
C LEU C 233 0.43 10.13 -13.30
N GLY C 234 0.14 11.39 -12.96
CA GLY C 234 0.87 12.50 -13.55
C GLY C 234 2.35 12.47 -13.21
N ALA C 235 2.67 12.17 -11.95
CA ALA C 235 4.07 12.16 -11.53
C ALA C 235 4.83 11.05 -12.24
N ALA C 236 4.21 9.87 -12.36
CA ALA C 236 4.87 8.76 -13.06
C ALA C 236 5.09 9.10 -14.52
N LYS C 237 4.10 9.73 -15.17
CA LYS C 237 4.29 10.13 -16.55
C LYS C 237 5.39 11.19 -16.69
N MET C 238 5.46 12.14 -15.76
CA MET C 238 6.54 13.13 -15.81
C MET C 238 7.90 12.45 -15.81
N LEU C 239 8.09 11.48 -14.91
CA LEU C 239 9.37 10.80 -14.81
C LEU C 239 9.69 10.03 -16.09
N LEU C 240 8.70 9.31 -16.62
CA LEU C 240 8.91 8.55 -17.84
C LEU C 240 9.30 9.44 -19.02
N HIS C 241 8.76 10.65 -19.07
CA HIS C 241 9.01 11.54 -20.21
C HIS C 241 10.12 12.54 -19.93
N SER C 242 10.87 12.35 -18.86
CA SER C 242 11.94 13.25 -18.46
C SER C 242 13.25 12.49 -18.35
N GLU C 243 14.35 13.15 -18.70
CA GLU C 243 15.67 12.57 -18.50
C GLU C 243 16.23 12.85 -17.11
N GLN C 244 15.55 13.66 -16.31
CA GLN C 244 16.06 14.08 -15.02
C GLN C 244 15.86 12.99 -13.96
N HIS C 245 16.71 13.05 -12.95
CA HIS C 245 16.62 12.14 -11.81
C HIS C 245 15.36 12.44 -11.00
N PRO C 246 14.71 11.41 -10.44
CA PRO C 246 13.52 11.66 -9.61
C PRO C 246 13.78 12.59 -8.44
N GLY C 247 14.99 12.59 -7.90
CA GLY C 247 15.32 13.56 -6.86
C GLY C 247 15.34 14.98 -7.38
N GLN C 248 15.73 15.15 -8.65
CA GLN C 248 15.68 16.48 -9.25
C GLN C 248 14.25 16.94 -9.44
N LEU C 249 13.36 16.05 -9.88
CA LEU C 249 11.95 16.43 -10.02
C LEU C 249 11.34 16.75 -8.66
N LYS C 250 11.75 16.00 -7.63
CA LYS C 250 11.29 16.31 -6.27
C LYS C 250 11.79 17.68 -5.82
N ASP C 251 13.04 18.01 -6.13
CA ASP C 251 13.57 19.34 -5.81
C ASP C 251 12.75 20.43 -6.49
N ASN C 252 12.31 20.19 -7.74
CA ASN C 252 11.54 21.21 -8.46
C ASN C 252 10.16 21.45 -7.87
N VAL C 253 9.60 20.46 -7.17
CA VAL C 253 8.30 20.62 -6.54
C VAL C 253 8.39 21.40 -5.23
N SER C 254 9.51 21.30 -4.50
CA SER C 254 9.56 21.77 -3.10
C SER C 254 10.07 23.20 -3.04
N SER C 255 9.18 24.16 -2.83
CA SER C 255 9.62 25.51 -2.60
C SER C 255 10.17 25.69 -1.17
N PRO C 256 11.13 26.58 -0.98
CA PRO C 256 11.73 26.76 0.36
C PRO C 256 10.69 27.10 1.42
N GLY C 257 10.77 26.41 2.55
CA GLY C 257 9.87 26.65 3.67
C GLY C 257 8.44 26.19 3.47
N GLY C 258 8.13 25.57 2.33
CA GLY C 258 6.75 25.38 1.92
C GLY C 258 6.11 24.09 2.41
N ALA C 259 4.89 23.87 1.90
CA ALA C 259 4.08 22.74 2.38
C ALA C 259 4.70 21.41 1.98
N THR C 260 5.24 21.33 0.77
CA THR C 260 5.72 20.03 0.30
C THR C 260 6.96 19.58 1.06
N ILE C 261 7.93 20.49 1.29
CA ILE C 261 9.14 20.05 2.00
C ILE C 261 8.80 19.66 3.44
N HIS C 262 7.80 20.31 4.05
CA HIS C 262 7.35 19.88 5.38
C HIS C 262 6.80 18.47 5.34
N ALA C 263 6.04 18.14 4.30
CA ALA C 263 5.49 16.80 4.16
C ALA C 263 6.60 15.78 3.87
N LEU C 264 7.57 16.13 3.02
CA LEU C 264 8.65 15.18 2.76
C LEU C 264 9.42 14.85 4.03
N HIS C 265 9.57 15.80 4.94
CA HIS C 265 10.28 15.53 6.19
C HIS C 265 9.57 14.46 7.01
N VAL C 266 8.25 14.52 7.13
CA VAL C 266 7.58 13.50 7.93
C VAL C 266 7.65 12.13 7.25
N LEU C 267 7.66 12.08 5.91
CA LEU C 267 7.91 10.79 5.25
C LEU C 267 9.29 10.26 5.61
N GLU C 268 10.31 11.13 5.56
CA GLU C 268 11.67 10.69 5.90
C GLU C 268 11.76 10.21 7.35
N SER C 269 11.08 10.91 8.28
CA SER C 269 11.18 10.52 9.68
C SER C 269 10.61 9.13 9.94
N GLY C 270 9.66 8.68 9.14
CA GLY C 270 9.19 7.32 9.28
C GLY C 270 9.94 6.29 8.46
N GLY C 271 11.00 6.66 7.75
CA GLY C 271 11.72 5.65 6.97
C GLY C 271 10.97 5.18 5.74
N PHE C 272 10.18 6.08 5.14
CA PHE C 272 9.35 5.78 3.96
C PHE C 272 10.14 5.07 2.87
N ARG C 273 11.32 5.60 2.52
CA ARG C 273 12.12 4.98 1.46
C ARG C 273 12.50 3.55 1.84
N SER C 274 12.89 3.33 3.09
CA SER C 274 13.31 1.99 3.50
C SER C 274 12.16 0.98 3.43
N LEU C 275 10.92 1.42 3.68
CA LEU C 275 9.81 0.48 3.60
C LEU C 275 9.63 -0.02 2.18
N LEU C 276 9.74 0.87 1.18
CA LEU C 276 9.62 0.45 -0.21
C LEU C 276 10.78 -0.46 -0.63
N ILE C 277 11.99 -0.17 -0.15
CA ILE C 277 13.11 -1.10 -0.40
C ILE C 277 12.81 -2.45 0.24
N ASN C 278 12.32 -2.44 1.48
CA ASN C 278 11.98 -3.69 2.17
C ASN C 278 10.97 -4.50 1.37
N ALA C 279 9.99 -3.82 0.75
CA ALA C 279 8.92 -4.48 -0.01
C ALA C 279 9.46 -5.18 -1.24
N VAL C 280 10.23 -4.45 -2.07
CA VAL C 280 10.85 -5.06 -3.27
C VAL C 280 11.68 -6.28 -2.87
N GLU C 281 12.46 -6.14 -1.81
CA GLU C 281 13.29 -7.26 -1.35
C GLU C 281 12.44 -8.43 -0.87
N ALA C 282 11.40 -8.15 -0.07
CA ALA C 282 10.56 -9.23 0.45
C ALA C 282 9.87 -9.99 -0.68
N SER C 283 9.38 -9.27 -1.67
CA SER C 283 8.71 -9.91 -2.81
C SER C 283 9.69 -10.73 -3.64
N CYS C 284 10.87 -10.16 -3.91
CA CYS C 284 11.90 -10.89 -4.64
C CYS C 284 12.32 -12.17 -3.91
N ILE C 285 12.59 -12.05 -2.61
CA ILE C 285 13.02 -13.22 -1.83
C ILE C 285 11.94 -14.28 -1.78
N ARG C 286 10.67 -13.86 -1.64
CA ARG C 286 9.61 -14.86 -1.64
C ARG C 286 9.54 -15.57 -2.99
N THR C 287 9.75 -14.82 -4.09
CA THR C 287 9.74 -15.43 -5.42
C THR C 287 10.84 -16.47 -5.56
N ARG C 288 12.01 -16.19 -4.98
CA ARG C 288 13.09 -17.19 -4.99
C ARG C 288 12.72 -18.45 -4.20
N GLU C 289 12.04 -18.30 -3.07
CA GLU C 289 11.54 -19.45 -2.33
C GLU C 289 10.59 -20.29 -3.17
N LEU C 290 9.68 -19.64 -3.90
CA LEU C 290 8.83 -20.37 -4.83
C LEU C 290 9.64 -21.01 -5.97
N GLN C 291 10.73 -20.36 -6.42
CA GLN C 291 11.56 -20.96 -7.45
C GLN C 291 12.21 -22.25 -6.96
N SER C 292 12.56 -22.29 -5.68
CA SER C 292 13.29 -23.41 -5.09
C SER C 292 12.34 -24.52 -4.67
N MET C 293 11.45 -24.23 -3.71
CA MET C 293 10.54 -25.22 -3.16
C MET C 293 9.76 -25.94 -4.25
N ALA C 294 9.63 -25.32 -5.43
CA ALA C 294 9.12 -26.03 -6.59
C ALA C 294 9.97 -27.26 -6.90
N ASP C 295 11.29 -27.08 -6.98
CA ASP C 295 12.17 -28.11 -7.53
C ASP C 295 12.60 -29.15 -6.50
N GLN C 296 12.92 -28.73 -5.28
CA GLN C 296 13.36 -29.64 -4.21
C GLN C 296 12.29 -30.69 -3.90
N ASN D 17 -16.23 24.22 -25.91
CA ASN D 17 -17.55 24.77 -26.21
C ASN D 17 -17.49 26.29 -26.31
N LEU D 18 -16.58 26.90 -25.55
CA LEU D 18 -16.37 28.34 -25.60
C LEU D 18 -15.27 28.67 -26.60
N TYR D 19 -15.51 29.72 -27.40
CA TYR D 19 -14.51 30.20 -28.35
C TYR D 19 -13.54 31.12 -27.60
N PHE D 20 -12.33 30.62 -27.35
CA PHE D 20 -11.26 31.46 -26.80
C PHE D 20 -9.96 31.23 -27.56
N GLN D 21 -10.06 31.22 -28.88
CA GLN D 21 -8.88 31.35 -29.73
C GLN D 21 -8.38 32.78 -29.83
N SER D 22 -9.16 33.75 -29.33
CA SER D 22 -8.75 35.15 -29.25
C SER D 22 -8.34 35.55 -27.84
N MET D 23 -8.25 34.59 -26.92
CA MET D 23 -7.97 34.89 -25.52
C MET D 23 -6.48 35.05 -25.29
N SER D 24 -6.11 36.08 -24.53
CA SER D 24 -4.73 36.31 -24.14
C SER D 24 -4.54 35.92 -22.67
N VAL D 25 -3.43 35.25 -22.38
CA VAL D 25 -3.13 34.76 -21.04
C VAL D 25 -1.80 35.34 -20.57
N GLY D 26 -1.76 35.75 -19.33
CA GLY D 26 -0.55 36.30 -18.74
C GLY D 26 -0.18 35.54 -17.49
N PHE D 27 1.12 35.41 -17.27
CA PHE D 27 1.66 34.85 -16.04
C PHE D 27 2.47 35.93 -15.34
N ILE D 28 2.17 36.16 -14.07
CA ILE D 28 3.02 36.98 -13.21
C ILE D 28 3.81 36.02 -12.34
N GLY D 29 5.12 35.98 -12.57
CA GLY D 29 5.95 34.86 -12.18
C GLY D 29 6.29 34.04 -13.41
N ALA D 30 7.55 33.69 -13.59
CA ALA D 30 7.98 32.85 -14.70
C ALA D 30 8.76 31.64 -14.19
N GLY D 31 8.26 31.03 -13.12
CA GLY D 31 8.91 29.90 -12.50
C GLY D 31 8.37 28.58 -12.98
N GLN D 32 8.53 27.55 -12.13
CA GLN D 32 8.13 26.20 -12.49
C GLN D 32 6.67 26.11 -12.90
N LEU D 33 5.79 26.80 -12.16
CA LEU D 33 4.36 26.66 -12.44
C LEU D 33 3.97 27.35 -13.75
N ALA D 34 4.53 28.52 -14.02
CA ALA D 34 4.23 29.21 -15.27
C ALA D 34 4.72 28.41 -16.47
N PHE D 35 5.95 27.88 -16.40
CA PHE D 35 6.42 27.04 -17.48
C PHE D 35 5.51 25.84 -17.67
N ALA D 36 5.15 25.17 -16.57
CA ALA D 36 4.39 23.94 -16.66
C ALA D 36 3.03 24.17 -17.29
N LEU D 37 2.33 25.24 -16.87
CA LEU D 37 1.04 25.55 -17.48
C LEU D 37 1.19 25.98 -18.93
N ALA D 38 2.17 26.84 -19.23
CA ALA D 38 2.33 27.31 -20.60
C ALA D 38 2.70 26.18 -21.55
N LYS D 39 3.57 25.27 -21.10
CA LYS D 39 3.89 24.13 -21.96
C LYS D 39 2.67 23.23 -22.13
N GLY D 40 1.91 23.01 -21.06
CA GLY D 40 0.71 22.19 -21.18
C GLY D 40 -0.35 22.82 -22.07
N PHE D 41 -0.58 24.13 -21.91
CA PHE D 41 -1.59 24.80 -22.72
C PHE D 41 -1.24 24.78 -24.19
N THR D 42 0.03 25.04 -24.51
CA THR D 42 0.42 25.07 -25.92
C THR D 42 0.50 23.66 -26.50
N ALA D 43 0.88 22.66 -25.70
CA ALA D 43 0.82 21.28 -26.18
C ALA D 43 -0.61 20.85 -26.44
N ALA D 44 -1.56 21.34 -25.64
CA ALA D 44 -2.96 21.01 -25.85
C ALA D 44 -3.56 21.70 -27.07
N GLY D 45 -2.87 22.69 -27.62
CA GLY D 45 -3.42 23.47 -28.71
C GLY D 45 -4.53 24.43 -28.31
N VAL D 46 -4.75 24.65 -27.02
CA VAL D 46 -5.81 25.57 -26.61
C VAL D 46 -5.36 27.02 -26.65
N LEU D 47 -4.06 27.27 -26.60
CA LEU D 47 -3.49 28.61 -26.67
C LEU D 47 -2.31 28.60 -27.61
N ALA D 48 -2.24 29.59 -28.48
CA ALA D 48 -1.04 29.86 -29.24
C ALA D 48 -0.02 30.52 -28.33
N ALA D 49 1.25 30.12 -28.47
CA ALA D 49 2.29 30.62 -27.57
C ALA D 49 2.44 32.14 -27.65
N HIS D 50 2.20 32.74 -28.82
CA HIS D 50 2.38 34.18 -28.93
C HIS D 50 1.28 34.96 -28.22
N LYS D 51 0.21 34.30 -27.79
CA LYS D 51 -0.83 34.91 -26.97
C LYS D 51 -0.53 34.82 -25.47
N ILE D 52 0.62 34.27 -25.11
CA ILE D 52 1.03 34.11 -23.71
C ILE D 52 2.16 35.09 -23.42
N MET D 53 2.00 35.86 -22.36
CA MET D 53 3.07 36.72 -21.86
C MET D 53 3.38 36.33 -20.43
N ALA D 54 4.66 36.35 -20.08
CA ALA D 54 5.11 36.05 -18.73
C ALA D 54 6.07 37.13 -18.25
N SER D 55 5.98 37.49 -16.98
CA SER D 55 6.88 38.44 -16.37
C SER D 55 7.58 37.80 -15.18
N SER D 56 8.88 38.04 -15.08
CA SER D 56 9.74 37.44 -14.07
C SER D 56 10.57 38.53 -13.40
N PRO D 57 10.91 38.35 -12.12
CA PRO D 57 11.80 39.32 -11.48
C PRO D 57 13.23 39.23 -11.98
N ASP D 58 13.71 38.05 -12.35
CA ASP D 58 15.09 37.83 -12.79
C ASP D 58 15.08 37.08 -14.11
N MET D 59 15.63 37.70 -15.16
CA MET D 59 15.78 37.04 -16.45
C MET D 59 17.11 36.27 -16.51
N ASP D 60 17.21 35.28 -15.62
CA ASP D 60 18.39 34.42 -15.57
C ASP D 60 18.02 32.99 -15.18
N LEU D 61 16.75 32.64 -15.23
CA LEU D 61 16.31 31.28 -14.94
C LEU D 61 16.30 30.47 -16.24
N ALA D 62 16.46 29.15 -16.09
CA ALA D 62 16.28 28.28 -17.24
C ALA D 62 14.83 28.25 -17.69
N THR D 63 13.90 28.60 -16.80
CA THR D 63 12.49 28.64 -17.16
C THR D 63 12.21 29.73 -18.19
N VAL D 64 12.78 30.92 -18.01
CA VAL D 64 12.52 31.99 -18.97
C VAL D 64 13.22 31.71 -20.30
N SER D 65 14.30 30.95 -20.28
CA SER D 65 14.95 30.60 -21.54
C SER D 65 14.10 29.61 -22.33
N ALA D 66 13.50 28.63 -21.65
CA ALA D 66 12.62 27.68 -22.33
C ALA D 66 11.32 28.34 -22.79
N LEU D 67 10.78 29.26 -21.98
CA LEU D 67 9.60 30.01 -22.40
C LEU D 67 9.88 30.81 -23.67
N ARG D 68 11.06 31.44 -23.73
CA ARG D 68 11.42 32.23 -24.90
C ARG D 68 11.44 31.36 -26.16
N LYS D 69 11.89 30.12 -26.03
CA LYS D 69 11.98 29.21 -27.17
C LYS D 69 10.62 28.66 -27.57
N MET D 70 9.70 28.55 -26.61
CA MET D 70 8.33 28.16 -26.91
C MET D 70 7.60 29.18 -27.76
N GLY D 71 8.11 30.41 -27.83
CA GLY D 71 7.39 31.50 -28.43
C GLY D 71 6.64 32.37 -27.44
N VAL D 72 6.82 32.16 -26.14
CA VAL D 72 6.15 32.98 -25.15
C VAL D 72 6.79 34.36 -25.09
N LYS D 73 5.97 35.40 -25.06
CA LYS D 73 6.49 36.74 -24.87
C LYS D 73 6.94 36.92 -23.43
N LEU D 74 8.14 37.48 -23.24
CA LEU D 74 8.71 37.71 -21.92
C LEU D 74 8.95 39.18 -21.71
N THR D 75 8.66 39.66 -20.50
CA THR D 75 8.86 41.06 -20.14
C THR D 75 9.26 41.11 -18.68
N PRO D 76 10.05 42.11 -18.27
CA PRO D 76 10.36 42.28 -16.85
C PRO D 76 9.34 43.13 -16.09
N HIS D 77 8.37 43.71 -16.78
CA HIS D 77 7.39 44.59 -16.16
C HIS D 77 6.06 43.85 -15.97
N ASN D 78 5.69 43.66 -14.70
CA ASN D 78 4.37 43.08 -14.40
C ASN D 78 3.24 43.87 -15.04
N LYS D 79 3.39 45.19 -15.17
CA LYS D 79 2.32 46.01 -15.73
C LYS D 79 2.08 45.68 -17.20
N GLU D 80 3.14 45.41 -17.96
CA GLU D 80 2.98 44.98 -19.35
C GLU D 80 2.15 43.70 -19.44
N THR D 81 2.46 42.71 -18.60
CA THR D 81 1.71 41.46 -18.58
C THR D 81 0.21 41.71 -18.35
N VAL D 82 -0.10 42.58 -17.39
CA VAL D 82 -1.49 42.90 -17.08
C VAL D 82 -2.19 43.49 -18.30
N GLN D 83 -1.55 44.44 -18.97
CA GLN D 83 -2.20 45.10 -20.09
C GLN D 83 -2.35 44.17 -21.30
N HIS D 84 -1.48 43.18 -21.42
CA HIS D 84 -1.55 42.24 -22.54
C HIS D 84 -2.64 41.19 -22.37
N SER D 85 -3.02 40.87 -21.14
CA SER D 85 -3.77 39.64 -20.85
C SER D 85 -5.24 39.88 -20.60
N ASP D 86 -6.04 38.84 -20.85
CA ASP D 86 -7.41 38.72 -20.37
C ASP D 86 -7.49 37.87 -19.11
N VAL D 87 -6.90 36.68 -19.14
CA VAL D 87 -6.76 35.83 -17.96
C VAL D 87 -5.36 36.00 -17.42
N LEU D 88 -5.26 36.29 -16.12
CA LEU D 88 -4.00 36.60 -15.46
C LEU D 88 -3.74 35.58 -14.35
N PHE D 89 -2.76 34.70 -14.56
CA PHE D 89 -2.34 33.75 -13.55
C PHE D 89 -1.28 34.39 -12.65
N LEU D 90 -1.48 34.28 -11.34
CA LEU D 90 -0.49 34.74 -10.36
C LEU D 90 0.25 33.51 -9.86
N ALA D 91 1.47 33.31 -10.35
CA ALA D 91 2.24 32.13 -10.01
C ALA D 91 3.54 32.52 -9.31
N VAL D 92 3.43 33.21 -8.19
CA VAL D 92 4.59 33.65 -7.42
C VAL D 92 4.50 33.04 -6.04
N LYS D 93 5.50 33.29 -5.20
CA LYS D 93 5.46 32.81 -3.83
C LYS D 93 4.25 33.40 -3.11
N PRO D 94 3.67 32.66 -2.16
CA PRO D 94 2.52 33.19 -1.41
C PRO D 94 2.75 34.56 -0.78
N HIS D 95 3.93 34.82 -0.21
CA HIS D 95 4.17 36.08 0.48
C HIS D 95 4.47 37.23 -0.48
N ILE D 96 4.62 36.96 -1.77
CA ILE D 96 4.81 38.02 -2.76
C ILE D 96 3.48 38.58 -3.26
N ILE D 97 2.41 37.76 -3.21
CA ILE D 97 1.11 38.16 -3.76
C ILE D 97 0.67 39.54 -3.29
N PRO D 98 0.70 39.87 -2.00
CA PRO D 98 0.26 41.24 -1.60
C PRO D 98 1.11 42.35 -2.17
N PHE D 99 2.36 42.08 -2.57
CA PHE D 99 3.16 43.10 -3.22
C PHE D 99 2.80 43.25 -4.69
N ILE D 100 2.51 42.13 -5.35
CA ILE D 100 2.02 42.18 -6.72
C ILE D 100 0.69 42.90 -6.79
N LEU D 101 -0.22 42.60 -5.86
CA LEU D 101 -1.54 43.22 -5.89
C LEU D 101 -1.43 44.73 -5.72
N ASP D 102 -0.54 45.20 -4.85
CA ASP D 102 -0.33 46.63 -4.73
C ASP D 102 0.29 47.22 -5.99
N GLU D 103 1.08 46.43 -6.73
CA GLU D 103 1.77 46.94 -7.91
C GLU D 103 0.83 47.05 -9.10
N ILE D 104 0.04 46.00 -9.36
CA ILE D 104 -0.80 45.94 -10.55
C ILE D 104 -2.24 46.34 -10.29
N GLY D 105 -2.60 46.62 -9.03
CA GLY D 105 -4.01 46.85 -8.70
C GLY D 105 -4.67 47.92 -9.56
N ALA D 106 -3.97 49.02 -9.82
CA ALA D 106 -4.59 50.10 -10.57
C ALA D 106 -4.76 49.76 -12.04
N ASP D 107 -4.05 48.76 -12.54
CA ASP D 107 -4.09 48.36 -13.93
C ASP D 107 -5.09 47.24 -14.21
N ILE D 108 -5.72 46.70 -13.17
CA ILE D 108 -6.76 45.70 -13.36
C ILE D 108 -8.01 46.38 -13.93
N GLU D 109 -8.52 45.84 -15.03
CA GLU D 109 -9.67 46.37 -15.73
C GLU D 109 -10.84 45.40 -15.57
N ASP D 110 -11.99 45.77 -16.12
CA ASP D 110 -13.18 44.95 -15.94
C ASP D 110 -13.07 43.63 -16.70
N ARG D 111 -12.27 43.58 -17.76
CA ARG D 111 -12.16 42.38 -18.57
C ARG D 111 -11.37 41.28 -17.88
N HIS D 112 -10.63 41.61 -16.82
CA HIS D 112 -9.65 40.68 -16.27
C HIS D 112 -10.28 39.60 -15.40
N ILE D 113 -9.79 38.38 -15.53
CA ILE D 113 -10.00 37.33 -14.55
C ILE D 113 -8.65 37.07 -13.90
N VAL D 114 -8.56 37.30 -12.59
CA VAL D 114 -7.32 37.06 -11.85
C VAL D 114 -7.39 35.66 -11.26
N VAL D 115 -6.45 34.81 -11.67
CA VAL D 115 -6.38 33.42 -11.21
C VAL D 115 -5.14 33.28 -10.33
N SER D 116 -5.36 33.10 -9.04
CA SER D 116 -4.27 32.93 -8.08
C SER D 116 -3.95 31.46 -7.91
N CYS D 117 -2.69 31.09 -8.16
CA CYS D 117 -2.21 29.74 -7.93
C CYS D 117 -1.37 29.61 -6.66
N ALA D 118 -1.20 30.69 -5.91
CA ALA D 118 -0.39 30.65 -4.69
C ALA D 118 -1.06 29.78 -3.63
N ALA D 119 -0.29 28.85 -3.07
CA ALA D 119 -0.81 28.00 -2.00
C ALA D 119 -1.19 28.84 -0.79
N GLY D 120 -2.36 28.55 -0.23
CA GLY D 120 -2.82 29.18 0.98
C GLY D 120 -3.50 30.53 0.81
N VAL D 121 -3.19 31.29 -0.24
CA VAL D 121 -3.66 32.68 -0.32
C VAL D 121 -5.15 32.69 -0.65
N THR D 122 -5.93 33.34 0.21
CA THR D 122 -7.38 33.25 0.16
C THR D 122 -7.96 34.24 -0.87
N ILE D 123 -9.12 33.89 -1.41
CA ILE D 123 -9.85 34.80 -2.29
C ILE D 123 -10.14 36.11 -1.58
N SER D 124 -10.51 36.05 -0.29
CA SER D 124 -10.85 37.29 0.40
C SER D 124 -9.66 38.24 0.50
N SER D 125 -8.46 37.71 0.73
CA SER D 125 -7.28 38.58 0.84
C SER D 125 -6.97 39.25 -0.50
N ILE D 126 -7.20 38.55 -1.61
CA ILE D 126 -6.92 39.12 -2.92
C ILE D 126 -7.98 40.15 -3.29
N GLU D 127 -9.26 39.80 -3.10
CA GLU D 127 -10.33 40.73 -3.40
C GLU D 127 -10.21 42.00 -2.57
N LYS D 128 -9.73 41.88 -1.33
CA LYS D 128 -9.61 43.04 -0.45
C LYS D 128 -8.59 44.03 -0.99
N LYS D 129 -7.43 43.53 -1.43
CA LYS D 129 -6.42 44.39 -2.05
C LYS D 129 -6.94 45.01 -3.34
N LEU D 130 -7.47 44.18 -4.25
CA LEU D 130 -7.87 44.69 -5.55
C LEU D 130 -9.07 45.63 -5.45
N SER D 131 -9.95 45.41 -4.48
CA SER D 131 -11.14 46.26 -4.36
C SER D 131 -10.79 47.68 -3.94
N ALA D 132 -9.63 47.90 -3.31
CA ALA D 132 -9.21 49.27 -3.04
C ALA D 132 -9.02 50.08 -4.32
N PHE D 133 -8.85 49.42 -5.44
CA PHE D 133 -8.61 50.09 -6.73
C PHE D 133 -9.87 50.17 -7.59
N ARG D 134 -10.52 49.03 -7.86
CA ARG D 134 -11.72 48.91 -8.70
C ARG D 134 -12.63 47.91 -8.00
N PRO D 135 -13.94 48.18 -7.94
CA PRO D 135 -14.76 47.58 -6.87
C PRO D 135 -15.12 46.10 -7.03
N ALA D 136 -15.17 45.55 -8.24
CA ALA D 136 -15.65 44.18 -8.45
C ALA D 136 -14.62 43.30 -9.18
N PRO D 137 -13.46 43.06 -8.58
CA PRO D 137 -12.45 42.22 -9.25
C PRO D 137 -12.92 40.78 -9.38
N ARG D 138 -12.70 40.18 -10.56
CA ARG D 138 -13.07 38.79 -10.83
C ARG D 138 -11.89 37.91 -10.47
N VAL D 139 -12.03 37.14 -9.39
CA VAL D 139 -10.92 36.40 -8.81
C VAL D 139 -11.30 34.92 -8.79
N ILE D 140 -10.37 34.06 -9.20
CA ILE D 140 -10.50 32.63 -9.05
C ILE D 140 -9.25 32.10 -8.35
N ARG D 141 -9.44 31.17 -7.43
CA ARG D 141 -8.33 30.55 -6.71
C ARG D 141 -8.18 29.12 -7.23
N CYS D 142 -6.97 28.72 -7.54
CA CYS D 142 -6.78 27.35 -8.00
C CYS D 142 -5.60 26.70 -7.27
N MET D 143 -5.61 25.37 -7.27
CA MET D 143 -4.48 24.56 -6.82
C MET D 143 -4.28 23.53 -7.90
N THR D 144 -3.13 23.59 -8.56
CA THR D 144 -2.79 22.66 -9.62
C THR D 144 -1.45 22.04 -9.26
N ASN D 145 -0.89 21.22 -10.16
CA ASN D 145 0.38 20.61 -9.83
C ASN D 145 1.22 20.51 -11.09
N THR D 146 2.48 20.12 -10.90
CA THR D 146 3.45 20.19 -12.00
C THR D 146 3.11 19.23 -13.16
N PRO D 147 2.45 18.08 -12.94
CA PRO D 147 2.15 17.22 -14.09
C PRO D 147 1.28 17.84 -15.19
N VAL D 148 0.79 19.08 -15.01
CA VAL D 148 0.17 19.73 -16.16
C VAL D 148 1.13 19.82 -17.34
N VAL D 149 2.44 19.78 -17.07
CA VAL D 149 3.45 19.87 -18.12
C VAL D 149 3.42 18.69 -19.08
N VAL D 150 2.89 17.53 -18.66
CA VAL D 150 2.60 16.41 -19.54
C VAL D 150 1.10 16.18 -19.67
N ARG D 151 0.31 17.21 -19.34
CA ARG D 151 -1.15 17.21 -19.52
C ARG D 151 -1.85 16.15 -18.68
N GLU D 152 -1.31 15.84 -17.50
CA GLU D 152 -1.95 14.95 -16.55
C GLU D 152 -1.99 15.60 -15.17
N GLY D 153 -2.31 16.89 -15.14
CA GLY D 153 -2.40 17.58 -13.87
C GLY D 153 -3.64 17.18 -13.12
N ALA D 154 -3.67 17.62 -11.86
CA ALA D 154 -4.86 17.54 -11.01
C ALA D 154 -5.10 18.95 -10.51
N THR D 155 -6.19 19.58 -10.94
CA THR D 155 -6.48 20.96 -10.59
C THR D 155 -7.85 21.07 -9.94
N VAL D 156 -7.95 21.89 -8.90
CA VAL D 156 -9.25 22.35 -8.39
C VAL D 156 -9.25 23.87 -8.41
N TYR D 157 -10.45 24.45 -8.45
CA TYR D 157 -10.58 25.89 -8.41
C TYR D 157 -11.83 26.26 -7.61
N ALA D 158 -11.82 27.48 -7.05
CA ALA D 158 -12.99 28.05 -6.42
C ALA D 158 -13.20 29.45 -6.99
N THR D 159 -14.47 29.81 -7.20
CA THR D 159 -14.79 31.12 -7.78
C THR D 159 -15.03 32.14 -6.69
N GLY D 160 -14.63 33.38 -6.97
CA GLY D 160 -14.74 34.45 -6.00
C GLY D 160 -16.08 35.15 -6.06
N THR D 161 -16.19 36.19 -5.25
CA THR D 161 -17.45 36.89 -5.04
C THR D 161 -18.02 37.46 -6.33
N HIS D 162 -17.16 38.03 -7.18
CA HIS D 162 -17.60 38.74 -8.37
C HIS D 162 -17.33 37.96 -9.64
N ALA D 163 -16.84 36.72 -9.53
CA ALA D 163 -16.66 35.87 -10.70
C ALA D 163 -18.02 35.56 -11.33
N GLN D 164 -18.17 35.88 -12.60
CA GLN D 164 -19.39 35.55 -13.33
C GLN D 164 -19.48 34.05 -13.56
N VAL D 165 -20.65 33.60 -14.01
CA VAL D 165 -20.89 32.16 -14.17
C VAL D 165 -20.00 31.60 -15.28
N GLU D 166 -19.83 32.35 -16.36
CA GLU D 166 -18.98 31.86 -17.45
C GLU D 166 -17.50 31.86 -17.07
N ASP D 167 -17.10 32.66 -16.07
CA ASP D 167 -15.70 32.68 -15.64
C ASP D 167 -15.26 31.31 -15.15
N GLY D 168 -16.09 30.67 -14.31
CA GLY D 168 -15.76 29.34 -13.83
C GLY D 168 -15.77 28.30 -14.93
N ARG D 169 -16.74 28.40 -15.85
CA ARG D 169 -16.79 27.49 -16.99
C ARG D 169 -15.56 27.67 -17.88
N LEU D 170 -15.17 28.92 -18.15
CA LEU D 170 -13.97 29.17 -18.93
C LEU D 170 -12.77 28.54 -18.27
N MET D 171 -12.62 28.77 -16.96
CA MET D 171 -11.49 28.25 -16.21
CA MET D 171 -11.46 28.25 -16.27
C MET D 171 -11.44 26.73 -16.24
N GLU D 172 -12.59 26.08 -16.07
CA GLU D 172 -12.60 24.62 -16.10
C GLU D 172 -12.25 24.12 -17.51
N GLN D 173 -12.74 24.80 -18.53
CA GLN D 173 -12.43 24.41 -19.91
C GLN D 173 -10.94 24.54 -20.19
N LEU D 174 -10.33 25.63 -19.70
CA LEU D 174 -8.89 25.82 -19.88
C LEU D 174 -8.08 24.78 -19.11
N LEU D 175 -8.36 24.60 -17.83
CA LEU D 175 -7.53 23.69 -17.03
C LEU D 175 -7.80 22.22 -17.31
N SER D 176 -8.98 21.88 -17.83
CA SER D 176 -9.26 20.51 -18.22
C SER D 176 -8.42 20.07 -19.42
N SER D 177 -7.86 21.01 -20.17
CA SER D 177 -7.04 20.61 -21.31
C SER D 177 -5.68 20.08 -20.88
N VAL D 178 -5.28 20.29 -19.63
CA VAL D 178 -3.99 19.86 -19.13
C VAL D 178 -4.11 18.89 -17.96
N GLY D 179 -5.30 18.36 -17.70
CA GLY D 179 -5.46 17.35 -16.67
C GLY D 179 -6.87 17.34 -16.12
N PHE D 180 -7.04 16.67 -14.99
CA PHE D 180 -8.30 16.67 -14.28
C PHE D 180 -8.54 18.06 -13.69
N CYS D 181 -9.78 18.52 -13.74
CA CYS D 181 -10.13 19.81 -13.15
C CYS D 181 -11.57 19.77 -12.65
N THR D 182 -11.80 20.27 -11.44
CA THR D 182 -13.16 20.35 -10.93
C THR D 182 -13.27 21.55 -9.99
N GLU D 183 -14.49 22.08 -9.88
CA GLU D 183 -14.75 23.17 -8.95
C GLU D 183 -14.94 22.63 -7.53
N VAL D 184 -14.37 23.33 -6.55
CA VAL D 184 -14.56 23.01 -5.14
C VAL D 184 -14.94 24.27 -4.38
N GLU D 185 -15.46 24.08 -3.17
CA GLU D 185 -15.55 25.17 -2.22
C GLU D 185 -14.14 25.55 -1.77
N GLU D 186 -13.92 26.84 -1.52
CA GLU D 186 -12.57 27.30 -1.20
C GLU D 186 -12.00 26.60 0.03
N ASP D 187 -12.86 26.23 1.00
CA ASP D 187 -12.31 25.69 2.23
C ASP D 187 -11.71 24.30 2.07
N LEU D 188 -11.78 23.70 0.89
CA LEU D 188 -11.14 22.43 0.63
C LEU D 188 -9.76 22.57 0.01
N ILE D 189 -9.34 23.78 -0.40
CA ILE D 189 -8.17 23.88 -1.25
C ILE D 189 -6.89 23.59 -0.47
N ASP D 190 -6.84 23.95 0.81
CA ASP D 190 -5.67 23.62 1.61
C ASP D 190 -5.48 22.11 1.73
N ALA D 191 -6.57 21.36 1.93
CA ALA D 191 -6.45 19.89 1.94
C ALA D 191 -6.02 19.35 0.58
N VAL D 192 -6.56 19.90 -0.51
CA VAL D 192 -6.13 19.48 -1.86
C VAL D 192 -4.64 19.70 -2.02
N THR D 193 -4.14 20.82 -1.49
CA THR D 193 -2.72 21.11 -1.56
C THR D 193 -1.89 19.99 -0.94
N GLY D 194 -2.35 19.47 0.20
CA GLY D 194 -1.60 18.41 0.85
C GLY D 194 -1.67 17.08 0.14
N LEU D 195 -2.69 16.89 -0.71
CA LEU D 195 -2.91 15.63 -1.40
C LEU D 195 -2.36 15.71 -2.82
N SER D 196 -2.99 16.47 -3.72
CA SER D 196 -2.49 16.47 -5.10
C SER D 196 -1.51 17.57 -5.39
N GLY D 197 -1.52 18.67 -4.62
CA GLY D 197 -0.48 19.67 -4.79
C GLY D 197 0.90 19.14 -4.48
N SER D 198 1.05 18.53 -3.29
CA SER D 198 2.33 17.95 -2.89
C SER D 198 2.51 16.53 -3.36
N GLY D 199 1.42 15.88 -3.76
CA GLY D 199 1.42 14.48 -4.17
C GLY D 199 2.53 14.03 -5.10
N PRO D 200 2.82 14.78 -6.17
CA PRO D 200 3.90 14.33 -7.07
C PRO D 200 5.26 14.17 -6.37
N ALA D 201 5.54 14.99 -5.34
CA ALA D 201 6.80 14.83 -4.61
C ALA D 201 6.81 13.53 -3.81
N TYR D 202 5.66 13.12 -3.26
CA TYR D 202 5.60 11.82 -2.59
C TYR D 202 5.90 10.71 -3.59
N ALA D 203 5.36 10.83 -4.80
CA ALA D 203 5.59 9.82 -5.84
C ALA D 203 7.04 9.79 -6.29
N PHE D 204 7.68 10.96 -6.44
CA PHE D 204 9.08 10.97 -6.84
C PHE D 204 9.95 10.30 -5.79
N THR D 205 9.69 10.59 -4.52
CA THR D 205 10.38 9.90 -3.42
C THR D 205 10.19 8.40 -3.51
N ALA D 206 8.93 7.97 -3.65
CA ALA D 206 8.62 6.54 -3.71
C ALA D 206 9.33 5.87 -4.89
N LEU D 207 9.37 6.55 -6.04
CA LEU D 207 9.99 5.97 -7.25
C LEU D 207 11.49 5.84 -7.08
N ASP D 208 12.13 6.84 -6.46
CA ASP D 208 13.56 6.75 -6.15
C ASP D 208 13.83 5.57 -5.23
N ALA D 209 13.00 5.39 -4.20
CA ALA D 209 13.18 4.27 -3.26
C ALA D 209 12.91 2.93 -3.93
N LEU D 210 11.81 2.83 -4.68
CA LEU D 210 11.54 1.60 -5.40
C LEU D 210 12.69 1.22 -6.32
N ALA D 211 13.27 2.22 -7.01
CA ALA D 211 14.41 1.93 -7.86
C ALA D 211 15.61 1.45 -7.06
N ASP D 212 15.84 2.03 -5.86
CA ASP D 212 16.90 1.52 -4.99
C ASP D 212 16.65 0.06 -4.62
N GLY D 213 15.41 -0.30 -4.35
CA GLY D 213 15.10 -1.69 -4.02
C GLY D 213 15.34 -2.63 -5.19
N GLY D 214 14.94 -2.22 -6.40
CA GLY D 214 15.27 -2.99 -7.59
C GLY D 214 16.77 -3.18 -7.76
N VAL D 215 17.53 -2.10 -7.60
CA VAL D 215 18.99 -2.18 -7.69
C VAL D 215 19.56 -3.11 -6.62
N LYS D 216 19.06 -3.01 -5.38
CA LYS D 216 19.56 -3.93 -4.34
C LYS D 216 19.37 -5.39 -4.77
N MET D 217 18.27 -5.68 -5.44
CA MET D 217 17.96 -7.06 -5.82
C MET D 217 18.52 -7.45 -7.19
N GLY D 218 19.32 -6.60 -7.81
CA GLY D 218 20.10 -7.03 -8.96
C GLY D 218 19.80 -6.34 -10.28
N LEU D 219 18.83 -5.39 -10.35
CA LEU D 219 18.46 -4.74 -11.60
C LEU D 219 19.37 -3.55 -11.88
N PRO D 220 19.67 -3.31 -13.16
CA PRO D 220 20.30 -2.03 -13.54
C PRO D 220 19.42 -0.86 -13.16
N ARG D 221 20.07 0.26 -12.79
CA ARG D 221 19.35 1.43 -12.29
CA ARG D 221 19.32 1.41 -12.29
C ARG D 221 18.35 1.95 -13.33
N ARG D 222 18.80 2.05 -14.59
CA ARG D 222 17.92 2.60 -15.63
C ARG D 222 16.66 1.76 -15.80
N LEU D 223 16.81 0.43 -15.84
CA LEU D 223 15.64 -0.45 -15.94
C LEU D 223 14.76 -0.37 -14.70
N ALA D 224 15.37 -0.29 -13.50
CA ALA D 224 14.57 -0.25 -12.30
C ALA D 224 13.71 1.02 -12.25
N VAL D 225 14.27 2.15 -12.70
CA VAL D 225 13.51 3.40 -12.72
C VAL D 225 12.33 3.28 -13.69
N ARG D 226 12.60 2.80 -14.90
CA ARG D 226 11.57 2.63 -15.92
C ARG D 226 10.44 1.71 -15.43
N LEU D 227 10.79 0.56 -14.84
CA LEU D 227 9.77 -0.38 -14.40
C LEU D 227 8.95 0.16 -13.24
N GLY D 228 9.59 0.80 -12.27
CA GLY D 228 8.85 1.31 -11.13
C GLY D 228 7.88 2.42 -11.54
N ALA D 229 8.32 3.34 -12.39
CA ALA D 229 7.43 4.39 -12.89
C ALA D 229 6.29 3.81 -13.71
N GLN D 230 6.58 2.83 -14.58
CA GLN D 230 5.51 2.23 -15.35
C GLN D 230 4.52 1.50 -14.45
N ALA D 231 5.01 0.85 -13.39
CA ALA D 231 4.11 0.19 -12.44
C ALA D 231 3.18 1.20 -11.76
N LEU D 232 3.72 2.34 -11.36
CA LEU D 232 2.89 3.35 -10.68
C LEU D 232 1.88 3.96 -11.64
N LEU D 233 2.30 4.26 -12.87
CA LEU D 233 1.39 4.84 -13.85
C LEU D 233 0.26 3.87 -14.19
N GLY D 234 0.59 2.61 -14.45
CA GLY D 234 -0.45 1.66 -14.79
C GLY D 234 -1.43 1.44 -13.66
N ALA D 235 -0.93 1.38 -12.42
CA ALA D 235 -1.80 1.16 -11.26
C ALA D 235 -2.76 2.34 -11.09
N ALA D 236 -2.21 3.55 -11.19
CA ALA D 236 -3.04 4.76 -11.10
C ALA D 236 -4.12 4.77 -12.19
N LYS D 237 -3.75 4.40 -13.42
CA LYS D 237 -4.75 4.36 -14.49
C LYS D 237 -5.79 3.28 -14.23
N MET D 238 -5.38 2.11 -13.75
CA MET D 238 -6.33 1.07 -13.38
C MET D 238 -7.37 1.59 -12.41
N LEU D 239 -6.93 2.30 -11.37
CA LEU D 239 -7.85 2.81 -10.36
C LEU D 239 -8.79 3.85 -10.96
N LEU D 240 -8.25 4.75 -11.79
CA LEU D 240 -9.08 5.79 -12.40
C LEU D 240 -10.13 5.21 -13.33
N HIS D 241 -9.84 4.10 -14.00
CA HIS D 241 -10.76 3.52 -14.97
C HIS D 241 -11.63 2.42 -14.37
N SER D 242 -11.49 2.17 -13.07
CA SER D 242 -12.23 1.13 -12.36
C SER D 242 -13.27 1.77 -11.45
N GLU D 243 -14.40 1.10 -11.29
CA GLU D 243 -15.34 1.49 -10.26
C GLU D 243 -14.99 0.91 -8.89
N GLN D 244 -13.86 0.22 -8.77
CA GLN D 244 -13.59 -0.58 -7.58
C GLN D 244 -12.76 0.18 -6.56
N HIS D 245 -12.94 -0.21 -5.31
CA HIS D 245 -12.15 0.35 -4.22
C HIS D 245 -10.69 -0.03 -4.39
N PRO D 246 -9.74 0.85 -4.03
CA PRO D 246 -8.32 0.47 -4.13
C PRO D 246 -7.98 -0.76 -3.31
N GLY D 247 -8.67 -0.98 -2.20
CA GLY D 247 -8.44 -2.22 -1.45
C GLY D 247 -8.88 -3.45 -2.23
N GLN D 248 -9.96 -3.33 -3.00
CA GLN D 248 -10.41 -4.44 -3.84
C GLN D 248 -9.38 -4.76 -4.93
N LEU D 249 -8.81 -3.73 -5.54
CA LEU D 249 -7.78 -3.97 -6.55
C LEU D 249 -6.56 -4.60 -5.92
N LYS D 250 -6.17 -4.14 -4.73
CA LYS D 250 -5.12 -4.79 -3.95
C LYS D 250 -5.46 -6.26 -3.73
N ASP D 251 -6.69 -6.53 -3.29
CA ASP D 251 -7.13 -7.92 -3.08
C ASP D 251 -7.05 -8.73 -4.36
N ASN D 252 -7.52 -8.16 -5.48
CA ASN D 252 -7.54 -8.91 -6.72
C ASN D 252 -6.14 -9.35 -7.15
N VAL D 253 -5.10 -8.57 -6.83
CA VAL D 253 -3.76 -8.85 -7.38
C VAL D 253 -2.85 -9.61 -6.41
N SER D 254 -3.29 -9.89 -5.18
CA SER D 254 -2.47 -10.61 -4.19
C SER D 254 -2.88 -12.09 -4.12
N SER D 255 -2.10 -12.94 -4.76
CA SER D 255 -2.37 -14.38 -4.69
C SER D 255 -1.98 -14.95 -3.32
N PRO D 256 -2.70 -15.99 -2.86
CA PRO D 256 -2.41 -16.58 -1.55
C PRO D 256 -1.00 -17.12 -1.45
N GLY D 257 -0.33 -16.78 -0.34
CA GLY D 257 1.04 -17.16 -0.06
C GLY D 257 2.10 -16.55 -0.95
N GLY D 258 1.72 -15.67 -1.88
CA GLY D 258 2.61 -15.21 -2.93
C GLY D 258 3.54 -14.05 -2.54
N ALA D 259 4.29 -13.60 -3.54
CA ALA D 259 5.31 -12.58 -3.27
C ALA D 259 4.67 -11.25 -2.87
N THR D 260 3.57 -10.89 -3.52
CA THR D 260 3.00 -9.57 -3.27
C THR D 260 2.47 -9.45 -1.84
N ILE D 261 1.73 -10.45 -1.37
CA ILE D 261 1.20 -10.35 -0.01
C ILE D 261 2.33 -10.35 1.02
N HIS D 262 3.44 -11.07 0.77
CA HIS D 262 4.60 -10.96 1.66
C HIS D 262 5.15 -9.55 1.70
N ALA D 263 5.24 -8.89 0.54
CA ALA D 263 5.72 -7.52 0.48
C ALA D 263 4.74 -6.56 1.14
N LEU D 264 3.43 -6.78 0.98
CA LEU D 264 2.46 -5.90 1.64
C LEU D 264 2.60 -5.98 3.15
N HIS D 265 2.92 -7.17 3.68
CA HIS D 265 3.10 -7.29 5.12
C HIS D 265 4.23 -6.39 5.62
N VAL D 266 5.36 -6.35 4.91
CA VAL D 266 6.46 -5.54 5.44
C VAL D 266 6.13 -4.04 5.33
N LEU D 267 5.36 -3.64 4.32
CA LEU D 267 4.87 -2.25 4.29
C LEU D 267 4.02 -1.95 5.52
N GLU D 268 3.05 -2.82 5.81
CA GLU D 268 2.21 -2.61 6.98
C GLU D 268 3.02 -2.56 8.27
N SER D 269 4.03 -3.44 8.40
CA SER D 269 4.80 -3.47 9.64
C SER D 269 5.52 -2.15 9.90
N GLY D 270 5.89 -1.42 8.84
CA GLY D 270 6.48 -0.12 9.06
C GLY D 270 5.50 1.03 9.14
N GLY D 271 4.19 0.75 9.13
CA GLY D 271 3.21 1.85 9.16
C GLY D 271 3.21 2.72 7.92
N PHE D 272 3.50 2.13 6.76
CA PHE D 272 3.46 2.81 5.46
C PHE D 272 2.23 3.68 5.24
N ARG D 273 1.04 3.14 5.49
CA ARG D 273 -0.19 3.93 5.32
C ARG D 273 -0.16 5.18 6.18
N SER D 274 0.26 5.03 7.44
CA SER D 274 0.25 6.19 8.34
C SER D 274 1.22 7.28 7.89
N LEU D 275 2.34 6.89 7.25
CA LEU D 275 3.29 7.91 6.79
C LEU D 275 2.66 8.81 5.73
N LEU D 276 1.93 8.21 4.81
CA LEU D 276 1.27 8.99 3.76
C LEU D 276 0.16 9.86 4.34
N ILE D 277 -0.58 9.37 5.34
CA ILE D 277 -1.55 10.22 6.03
C ILE D 277 -0.83 11.38 6.71
N ASN D 278 0.28 11.08 7.38
CA ASN D 278 1.04 12.14 8.07
C ASN D 278 1.46 13.22 7.07
N ALA D 279 1.85 12.78 5.86
CA ALA D 279 2.34 13.69 4.82
C ALA D 279 1.24 14.66 4.38
N VAL D 280 0.09 14.12 3.97
CA VAL D 280 -1.04 14.99 3.57
C VAL D 280 -1.39 15.98 4.67
N GLU D 281 -1.46 15.49 5.90
CA GLU D 281 -1.74 16.35 7.05
C GLU D 281 -0.68 17.42 7.21
N ALA D 282 0.61 17.05 7.10
CA ALA D 282 1.66 18.02 7.35
C ALA D 282 1.66 19.13 6.29
N SER D 283 1.43 18.76 5.03
CA SER D 283 1.41 19.75 3.96
C SER D 283 0.19 20.67 4.09
N CYS D 284 -0.98 20.09 4.40
CA CYS D 284 -2.18 20.90 4.63
C CYS D 284 -2.00 21.85 5.81
N ILE D 285 -1.46 21.36 6.93
CA ILE D 285 -1.29 22.19 8.11
C ILE D 285 -0.31 23.33 7.83
N ARG D 286 0.79 23.03 7.12
CA ARG D 286 1.74 24.08 6.78
C ARG D 286 1.09 25.12 5.86
N THR D 287 0.25 24.67 4.94
CA THR D 287 -0.46 25.61 4.07
C THR D 287 -1.34 26.55 4.89
N ARG D 288 -2.07 26.00 5.86
CA ARG D 288 -2.91 26.86 6.72
C ARG D 288 -2.06 27.82 7.54
N GLU D 289 -0.90 27.36 7.99
CA GLU D 289 -0.03 28.14 8.85
C GLU D 289 0.59 29.31 8.09
N LEU D 290 1.02 29.07 6.85
CA LEU D 290 1.60 30.13 6.05
C LEU D 290 0.59 31.23 5.80
N GLN D 291 -0.66 30.86 5.51
CA GLN D 291 -1.67 31.89 5.31
C GLN D 291 -1.98 32.63 6.60
N SER D 292 -2.04 31.91 7.73
CA SER D 292 -2.31 32.58 9.00
C SER D 292 -1.22 33.60 9.33
N MET D 293 0.03 33.27 9.00
CA MET D 293 1.11 34.23 9.22
C MET D 293 0.97 35.44 8.28
N ALA D 294 0.52 35.21 7.04
CA ALA D 294 0.34 36.32 6.10
C ALA D 294 -0.78 37.24 6.56
N ASP D 295 -1.87 36.67 7.07
CA ASP D 295 -2.98 37.51 7.53
C ASP D 295 -2.60 38.34 8.75
N GLN D 296 -1.67 37.85 9.57
CA GLN D 296 -1.19 38.64 10.69
C GLN D 296 -0.40 39.86 10.22
N GLU D 297 0.45 39.69 9.22
CA GLU D 297 1.24 40.78 8.65
C GLU D 297 0.35 41.72 7.81
N SER E 22 56.27 7.26 -20.79
CA SER E 22 56.56 6.19 -21.73
C SER E 22 55.83 4.90 -21.35
N MET E 23 54.79 5.03 -20.54
CA MET E 23 54.04 3.89 -20.02
C MET E 23 52.68 3.80 -20.66
N SER E 24 52.22 2.57 -20.88
CA SER E 24 50.92 2.30 -21.48
C SER E 24 49.98 1.72 -20.43
N VAL E 25 48.80 2.30 -20.31
CA VAL E 25 47.77 1.83 -19.39
C VAL E 25 46.56 1.39 -20.22
N GLY E 26 45.96 0.27 -19.82
CA GLY E 26 44.74 -0.19 -20.45
C GLY E 26 43.67 -0.49 -19.40
N PHE E 27 42.42 -0.35 -19.83
CA PHE E 27 41.25 -0.64 -19.00
C PHE E 27 40.41 -1.71 -19.66
N ILE E 28 40.16 -2.80 -18.92
CA ILE E 28 39.20 -3.83 -19.32
C ILE E 28 37.91 -3.50 -18.61
N GLY E 29 36.96 -2.93 -19.34
CA GLY E 29 35.77 -2.32 -18.79
C GLY E 29 35.78 -0.82 -19.03
N ALA E 30 34.59 -0.26 -19.20
CA ALA E 30 34.44 1.17 -19.50
C ALA E 30 33.36 1.79 -18.65
N GLY E 31 33.25 1.35 -17.40
CA GLY E 31 32.20 1.80 -16.50
C GLY E 31 32.56 3.08 -15.78
N GLN E 32 31.87 3.31 -14.65
CA GLN E 32 32.11 4.49 -13.82
C GLN E 32 33.57 4.56 -13.38
N LEU E 33 34.12 3.45 -12.90
CA LEU E 33 35.46 3.50 -12.32
C LEU E 33 36.52 3.72 -13.39
N ALA E 34 36.41 3.01 -14.52
CA ALA E 34 37.36 3.20 -15.60
C ALA E 34 37.35 4.64 -16.12
N PHE E 35 36.16 5.21 -16.32
CA PHE E 35 36.11 6.61 -16.73
C PHE E 35 36.71 7.52 -15.67
N ALA E 36 36.40 7.26 -14.39
CA ALA E 36 36.91 8.11 -13.33
C ALA E 36 38.44 8.07 -13.27
N LEU E 37 39.03 6.88 -13.40
CA LEU E 37 40.49 6.79 -13.39
C LEU E 37 41.10 7.41 -14.63
N ALA E 38 40.51 7.14 -15.80
CA ALA E 38 41.05 7.71 -17.04
C ALA E 38 41.00 9.24 -17.00
N LYS E 39 39.91 9.80 -16.49
CA LYS E 39 39.83 11.26 -16.42
C LYS E 39 40.80 11.82 -15.39
N GLY E 40 40.95 11.14 -14.25
CA GLY E 40 41.89 11.59 -13.24
C GLY E 40 43.33 11.53 -13.71
N PHE E 41 43.73 10.41 -14.34
CA PHE E 41 45.10 10.29 -14.84
C PHE E 41 45.42 11.37 -15.88
N THR E 42 44.46 11.67 -16.76
CA THR E 42 44.75 12.67 -17.79
C THR E 42 44.81 14.07 -17.19
N ALA E 43 43.88 14.41 -16.30
CA ALA E 43 43.93 15.71 -15.63
C ALA E 43 45.18 15.83 -14.78
N ALA E 44 45.68 14.71 -14.25
CA ALA E 44 46.93 14.72 -13.50
C ALA E 44 48.14 14.88 -14.41
N GLY E 45 47.98 14.66 -15.72
CA GLY E 45 49.10 14.80 -16.62
C GLY E 45 50.16 13.74 -16.45
N VAL E 46 49.86 12.65 -15.74
CA VAL E 46 50.82 11.56 -15.65
C VAL E 46 50.75 10.65 -16.87
N LEU E 47 49.63 10.66 -17.58
CA LEU E 47 49.45 9.88 -18.81
C LEU E 47 48.83 10.76 -19.88
N ALA E 48 49.42 10.73 -21.08
CA ALA E 48 48.76 11.30 -22.24
C ALA E 48 47.59 10.41 -22.64
N ALA E 49 46.41 11.02 -22.85
CA ALA E 49 45.18 10.26 -23.01
C ALA E 49 45.25 9.27 -24.18
N HIS E 50 46.09 9.55 -25.19
CA HIS E 50 46.19 8.65 -26.33
C HIS E 50 46.95 7.36 -25.99
N LYS E 51 47.70 7.34 -24.90
CA LYS E 51 48.35 6.12 -24.43
C LYS E 51 47.45 5.27 -23.54
N ILE E 52 46.17 5.63 -23.44
CA ILE E 52 45.19 4.88 -22.67
C ILE E 52 44.22 4.23 -23.64
N MET E 53 43.95 2.94 -23.42
CA MET E 53 42.99 2.21 -24.23
C MET E 53 41.95 1.58 -23.32
N ALA E 54 40.70 1.57 -23.77
CA ALA E 54 39.60 0.97 -23.02
C ALA E 54 38.82 0.03 -23.91
N SER E 55 38.30 -1.04 -23.30
CA SER E 55 37.51 -2.04 -24.01
C SER E 55 36.24 -2.37 -23.23
N SER E 56 35.16 -2.58 -23.96
CA SER E 56 33.86 -2.92 -23.41
C SER E 56 33.02 -3.54 -24.53
N PRO E 57 32.14 -4.48 -24.21
CA PRO E 57 31.28 -5.05 -25.25
C PRO E 57 30.23 -4.08 -25.77
N ASP E 58 29.91 -3.05 -25.00
CA ASP E 58 28.94 -2.04 -25.40
C ASP E 58 29.23 -0.73 -24.70
N MET E 59 30.17 0.06 -25.23
CA MET E 59 30.59 1.28 -24.57
C MET E 59 29.45 2.29 -24.53
N ASP E 60 29.19 2.82 -23.33
CA ASP E 60 28.18 3.85 -23.15
C ASP E 60 28.45 5.02 -24.07
N LEU E 61 27.47 5.34 -24.94
CA LEU E 61 27.67 6.37 -25.96
C LEU E 61 28.02 7.71 -25.34
N ALA E 62 27.36 8.07 -24.24
CA ALA E 62 27.74 9.28 -23.52
C ALA E 62 29.16 9.18 -22.97
N THR E 63 29.59 7.97 -22.61
CA THR E 63 30.96 7.75 -22.15
C THR E 63 31.91 7.53 -23.33
N VAL E 64 31.44 6.82 -24.35
CA VAL E 64 32.29 6.55 -25.52
C VAL E 64 32.59 7.83 -26.30
N SER E 65 31.78 8.87 -26.13
CA SER E 65 32.06 10.17 -26.72
C SER E 65 32.93 11.03 -25.81
N ALA E 66 32.72 10.94 -24.50
CA ALA E 66 33.58 11.64 -23.55
C ALA E 66 35.00 11.06 -23.56
N LEU E 67 35.10 9.73 -23.51
CA LEU E 67 36.41 9.09 -23.63
C LEU E 67 37.08 9.43 -24.95
N ARG E 68 36.32 9.40 -26.05
CA ARG E 68 36.89 9.77 -27.35
C ARG E 68 37.22 11.25 -27.41
N LYS E 69 36.46 12.09 -26.70
CA LYS E 69 36.82 13.50 -26.58
C LYS E 69 38.13 13.67 -25.83
N MET E 70 38.30 12.92 -24.74
CA MET E 70 39.54 12.98 -23.95
C MET E 70 40.76 12.61 -24.79
N GLY E 71 40.57 11.76 -25.79
CA GLY E 71 41.68 11.15 -26.51
C GLY E 71 41.90 9.70 -26.18
N VAL E 72 41.03 9.07 -25.39
CA VAL E 72 41.20 7.67 -25.03
C VAL E 72 40.87 6.80 -26.23
N LYS E 73 41.80 5.93 -26.62
CA LYS E 73 41.52 4.95 -27.65
C LYS E 73 40.51 3.93 -27.13
N LEU E 74 39.55 3.56 -27.98
CA LEU E 74 38.52 2.59 -27.63
C LEU E 74 38.59 1.41 -28.58
N THR E 75 38.13 0.25 -28.11
CA THR E 75 38.12 -0.96 -28.91
C THR E 75 37.14 -1.95 -28.29
N PRO E 76 36.48 -2.78 -29.10
CA PRO E 76 35.56 -3.77 -28.54
C PRO E 76 36.21 -5.07 -28.09
N HIS E 77 37.46 -5.32 -28.46
CA HIS E 77 38.13 -6.59 -28.17
C HIS E 77 39.09 -6.42 -26.99
N ASN E 78 38.94 -7.29 -25.98
CA ASN E 78 39.82 -7.21 -24.81
C ASN E 78 41.25 -7.61 -25.16
N LYS E 79 41.46 -8.41 -26.19
CA LYS E 79 42.82 -8.84 -26.51
C LYS E 79 43.64 -7.66 -27.02
N GLU E 80 43.02 -6.76 -27.79
CA GLU E 80 43.76 -5.62 -28.32
C GLU E 80 44.18 -4.66 -27.21
N THR E 81 43.34 -4.49 -26.18
CA THR E 81 43.74 -3.69 -25.03
C THR E 81 44.95 -4.29 -24.33
N VAL E 82 44.99 -5.63 -24.22
CA VAL E 82 46.11 -6.29 -23.56
C VAL E 82 47.42 -6.03 -24.32
N GLN E 83 47.37 -6.13 -25.65
CA GLN E 83 48.59 -6.00 -26.45
C GLN E 83 49.09 -4.57 -26.51
N HIS E 84 48.23 -3.58 -26.29
CA HIS E 84 48.66 -2.19 -26.21
C HIS E 84 49.22 -1.81 -24.85
N SER E 85 48.86 -2.52 -23.79
CA SER E 85 49.04 -2.01 -22.43
C SER E 85 50.21 -2.66 -21.71
N ASP E 86 50.83 -1.89 -20.82
CA ASP E 86 51.79 -2.39 -19.85
C ASP E 86 51.11 -2.67 -18.52
N VAL E 87 50.38 -1.67 -18.01
CA VAL E 87 49.60 -1.81 -16.79
C VAL E 87 48.14 -1.99 -17.20
N LEU E 88 47.48 -2.98 -16.61
CA LEU E 88 46.18 -3.46 -17.09
C LEU E 88 45.20 -3.41 -15.94
N PHE E 89 44.30 -2.42 -15.97
CA PHE E 89 43.25 -2.29 -14.96
C PHE E 89 42.04 -3.14 -15.35
N LEU E 90 41.63 -4.01 -14.43
CA LEU E 90 40.41 -4.81 -14.59
C LEU E 90 39.32 -4.09 -13.80
N ALA E 91 38.53 -3.29 -14.50
CA ALA E 91 37.46 -2.52 -13.85
C ALA E 91 36.11 -3.01 -14.35
N VAL E 92 35.83 -4.29 -14.15
CA VAL E 92 34.58 -4.91 -14.56
C VAL E 92 33.88 -5.41 -13.30
N LYS E 93 32.65 -5.88 -13.49
CA LYS E 93 31.90 -6.48 -12.39
C LYS E 93 32.68 -7.67 -11.82
N PRO E 94 32.59 -7.89 -10.51
CA PRO E 94 33.39 -8.98 -9.90
C PRO E 94 33.11 -10.36 -10.47
N HIS E 95 31.88 -10.64 -10.91
CA HIS E 95 31.57 -11.95 -11.46
C HIS E 95 32.06 -12.12 -12.89
N ILE E 96 32.51 -11.05 -13.54
CA ILE E 96 33.08 -11.17 -14.88
C ILE E 96 34.59 -11.43 -14.84
N ILE E 97 35.23 -11.21 -13.70
CA ILE E 97 36.69 -11.33 -13.63
C ILE E 97 37.18 -12.70 -14.09
N PRO E 98 36.66 -13.82 -13.58
CA PRO E 98 37.14 -15.12 -14.10
C PRO E 98 36.90 -15.30 -15.59
N PHE E 99 35.85 -14.67 -16.14
CA PHE E 99 35.61 -14.80 -17.57
C PHE E 99 36.61 -14.02 -18.39
N ILE E 100 37.07 -12.87 -17.89
CA ILE E 100 38.08 -12.09 -18.60
C ILE E 100 39.43 -12.79 -18.53
N LEU E 101 39.79 -13.29 -17.36
CA LEU E 101 41.10 -13.92 -17.19
C LEU E 101 41.28 -15.12 -18.12
N ASP E 102 40.21 -15.87 -18.36
CA ASP E 102 40.31 -16.97 -19.31
C ASP E 102 40.34 -16.47 -20.75
N GLU E 103 39.80 -15.28 -21.00
CA GLU E 103 39.80 -14.71 -22.34
C GLU E 103 41.18 -14.20 -22.72
N ILE E 104 41.87 -13.55 -21.77
CA ILE E 104 43.12 -12.87 -22.05
C ILE E 104 44.32 -13.56 -21.42
N GLY E 105 44.09 -14.65 -20.68
CA GLY E 105 45.20 -15.30 -19.98
C GLY E 105 46.35 -15.66 -20.88
N ALA E 106 46.06 -16.15 -22.08
CA ALA E 106 47.13 -16.56 -22.99
C ALA E 106 47.90 -15.35 -23.51
N ASP E 107 47.28 -14.17 -23.53
CA ASP E 107 47.93 -12.97 -24.06
C ASP E 107 48.76 -12.25 -23.01
N ILE E 108 48.66 -12.63 -21.74
CA ILE E 108 49.48 -12.01 -20.70
C ILE E 108 50.94 -12.32 -20.95
N GLU E 109 51.76 -11.26 -21.07
CA GLU E 109 53.20 -11.38 -21.20
C GLU E 109 53.83 -11.08 -19.84
N ASP E 110 55.16 -11.16 -19.79
CA ASP E 110 55.85 -10.92 -18.53
C ASP E 110 55.91 -9.44 -18.17
N ARG E 111 55.90 -8.55 -19.17
CA ARG E 111 55.91 -7.12 -18.91
C ARG E 111 54.66 -6.63 -18.17
N HIS E 112 53.58 -7.42 -18.17
CA HIS E 112 52.29 -6.95 -17.71
C HIS E 112 52.20 -6.90 -16.19
N ILE E 113 51.61 -5.82 -15.68
CA ILE E 113 51.11 -5.75 -14.32
C ILE E 113 49.59 -5.74 -14.41
N VAL E 114 48.95 -6.72 -13.79
CA VAL E 114 47.50 -6.84 -13.82
C VAL E 114 46.96 -6.24 -12.53
N VAL E 115 46.17 -5.18 -12.64
CA VAL E 115 45.62 -4.47 -11.49
C VAL E 115 44.11 -4.71 -11.45
N SER E 116 43.65 -5.45 -10.44
CA SER E 116 42.23 -5.75 -10.27
C SER E 116 41.62 -4.73 -9.33
N CYS E 117 40.57 -4.04 -9.81
CA CYS E 117 39.78 -3.14 -8.99
C CYS E 117 38.46 -3.75 -8.53
N ALA E 118 38.10 -4.94 -9.03
CA ALA E 118 36.85 -5.57 -8.65
C ALA E 118 36.80 -5.78 -7.14
N ALA E 119 35.67 -5.40 -6.54
CA ALA E 119 35.54 -5.53 -5.09
C ALA E 119 35.51 -6.99 -4.68
N GLY E 120 36.18 -7.30 -3.58
CA GLY E 120 36.17 -8.67 -3.06
C GLY E 120 37.10 -9.67 -3.70
N VAL E 121 37.43 -9.53 -4.99
CA VAL E 121 38.16 -10.57 -5.73
C VAL E 121 39.59 -10.69 -5.23
N THR E 122 39.97 -11.90 -4.82
CA THR E 122 41.24 -12.10 -4.13
C THR E 122 42.40 -12.22 -5.11
N ILE E 123 43.59 -11.85 -4.62
CA ILE E 123 44.81 -11.99 -5.42
C ILE E 123 45.02 -13.45 -5.80
N SER E 124 44.69 -14.37 -4.89
CA SER E 124 44.94 -15.78 -5.15
C SER E 124 44.03 -16.32 -6.25
N SER E 125 42.78 -15.84 -6.32
CA SER E 125 41.90 -16.32 -7.39
C SER E 125 42.41 -15.88 -8.77
N ILE E 126 42.85 -14.62 -8.88
CA ILE E 126 43.40 -14.13 -10.15
C ILE E 126 44.68 -14.87 -10.48
N GLU E 127 45.57 -15.04 -9.50
CA GLU E 127 46.84 -15.71 -9.74
C GLU E 127 46.62 -17.17 -10.15
N LYS E 128 45.62 -17.82 -9.57
CA LYS E 128 45.37 -19.23 -9.91
C LYS E 128 44.89 -19.36 -11.35
N LYS E 129 44.03 -18.43 -11.79
CA LYS E 129 43.57 -18.44 -13.18
C LYS E 129 44.72 -18.18 -14.15
N LEU E 130 45.46 -17.09 -13.94
CA LEU E 130 46.50 -16.68 -14.88
C LEU E 130 47.74 -17.59 -14.83
N SER E 131 48.01 -18.24 -13.70
CA SER E 131 49.17 -19.14 -13.65
C SER E 131 48.98 -20.39 -14.51
N ALA E 132 47.75 -20.70 -14.93
CA ALA E 132 47.57 -21.80 -15.85
C ALA E 132 48.05 -21.48 -17.25
N PHE E 133 48.44 -20.23 -17.52
CA PHE E 133 48.95 -19.82 -18.83
C PHE E 133 50.44 -19.51 -18.80
N ARG E 134 50.89 -18.66 -17.89
CA ARG E 134 52.27 -18.22 -17.72
C ARG E 134 52.53 -18.27 -16.22
N PRO E 135 53.68 -18.77 -15.78
CA PRO E 135 53.81 -19.22 -14.38
C PRO E 135 53.78 -18.12 -13.32
N ALA E 136 54.31 -16.91 -13.58
CA ALA E 136 54.47 -15.91 -12.53
C ALA E 136 53.78 -14.59 -12.90
N PRO E 137 52.46 -14.57 -12.96
CA PRO E 137 51.76 -13.31 -13.27
C PRO E 137 51.96 -12.29 -12.15
N ARG E 138 52.12 -11.03 -12.54
CA ARG E 138 52.29 -9.92 -11.60
C ARG E 138 50.93 -9.27 -11.37
N VAL E 139 50.36 -9.48 -10.18
CA VAL E 139 49.00 -9.09 -9.86
C VAL E 139 49.01 -8.10 -8.70
N ILE E 140 48.22 -7.05 -8.82
CA ILE E 140 48.01 -6.12 -7.72
C ILE E 140 46.51 -5.94 -7.57
N ARG E 141 46.06 -5.91 -6.32
CA ARG E 141 44.66 -5.72 -5.99
C ARG E 141 44.51 -4.33 -5.38
N CYS E 142 43.52 -3.58 -5.87
CA CYS E 142 43.31 -2.27 -5.28
C CYS E 142 41.83 -2.03 -5.05
N MET E 143 41.54 -1.10 -4.12
CA MET E 143 40.21 -0.61 -3.86
C MET E 143 40.30 0.90 -3.93
N THR E 144 39.66 1.50 -4.92
CA THR E 144 39.64 2.94 -5.10
C THR E 144 38.17 3.40 -5.09
N ASN E 145 37.95 4.68 -5.38
CA ASN E 145 36.57 5.18 -5.36
C ASN E 145 36.42 6.23 -6.45
N THR E 146 35.17 6.59 -6.73
CA THR E 146 34.90 7.47 -7.87
C THR E 146 35.55 8.86 -7.76
N PRO E 147 35.80 9.44 -6.56
CA PRO E 147 36.41 10.79 -6.54
C PRO E 147 37.81 10.89 -7.12
N VAL E 148 38.42 9.79 -7.60
CA VAL E 148 39.61 9.94 -8.43
C VAL E 148 39.33 10.87 -9.61
N VAL E 149 38.07 10.99 -10.03
CA VAL E 149 37.74 11.82 -11.19
C VAL E 149 38.02 13.30 -10.92
N VAL E 150 38.05 13.73 -9.66
CA VAL E 150 38.47 15.07 -9.26
C VAL E 150 39.80 15.03 -8.52
N ARG E 151 40.53 13.92 -8.67
CA ARG E 151 41.86 13.71 -8.08
C ARG E 151 41.85 13.85 -6.56
N GLU E 152 40.75 13.39 -5.95
CA GLU E 152 40.64 13.28 -4.50
C GLU E 152 40.16 11.89 -4.11
N GLY E 153 40.64 10.87 -4.82
CA GLY E 153 40.27 9.51 -4.49
C GLY E 153 40.92 9.04 -3.21
N ALA E 154 40.46 7.87 -2.74
CA ALA E 154 41.09 7.15 -1.63
C ALA E 154 41.32 5.72 -2.11
N THR E 155 42.59 5.34 -2.23
CA THR E 155 42.98 4.07 -2.82
C THR E 155 43.85 3.30 -1.84
N VAL E 156 43.58 2.01 -1.67
CA VAL E 156 44.56 1.11 -1.07
C VAL E 156 44.86 0.02 -2.08
N TYR E 157 46.03 -0.60 -1.93
CA TYR E 157 46.39 -1.71 -2.80
C TYR E 157 47.20 -2.72 -1.99
N ALA E 158 47.17 -3.96 -2.45
CA ALA E 158 48.00 -5.02 -1.90
C ALA E 158 48.69 -5.72 -3.08
N THR E 159 49.95 -6.09 -2.88
CA THR E 159 50.77 -6.68 -3.93
C THR E 159 50.70 -8.20 -3.88
N GLY E 160 50.74 -8.82 -5.06
CA GLY E 160 50.60 -10.25 -5.18
C GLY E 160 51.92 -10.98 -4.99
N THR E 161 51.87 -12.30 -5.20
CA THR E 161 53.01 -13.17 -4.91
C THR E 161 54.21 -12.83 -5.77
N HIS E 162 53.99 -12.54 -7.05
CA HIS E 162 55.07 -12.31 -7.99
C HIS E 162 55.27 -10.83 -8.34
N ALA E 163 54.56 -9.93 -7.67
CA ALA E 163 54.78 -8.51 -7.89
C ALA E 163 56.16 -8.12 -7.37
N GLN E 164 57.00 -7.58 -8.26
CA GLN E 164 58.29 -7.07 -7.85
C GLN E 164 58.11 -5.88 -6.93
N VAL E 165 59.18 -5.57 -6.19
CA VAL E 165 59.12 -4.44 -5.25
C VAL E 165 58.83 -3.14 -5.99
N GLU E 166 59.39 -2.99 -7.20
CA GLU E 166 59.14 -1.80 -7.99
C GLU E 166 57.70 -1.73 -8.52
N ASP E 167 56.97 -2.84 -8.52
CA ASP E 167 55.61 -2.83 -9.06
C ASP E 167 54.65 -2.08 -8.14
N GLY E 168 54.73 -2.31 -6.83
CA GLY E 168 53.89 -1.57 -5.91
C GLY E 168 54.28 -0.10 -5.86
N ARG E 169 55.57 0.18 -5.86
CA ARG E 169 56.06 1.56 -5.88
C ARG E 169 55.56 2.30 -7.12
N LEU E 170 55.57 1.64 -8.28
CA LEU E 170 55.03 2.23 -9.48
C LEU E 170 53.53 2.48 -9.34
N MET E 171 52.81 1.47 -8.84
CA MET E 171 51.37 1.58 -8.65
CA MET E 171 51.38 1.64 -8.70
C MET E 171 51.02 2.73 -7.72
N GLU E 172 51.77 2.86 -6.61
CA GLU E 172 51.49 3.93 -5.66
C GLU E 172 51.78 5.29 -6.26
N GLN E 173 52.84 5.39 -7.06
CA GLN E 173 53.12 6.65 -7.75
C GLN E 173 51.99 7.01 -8.70
N LEU E 174 51.47 6.02 -9.44
CA LEU E 174 50.38 6.28 -10.38
C LEU E 174 49.09 6.66 -9.65
N LEU E 175 48.74 5.92 -8.60
CA LEU E 175 47.46 6.20 -7.95
C LEU E 175 47.54 7.38 -6.99
N SER E 176 48.75 7.79 -6.59
CA SER E 176 48.89 9.01 -5.80
C SER E 176 48.63 10.26 -6.63
N SER E 177 48.64 10.17 -7.95
CA SER E 177 48.35 11.33 -8.77
C SER E 177 46.87 11.69 -8.77
N VAL E 178 46.01 10.80 -8.27
CA VAL E 178 44.56 11.06 -8.28
C VAL E 178 43.96 10.93 -6.88
N GLY E 179 44.77 11.02 -5.84
CA GLY E 179 44.26 11.03 -4.48
C GLY E 179 45.20 10.35 -3.51
N PHE E 180 44.66 10.06 -2.32
CA PHE E 180 45.42 9.31 -1.32
C PHE E 180 45.62 7.87 -1.79
N CYS E 181 46.82 7.33 -1.54
CA CYS E 181 47.10 5.95 -1.90
C CYS E 181 48.08 5.35 -0.88
N THR E 182 47.80 4.14 -0.41
CA THR E 182 48.71 3.48 0.51
C THR E 182 48.61 1.96 0.35
N GLU E 183 49.69 1.27 0.69
CA GLU E 183 49.71 -0.18 0.65
C GLU E 183 49.10 -0.74 1.93
N VAL E 184 48.29 -1.79 1.79
CA VAL E 184 47.73 -2.50 2.93
C VAL E 184 47.95 -3.99 2.72
N GLU E 185 47.83 -4.75 3.81
CA GLU E 185 47.67 -6.19 3.70
C GLU E 185 46.32 -6.49 3.05
N GLU E 186 46.27 -7.58 2.29
CA GLU E 186 45.08 -7.85 1.49
C GLU E 186 43.85 -8.08 2.34
N ASP E 187 44.01 -8.61 3.56
CA ASP E 187 42.86 -8.92 4.40
C ASP E 187 42.13 -7.68 4.90
N LEU E 188 42.66 -6.47 4.69
CA LEU E 188 41.96 -5.25 5.08
C LEU E 188 41.09 -4.67 3.97
N ILE E 189 41.17 -5.19 2.73
CA ILE E 189 40.57 -4.49 1.61
C ILE E 189 39.04 -4.56 1.65
N ASP E 190 38.47 -5.65 2.16
CA ASP E 190 37.02 -5.71 2.29
C ASP E 190 36.52 -4.64 3.27
N ALA E 191 37.25 -4.42 4.37
CA ALA E 191 36.85 -3.35 5.30
C ALA E 191 37.01 -1.97 4.66
N VAL E 192 38.10 -1.76 3.92
CA VAL E 192 38.28 -0.49 3.21
C VAL E 192 37.12 -0.26 2.25
N THR E 193 36.67 -1.32 1.58
CA THR E 193 35.52 -1.21 0.68
C THR E 193 34.29 -0.66 1.40
N GLY E 194 34.05 -1.11 2.64
CA GLY E 194 32.91 -0.62 3.39
C GLY E 194 33.04 0.83 3.83
N LEU E 195 34.27 1.32 3.94
CA LEU E 195 34.52 2.67 4.44
C LEU E 195 34.73 3.66 3.30
N SER E 196 35.86 3.61 2.59
CA SER E 196 36.08 4.62 1.56
C SER E 196 35.57 4.18 0.19
N GLY E 197 35.39 2.88 -0.04
CA GLY E 197 34.82 2.45 -1.30
C GLY E 197 33.36 2.85 -1.43
N SER E 198 32.55 2.52 -0.43
CA SER E 198 31.14 2.92 -0.42
C SER E 198 30.94 4.33 0.14
N GLY E 199 31.95 4.87 0.82
CA GLY E 199 31.81 6.13 1.51
C GLY E 199 31.26 7.29 0.72
N PRO E 200 31.67 7.49 -0.53
CA PRO E 200 31.09 8.61 -1.31
C PRO E 200 29.57 8.53 -1.38
N ALA E 201 29.00 7.33 -1.51
CA ALA E 201 27.54 7.22 -1.54
C ALA E 201 26.91 7.63 -0.21
N TYR E 202 27.56 7.33 0.92
CA TYR E 202 27.05 7.84 2.20
C TYR E 202 27.03 9.36 2.17
N ALA E 203 28.11 9.97 1.65
CA ALA E 203 28.19 11.41 1.60
C ALA E 203 27.13 12.01 0.67
N PHE E 204 26.89 11.40 -0.49
CA PHE E 204 25.87 11.94 -1.40
C PHE E 204 24.48 11.89 -0.77
N THR E 205 24.17 10.79 -0.08
CA THR E 205 22.92 10.70 0.67
C THR E 205 22.86 11.82 1.72
N ALA E 206 23.95 12.00 2.48
CA ALA E 206 23.96 13.03 3.52
C ALA E 206 23.79 14.43 2.94
N LEU E 207 24.42 14.68 1.79
CA LEU E 207 24.34 16.01 1.17
C LEU E 207 22.94 16.31 0.64
N ASP E 208 22.27 15.31 0.08
CA ASP E 208 20.89 15.46 -0.35
C ASP E 208 19.98 15.81 0.83
N ALA E 209 20.18 15.12 1.97
CA ALA E 209 19.36 15.36 3.15
C ALA E 209 19.65 16.72 3.77
N LEU E 210 20.93 17.07 3.93
CA LEU E 210 21.28 18.40 4.44
C LEU E 210 20.67 19.49 3.57
N ALA E 211 20.68 19.29 2.25
CA ALA E 211 20.06 20.28 1.36
C ALA E 211 18.56 20.35 1.61
N ASP E 212 17.91 19.20 1.78
CA ASP E 212 16.49 19.19 2.15
C ASP E 212 16.26 19.96 3.44
N GLY E 213 17.12 19.76 4.44
CA GLY E 213 17.01 20.55 5.67
C GLY E 213 17.11 22.04 5.41
N GLY E 214 18.11 22.45 4.61
CA GLY E 214 18.24 23.86 4.28
C GLY E 214 16.99 24.41 3.60
N VAL E 215 16.44 23.65 2.65
CA VAL E 215 15.22 24.08 1.94
C VAL E 215 14.04 24.18 2.91
N LYS E 216 13.93 23.23 3.85
CA LYS E 216 12.83 23.29 4.82
C LYS E 216 12.90 24.59 5.62
N MET E 217 14.10 25.04 5.95
CA MET E 217 14.27 26.26 6.74
C MET E 217 14.35 27.53 5.91
N GLY E 218 14.13 27.45 4.60
CA GLY E 218 13.90 28.62 3.77
C GLY E 218 14.96 28.93 2.73
N LEU E 219 15.98 28.07 2.56
CA LEU E 219 17.03 28.35 1.58
C LEU E 219 16.63 27.85 0.19
N PRO E 220 17.04 28.56 -0.85
CA PRO E 220 16.92 28.00 -2.21
C PRO E 220 17.75 26.72 -2.32
N ARG E 221 17.23 25.77 -3.10
CA ARG E 221 17.86 24.45 -3.21
C ARG E 221 19.30 24.55 -3.69
N ARG E 222 19.53 25.35 -4.74
CA ARG E 222 20.87 25.48 -5.29
C ARG E 222 21.87 25.95 -4.25
N LEU E 223 21.49 26.98 -3.47
CA LEU E 223 22.35 27.47 -2.40
C LEU E 223 22.54 26.44 -1.31
N ALA E 224 21.47 25.72 -0.94
CA ALA E 224 21.60 24.74 0.14
C ALA E 224 22.54 23.60 -0.26
N VAL E 225 22.50 23.16 -1.52
CA VAL E 225 23.40 22.09 -1.97
C VAL E 225 24.85 22.56 -1.88
N ARG E 226 25.12 23.75 -2.42
CA ARG E 226 26.47 24.34 -2.42
C ARG E 226 27.01 24.47 -0.99
N LEU E 227 26.22 25.05 -0.08
CA LEU E 227 26.68 25.27 1.28
C LEU E 227 26.93 23.96 2.01
N GLY E 228 26.04 22.98 1.86
CA GLY E 228 26.23 21.72 2.54
C GLY E 228 27.48 20.99 2.05
N ALA E 229 27.71 21.00 0.74
CA ALA E 229 28.90 20.35 0.20
C ALA E 229 30.17 21.06 0.62
N GLN E 230 30.15 22.40 0.62
CA GLN E 230 31.32 23.15 1.06
C GLN E 230 31.61 22.91 2.53
N ALA E 231 30.55 22.78 3.35
CA ALA E 231 30.73 22.47 4.77
C ALA E 231 31.42 21.12 4.97
N LEU E 232 30.96 20.11 4.23
CA LEU E 232 31.54 18.77 4.34
C LEU E 232 32.99 18.77 3.86
N LEU E 233 33.25 19.39 2.70
CA LEU E 233 34.60 19.46 2.19
C LEU E 233 35.54 20.14 3.17
N GLY E 234 35.14 21.31 3.68
CA GLY E 234 36.01 22.03 4.60
C GLY E 234 36.27 21.26 5.89
N ALA E 235 35.25 20.60 6.43
CA ALA E 235 35.44 19.85 7.66
C ALA E 235 36.39 18.67 7.43
N ALA E 236 36.17 17.93 6.34
CA ALA E 236 37.07 16.81 6.02
C ALA E 236 38.50 17.29 5.87
N LYS E 237 38.70 18.45 5.22
CA LYS E 237 40.05 18.96 5.05
C LYS E 237 40.65 19.38 6.39
N MET E 238 39.83 19.98 7.27
CA MET E 238 40.31 20.33 8.61
C MET E 238 40.86 19.11 9.34
N LEU E 239 40.09 18.01 9.33
CA LEU E 239 40.53 16.81 10.04
C LEU E 239 41.82 16.27 9.42
N LEU E 240 41.90 16.26 8.09
CA LEU E 240 43.09 15.73 7.42
C LEU E 240 44.33 16.56 7.69
N HIS E 241 44.17 17.86 7.98
CA HIS E 241 45.30 18.75 8.15
C HIS E 241 45.58 19.09 9.62
N SER E 242 44.94 18.43 10.57
CA SER E 242 45.23 18.66 11.98
C SER E 242 45.58 17.34 12.65
N GLU E 243 46.32 17.43 13.75
CA GLU E 243 46.64 16.24 14.53
C GLU E 243 45.50 15.86 15.47
N GLN E 244 44.41 16.62 15.45
CA GLN E 244 43.39 16.57 16.48
C GLN E 244 42.37 15.47 16.23
N HIS E 245 41.88 14.90 17.34
CA HIS E 245 40.77 13.96 17.28
C HIS E 245 39.51 14.63 16.74
N PRO E 246 38.72 13.93 15.91
CA PRO E 246 37.43 14.51 15.46
C PRO E 246 36.53 14.98 16.59
N GLY E 247 36.52 14.29 17.73
CA GLY E 247 35.74 14.79 18.86
C GLY E 247 36.24 16.13 19.38
N GLN E 248 37.56 16.35 19.33
CA GLN E 248 38.10 17.64 19.75
C GLN E 248 37.68 18.75 18.79
N LEU E 249 37.74 18.47 17.48
CA LEU E 249 37.29 19.46 16.51
C LEU E 249 35.80 19.74 16.68
N LYS E 250 35.01 18.69 16.96
CA LYS E 250 33.60 18.86 17.28
C LYS E 250 33.41 19.78 18.50
N ASP E 251 34.21 19.55 19.54
CA ASP E 251 34.13 20.39 20.74
C ASP E 251 34.43 21.85 20.41
N ASN E 252 35.41 22.11 19.54
CA ASN E 252 35.77 23.48 19.19
C ASN E 252 34.65 24.20 18.44
N VAL E 253 33.81 23.48 17.72
CA VAL E 253 32.74 24.09 16.94
C VAL E 253 31.56 24.50 17.84
N SER E 254 31.33 23.81 18.95
CA SER E 254 30.06 23.90 19.69
C SER E 254 30.22 24.89 20.85
N SER E 255 29.55 26.02 20.76
CA SER E 255 29.57 26.91 21.93
C SER E 255 28.50 26.52 22.94
N PRO E 256 28.69 26.84 24.22
CA PRO E 256 27.72 26.42 25.25
C PRO E 256 26.34 27.01 25.03
N GLY E 257 25.32 26.16 25.16
CA GLY E 257 23.92 26.49 24.93
C GLY E 257 23.58 26.85 23.51
N GLY E 258 24.51 26.68 22.57
CA GLY E 258 24.38 27.24 21.23
C GLY E 258 23.63 26.36 20.25
N ALA E 259 23.57 26.84 19.00
CA ALA E 259 22.80 26.16 17.97
C ALA E 259 23.42 24.80 17.64
N THR E 260 24.74 24.74 17.50
CA THR E 260 25.34 23.49 17.05
C THR E 260 25.13 22.36 18.06
N ILE E 261 25.33 22.63 19.36
CA ILE E 261 25.15 21.56 20.35
C ILE E 261 23.70 21.09 20.40
N HIS E 262 22.73 22.00 20.17
CA HIS E 262 21.34 21.55 20.06
C HIS E 262 21.16 20.60 18.87
N ALA E 263 21.80 20.89 17.73
CA ALA E 263 21.66 20.03 16.57
C ALA E 263 22.34 18.68 16.80
N LEU E 264 23.49 18.70 17.48
CA LEU E 264 24.19 17.44 17.75
C LEU E 264 23.36 16.53 18.64
N HIS E 265 22.59 17.09 19.58
CA HIS E 265 21.71 16.27 20.42
C HIS E 265 20.69 15.51 19.56
N VAL E 266 20.05 16.18 18.61
CA VAL E 266 19.04 15.46 17.83
C VAL E 266 19.68 14.39 16.94
N LEU E 267 20.93 14.59 16.50
CA LEU E 267 21.63 13.50 15.80
C LEU E 267 21.86 12.31 16.74
N GLU E 268 22.34 12.59 17.96
CA GLU E 268 22.57 11.50 18.92
C GLU E 268 21.27 10.77 19.24
N SER E 269 20.16 11.51 19.33
CA SER E 269 18.89 10.88 19.71
C SER E 269 18.40 9.91 18.66
N GLY E 270 18.72 10.13 17.39
CA GLY E 270 18.38 9.13 16.40
C GLY E 270 19.45 8.08 16.19
N GLY E 271 20.51 8.08 17.00
CA GLY E 271 21.54 7.04 16.79
C GLY E 271 22.33 7.21 15.51
N PHE E 272 22.52 8.45 15.07
CA PHE E 272 23.29 8.80 13.87
C PHE E 272 24.60 8.03 13.73
N ARG E 273 25.42 8.03 14.81
CA ARG E 273 26.69 7.31 14.79
C ARG E 273 26.51 5.84 14.46
N SER E 274 25.52 5.19 15.10
CA SER E 274 25.34 3.76 14.86
C SER E 274 24.93 3.47 13.42
N LEU E 275 24.22 4.39 12.78
CA LEU E 275 23.79 4.13 11.39
C LEU E 275 24.99 4.06 10.47
N LEU E 276 25.99 4.91 10.70
CA LEU E 276 27.17 4.91 9.86
C LEU E 276 28.05 3.71 10.14
N ILE E 277 28.11 3.26 11.40
CA ILE E 277 28.78 1.99 11.69
C ILE E 277 28.06 0.84 11.00
N ASN E 278 26.73 0.82 11.12
CA ASN E 278 25.93 -0.18 10.42
C ASN E 278 26.27 -0.24 8.94
N ALA E 279 26.42 0.95 8.31
CA ALA E 279 26.69 1.02 6.88
C ALA E 279 28.04 0.39 6.52
N VAL E 280 29.12 0.81 7.21
CA VAL E 280 30.44 0.24 6.93
C VAL E 280 30.41 -1.28 7.10
N GLU E 281 29.77 -1.75 8.17
CA GLU E 281 29.65 -3.17 8.43
C GLU E 281 28.90 -3.89 7.31
N ALA E 282 27.78 -3.31 6.88
CA ALA E 282 26.95 -3.97 5.87
C ALA E 282 27.67 -4.05 4.54
N SER E 283 28.37 -2.98 4.15
CA SER E 283 29.11 -3.00 2.89
C SER E 283 30.24 -4.01 2.94
N CYS E 284 30.99 -4.02 4.05
CA CYS E 284 32.07 -4.98 4.24
C CYS E 284 31.56 -6.42 4.18
N ILE E 285 30.49 -6.71 4.92
CA ILE E 285 29.97 -8.07 4.97
C ILE E 285 29.48 -8.52 3.60
N ARG E 286 28.80 -7.62 2.87
CA ARG E 286 28.34 -7.98 1.53
C ARG E 286 29.52 -8.24 0.59
N THR E 287 30.60 -7.47 0.75
CA THR E 287 31.80 -7.72 -0.05
C THR E 287 32.37 -9.11 0.21
N ARG E 288 32.44 -9.50 1.50
CA ARG E 288 32.94 -10.83 1.84
C ARG E 288 32.03 -11.93 1.31
N GLU E 289 30.73 -11.72 1.40
CA GLU E 289 29.78 -12.76 1.02
C GLU E 289 29.71 -12.92 -0.49
N LEU E 290 29.92 -11.84 -1.24
CA LEU E 290 30.00 -11.96 -2.69
C LEU E 290 31.23 -12.75 -3.12
N GLN E 291 32.36 -12.56 -2.43
CA GLN E 291 33.55 -13.32 -2.78
C GLN E 291 33.39 -14.79 -2.43
N SER E 292 32.72 -15.09 -1.31
CA SER E 292 32.46 -16.49 -0.99
C SER E 292 31.60 -17.16 -2.07
N MET E 293 30.63 -16.42 -2.62
CA MET E 293 29.85 -16.94 -3.73
C MET E 293 30.72 -17.13 -4.97
N ALA E 294 31.74 -16.28 -5.14
CA ALA E 294 32.68 -16.48 -6.25
C ALA E 294 33.51 -17.75 -6.04
N ASP E 295 34.00 -17.98 -4.82
CA ASP E 295 34.84 -19.14 -4.57
C ASP E 295 34.07 -20.45 -4.66
N GLN E 296 32.78 -20.43 -4.33
CA GLN E 296 31.99 -21.66 -4.36
C GLN E 296 31.67 -22.10 -5.79
N GLU E 297 31.50 -21.14 -6.70
CA GLU E 297 31.17 -21.46 -8.10
C GLU E 297 32.38 -22.01 -8.85
#